data_1DIP
#
_entry.id   1DIP
#
_cell.length_a   1.000
_cell.length_b   1.000
_cell.length_c   1.000
_cell.angle_alpha   90.00
_cell.angle_beta   90.00
_cell.angle_gamma   90.00
#
_symmetry.space_group_name_H-M   'P 1'
#
_entity_poly.entity_id   1
_entity_poly.type   'polypeptide(L)'
_entity_poly.pdbx_seq_one_letter_code
;(ACE)MDLVKNHLMYAVREEVEILKEQIRELVEKNSQLERENTLLKTLASPEQLEKFQSRLSPEEPAPETPEAPEAPGGS
AV
;
_entity_poly.pdbx_strand_id   A,B
#
loop_
_chem_comp.id
_chem_comp.type
_chem_comp.name
_chem_comp.formula
ACE non-polymer 'ACETYL GROUP' 'C2 H4 O'
#
# COMPACT_ATOMS: atom_id res chain seq x y z
C ACE A 1 37.41 15.54 -16.61
O ACE A 1 38.03 14.49 -16.48
CH3 ACE A 1 38.13 16.88 -16.69
H1 ACE A 1 38.02 17.40 -15.74
H2 ACE A 1 37.70 17.48 -17.47
H3 ACE A 1 39.19 16.73 -16.89
N MET A 2 36.12 15.54 -16.69
CA MET A 2 35.35 14.26 -16.62
C MET A 2 33.93 14.49 -17.15
N ASP A 3 33.42 13.56 -17.91
CA ASP A 3 32.05 13.72 -18.46
C ASP A 3 31.28 12.40 -18.32
N LEU A 4 31.85 11.43 -17.67
CA LEU A 4 31.15 10.12 -17.51
C LEU A 4 30.43 10.09 -16.16
N VAL A 5 30.98 10.71 -15.16
CA VAL A 5 30.31 10.71 -13.83
C VAL A 5 28.96 11.44 -13.95
N LYS A 6 28.93 12.49 -14.71
CA LYS A 6 27.64 13.24 -14.89
C LYS A 6 26.88 12.63 -16.08
N ASN A 7 26.97 11.32 -16.23
CA ASN A 7 26.27 10.65 -17.37
C ASN A 7 25.62 9.36 -16.90
N HIS A 8 26.35 8.56 -16.19
CA HIS A 8 25.79 7.29 -15.68
C HIS A 8 25.02 7.58 -14.40
N LEU A 9 24.25 8.62 -14.37
CA LEU A 9 23.48 8.93 -13.13
C LEU A 9 22.36 7.91 -13.02
N MET A 10 22.12 7.18 -14.06
CA MET A 10 21.07 6.14 -13.96
C MET A 10 21.67 4.97 -13.18
N TYR A 11 22.96 5.00 -12.99
CA TYR A 11 23.66 3.94 -12.23
C TYR A 11 23.74 4.35 -10.76
N ALA A 12 23.34 5.55 -10.48
CA ALA A 12 23.46 6.06 -9.09
C ALA A 12 23.06 7.53 -9.01
N VAL A 13 23.13 8.21 -10.11
CA VAL A 13 22.82 9.65 -10.11
C VAL A 13 23.54 10.29 -8.93
N ARG A 14 24.69 9.77 -8.62
CA ARG A 14 25.50 10.30 -7.49
C ARG A 14 25.56 11.83 -7.57
N GLU A 15 24.92 12.49 -6.64
CA GLU A 15 24.92 13.97 -6.65
C GLU A 15 24.01 14.47 -5.54
N GLU A 16 22.97 13.73 -5.26
CA GLU A 16 22.02 14.14 -4.18
C GLU A 16 22.28 13.28 -2.93
N VAL A 17 21.69 12.12 -2.86
CA VAL A 17 21.92 11.24 -1.68
C VAL A 17 21.81 9.79 -2.11
N GLU A 18 22.81 9.00 -1.84
CA GLU A 18 22.76 7.56 -2.25
C GLU A 18 21.60 6.87 -1.52
N ILE A 19 21.32 7.28 -0.31
CA ILE A 19 20.19 6.64 0.44
C ILE A 19 18.86 7.03 -0.19
N LEU A 20 18.68 8.29 -0.48
CA LEU A 20 17.40 8.74 -1.10
C LEU A 20 17.32 8.20 -2.54
N LYS A 21 18.44 7.91 -3.14
CA LYS A 21 18.42 7.37 -4.52
C LYS A 21 17.97 5.92 -4.45
N GLU A 22 18.50 5.18 -3.51
CA GLU A 22 18.10 3.76 -3.36
C GLU A 22 16.71 3.72 -2.73
N GLN A 23 16.31 4.80 -2.11
CA GLN A 23 14.95 4.83 -1.48
C GLN A 23 13.92 5.06 -2.58
N ILE A 24 14.23 5.91 -3.53
CA ILE A 24 13.29 6.16 -4.65
C ILE A 24 13.35 4.96 -5.58
N ARG A 25 14.49 4.32 -5.66
CA ARG A 25 14.63 3.12 -6.52
C ARG A 25 13.87 1.97 -5.86
N GLU A 26 13.90 1.92 -4.55
CA GLU A 26 13.18 0.83 -3.83
C GLU A 26 11.71 1.21 -3.72
N LEU A 27 11.41 2.48 -3.85
CA LEU A 27 9.99 2.91 -3.77
C LEU A 27 9.36 2.64 -5.14
N VAL A 28 10.14 2.74 -6.17
CA VAL A 28 9.62 2.48 -7.54
C VAL A 28 9.64 0.97 -7.77
N GLU A 29 10.55 0.29 -7.13
CA GLU A 29 10.62 -1.20 -7.29
C GLU A 29 9.57 -1.82 -6.39
N LYS A 30 9.31 -1.20 -5.27
CA LYS A 30 8.28 -1.73 -4.34
C LYS A 30 6.90 -1.35 -4.88
N ASN A 31 6.81 -0.22 -5.53
CA ASN A 31 5.52 0.21 -6.10
C ASN A 31 5.24 -0.63 -7.35
N SER A 32 6.25 -0.92 -8.11
CA SER A 32 6.05 -1.75 -9.34
C SER A 32 5.74 -3.18 -8.91
N GLN A 33 6.38 -3.65 -7.87
CA GLN A 33 6.12 -5.03 -7.40
C GLN A 33 4.74 -5.06 -6.74
N LEU A 34 4.34 -3.97 -6.14
CA LEU A 34 3.01 -3.93 -5.49
C LEU A 34 1.97 -3.61 -6.56
N GLU A 35 2.40 -3.09 -7.68
CA GLU A 35 1.45 -2.79 -8.78
C GLU A 35 1.18 -4.09 -9.52
N ARG A 36 2.17 -4.93 -9.62
CA ARG A 36 1.98 -6.23 -10.30
C ARG A 36 1.32 -7.20 -9.31
N GLU A 37 1.63 -7.06 -8.06
CA GLU A 37 1.01 -7.95 -7.04
C GLU A 37 -0.44 -7.53 -6.85
N ASN A 38 -0.70 -6.26 -6.89
CA ASN A 38 -2.09 -5.75 -6.73
C ASN A 38 -2.86 -6.05 -8.01
N THR A 39 -2.23 -5.93 -9.14
CA THR A 39 -2.93 -6.21 -10.42
C THR A 39 -3.13 -7.71 -10.54
N LEU A 40 -2.26 -8.47 -9.93
CA LEU A 40 -2.39 -9.96 -9.98
C LEU A 40 -3.54 -10.37 -9.06
N LEU A 41 -3.66 -9.75 -7.91
CA LEU A 41 -4.76 -10.11 -6.99
C LEU A 41 -6.04 -9.44 -7.47
N LYS A 42 -5.92 -8.40 -8.26
CA LYS A 42 -7.13 -7.72 -8.79
C LYS A 42 -7.72 -8.59 -9.88
N THR A 43 -6.87 -9.16 -10.70
CA THR A 43 -7.37 -10.04 -11.79
C THR A 43 -7.78 -11.38 -11.20
N LEU A 44 -7.09 -11.83 -10.19
CA LEU A 44 -7.45 -13.14 -9.56
C LEU A 44 -8.79 -13.00 -8.83
N ALA A 45 -9.03 -11.86 -8.23
CA ALA A 45 -10.32 -11.66 -7.50
C ALA A 45 -11.32 -10.97 -8.43
N SER A 46 -11.00 -10.85 -9.69
CA SER A 46 -11.94 -10.18 -10.63
C SER A 46 -13.05 -11.13 -11.07
N PRO A 47 -12.65 -12.29 -11.53
CA PRO A 47 -13.61 -13.32 -12.02
C PRO A 47 -14.27 -14.05 -10.84
N GLU A 48 -13.71 -15.15 -10.42
CA GLU A 48 -14.33 -15.91 -9.30
C GLU A 48 -13.24 -16.39 -8.33
N GLN A 49 -13.23 -15.86 -7.15
CA GLN A 49 -12.21 -16.28 -6.14
C GLN A 49 -12.67 -15.79 -4.77
N LEU A 50 -13.95 -15.63 -4.62
CA LEU A 50 -14.50 -15.15 -3.35
C LEU A 50 -15.57 -16.16 -2.90
N GLU A 51 -16.56 -15.72 -2.16
CA GLU A 51 -17.66 -16.64 -1.73
C GLU A 51 -18.98 -16.02 -2.16
N LYS A 52 -19.00 -15.48 -3.36
CA LYS A 52 -20.22 -14.81 -3.92
C LYS A 52 -20.77 -13.76 -2.92
N PHE A 53 -21.13 -12.61 -3.41
CA PHE A 53 -21.53 -11.49 -2.47
C PHE A 53 -22.08 -10.33 -3.29
N GLN A 54 -21.51 -10.14 -4.43
CA GLN A 54 -21.89 -9.02 -5.33
C GLN A 54 -23.09 -9.44 -6.20
N SER A 55 -23.32 -8.72 -7.26
CA SER A 55 -24.46 -9.06 -8.15
C SER A 55 -23.94 -9.95 -9.29
N ARG A 56 -22.65 -10.15 -9.38
CA ARG A 56 -22.12 -11.03 -10.46
C ARG A 56 -22.21 -12.48 -10.01
N LEU A 57 -21.70 -12.79 -8.85
CA LEU A 57 -21.77 -14.20 -8.36
C LEU A 57 -23.08 -14.40 -7.60
N SER A 58 -23.15 -13.91 -6.39
CA SER A 58 -24.40 -14.08 -5.60
C SER A 58 -24.77 -12.74 -4.95
N PRO A 59 -26.01 -12.37 -5.08
CA PRO A 59 -26.51 -11.12 -4.50
C PRO A 59 -26.73 -11.26 -3.00
N GLU A 60 -25.91 -10.60 -2.24
CA GLU A 60 -26.05 -10.69 -0.75
C GLU A 60 -25.34 -9.49 -0.11
N GLU A 61 -25.10 -9.55 1.17
CA GLU A 61 -24.41 -8.40 1.83
C GLU A 61 -25.18 -7.12 1.52
N PRO A 62 -26.38 -7.02 2.05
CA PRO A 62 -27.25 -5.86 1.84
C PRO A 62 -26.84 -4.69 2.73
N ALA A 63 -26.93 -3.49 2.24
CA ALA A 63 -26.53 -2.32 3.06
C ALA A 63 -25.07 -2.45 3.49
N PRO A 64 -24.46 -1.33 3.76
CA PRO A 64 -23.05 -1.28 4.20
C PRO A 64 -22.93 -1.64 5.67
N GLU A 65 -21.83 -1.33 6.27
CA GLU A 65 -21.65 -1.65 7.72
C GLU A 65 -22.53 -0.72 8.55
N THR A 66 -23.78 -1.05 8.70
CA THR A 66 -24.70 -0.18 9.49
C THR A 66 -25.73 -1.05 10.23
N PRO A 67 -26.16 -0.58 11.37
CA PRO A 67 -27.14 -1.29 12.20
C PRO A 67 -28.55 -1.13 11.61
N GLU A 68 -29.55 -1.60 12.30
CA GLU A 68 -30.94 -1.48 11.79
C GLU A 68 -31.75 -0.61 12.73
N ALA A 69 -31.29 0.58 13.02
CA ALA A 69 -32.05 1.48 13.93
C ALA A 69 -31.41 2.88 13.91
N PRO A 70 -32.24 3.89 13.96
CA PRO A 70 -31.79 5.29 13.96
C PRO A 70 -31.29 5.69 15.35
N GLU A 71 -30.00 5.85 15.50
CA GLU A 71 -29.45 6.24 16.82
C GLU A 71 -28.39 7.33 16.63
N ALA A 72 -28.58 8.21 15.69
CA ALA A 72 -27.59 9.29 15.46
C ALA A 72 -28.01 10.56 16.21
N PRO A 73 -27.04 11.26 16.73
CA PRO A 73 -27.29 12.51 17.49
C PRO A 73 -27.55 13.66 16.52
N GLY A 74 -28.34 14.62 16.92
CA GLY A 74 -28.63 15.78 16.03
C GLY A 74 -30.11 16.12 16.09
N GLY A 75 -30.56 16.66 17.18
CA GLY A 75 -32.01 17.02 17.30
C GLY A 75 -32.43 17.83 16.08
N SER A 76 -31.86 18.99 15.91
CA SER A 76 -32.23 19.84 14.73
C SER A 76 -30.96 20.41 14.09
N ALA A 77 -30.14 19.56 13.53
CA ALA A 77 -28.88 20.05 12.89
C ALA A 77 -29.18 20.48 11.45
N VAL A 78 -30.11 19.82 10.82
CA VAL A 78 -30.45 20.18 9.40
C VAL A 78 -31.31 21.43 9.39
C ACE B 1 14.17 14.53 -15.94
O ACE B 1 14.77 13.56 -15.53
CH3 ACE B 1 13.22 15.31 -15.03
H1 ACE B 1 13.50 16.36 -15.02
H2 ACE B 1 13.28 14.92 -14.02
H3 ACE B 1 12.21 15.21 -15.39
N MET B 2 14.31 14.95 -17.16
CA MET B 2 15.22 14.22 -18.09
C MET B 2 16.33 15.17 -18.56
N ASP B 3 17.29 15.43 -17.72
CA ASP B 3 18.40 16.35 -18.11
C ASP B 3 17.83 17.69 -18.55
N LEU B 4 16.69 18.06 -18.01
CA LEU B 4 16.07 19.36 -18.40
C LEU B 4 15.91 20.23 -17.15
N VAL B 5 15.77 19.63 -16.00
CA VAL B 5 15.62 20.43 -14.76
C VAL B 5 16.91 21.18 -14.47
N LYS B 6 18.03 20.63 -14.85
CA LYS B 6 19.33 21.31 -14.60
C LYS B 6 19.63 22.26 -15.76
N ASN B 7 18.61 22.71 -16.44
CA ASN B 7 18.82 23.63 -17.60
C ASN B 7 18.29 25.01 -17.23
N HIS B 8 17.03 25.09 -16.87
CA HIS B 8 16.45 26.39 -16.51
C HIS B 8 16.79 26.72 -15.07
N LEU B 9 17.30 25.77 -14.32
CA LEU B 9 17.67 26.01 -12.87
C LEU B 9 17.99 27.49 -12.57
N MET B 10 18.46 28.28 -13.47
CA MET B 10 18.66 29.70 -13.08
C MET B 10 17.26 30.27 -12.80
N TYR B 11 16.38 30.10 -13.74
CA TYR B 11 14.96 30.54 -13.60
C TYR B 11 14.37 30.20 -12.22
N ALA B 12 15.01 29.38 -11.45
CA ALA B 12 14.43 28.99 -10.14
C ALA B 12 15.50 28.26 -9.34
N VAL B 13 16.18 27.39 -10.01
CA VAL B 13 17.27 26.57 -9.38
C VAL B 13 16.66 25.28 -8.84
N ARG B 14 15.64 24.81 -9.50
CA ARG B 14 14.97 23.55 -9.06
C ARG B 14 16.03 22.50 -8.72
N GLU B 15 15.61 21.38 -8.15
CA GLU B 15 16.55 20.28 -7.77
C GLU B 15 16.77 20.29 -6.25
N GLU B 16 16.20 21.24 -5.56
CA GLU B 16 16.40 21.31 -4.08
C GLU B 16 15.88 20.01 -3.46
N VAL B 17 15.77 19.97 -2.16
CA VAL B 17 15.27 18.74 -1.49
C VAL B 17 13.77 18.60 -1.77
N GLU B 18 13.17 19.55 -2.44
CA GLU B 18 11.72 19.45 -2.74
C GLU B 18 11.50 18.44 -3.86
N ILE B 19 12.42 18.33 -4.77
CA ILE B 19 12.26 17.36 -5.89
C ILE B 19 12.46 15.94 -5.36
N LEU B 20 13.20 15.80 -4.30
CA LEU B 20 13.43 14.44 -3.72
C LEU B 20 12.32 14.14 -2.70
N LYS B 21 11.83 15.15 -2.04
CA LYS B 21 10.75 14.93 -1.04
C LYS B 21 9.43 14.72 -1.78
N GLU B 22 9.31 15.33 -2.93
CA GLU B 22 8.06 15.15 -3.72
C GLU B 22 8.13 13.82 -4.45
N GLN B 23 9.31 13.36 -4.73
CA GLN B 23 9.45 12.04 -5.42
C GLN B 23 9.19 10.94 -4.41
N ILE B 24 9.70 11.09 -3.22
CA ILE B 24 9.48 10.06 -2.17
C ILE B 24 8.06 10.21 -1.62
N ARG B 25 7.51 11.39 -1.68
CA ARG B 25 6.13 11.60 -1.17
C ARG B 25 5.14 11.07 -2.19
N GLU B 26 5.43 11.23 -3.45
CA GLU B 26 4.50 10.72 -4.50
C GLU B 26 4.74 9.22 -4.63
N LEU B 27 5.92 8.77 -4.34
CA LEU B 27 6.22 7.32 -4.42
C LEU B 27 5.64 6.64 -3.18
N VAL B 28 5.60 7.34 -2.09
CA VAL B 28 5.03 6.75 -0.84
C VAL B 28 3.51 6.93 -0.87
N GLU B 29 3.04 7.92 -1.56
CA GLU B 29 1.57 8.13 -1.65
C GLU B 29 1.01 7.13 -2.66
N LYS B 30 1.75 6.87 -3.70
CA LYS B 30 1.28 5.88 -4.71
C LYS B 30 1.44 4.49 -4.12
N ASN B 31 2.53 4.24 -3.44
CA ASN B 31 2.73 2.92 -2.81
C ASN B 31 1.70 2.76 -1.69
N SER B 32 1.34 3.86 -1.07
CA SER B 32 0.33 3.81 0.02
C SER B 32 -1.02 3.44 -0.59
N GLN B 33 -1.35 4.02 -1.71
CA GLN B 33 -2.64 3.68 -2.36
C GLN B 33 -2.57 2.24 -2.85
N LEU B 34 -1.38 1.79 -3.18
CA LEU B 34 -1.21 0.39 -3.65
C LEU B 34 -1.23 -0.54 -2.45
N GLU B 35 -0.93 -0.03 -1.28
CA GLU B 35 -0.92 -0.89 -0.07
C GLU B 35 -2.35 -0.99 0.47
N ARG B 36 -3.11 0.05 0.35
CA ARG B 36 -4.52 0.01 0.85
C ARG B 36 -5.37 -0.74 -0.17
N GLU B 37 -5.04 -0.64 -1.42
CA GLU B 37 -5.81 -1.35 -2.47
C GLU B 37 -5.35 -2.80 -2.54
N ASN B 38 -4.07 -3.03 -2.37
CA ASN B 38 -3.54 -4.42 -2.41
C ASN B 38 -3.92 -5.15 -1.13
N THR B 39 -3.99 -4.44 -0.03
CA THR B 39 -4.36 -5.08 1.26
C THR B 39 -5.86 -5.39 1.24
N LEU B 40 -6.63 -4.51 0.67
CA LEU B 40 -8.10 -4.75 0.60
C LEU B 40 -8.37 -5.84 -0.42
N LEU B 41 -7.57 -5.91 -1.46
CA LEU B 41 -7.76 -6.95 -2.49
C LEU B 41 -7.20 -8.28 -1.97
N LYS B 42 -6.22 -8.21 -1.11
CA LYS B 42 -5.63 -9.46 -0.56
C LYS B 42 -6.57 -10.03 0.49
N THR B 43 -7.26 -9.19 1.21
CA THR B 43 -8.21 -9.69 2.24
C THR B 43 -9.53 -10.06 1.56
N LEU B 44 -9.86 -9.38 0.50
CA LEU B 44 -11.14 -9.71 -0.21
C LEU B 44 -10.97 -11.05 -0.93
N ALA B 45 -9.98 -11.17 -1.76
CA ALA B 45 -9.77 -12.45 -2.49
C ALA B 45 -9.21 -13.49 -1.52
N SER B 46 -8.38 -13.08 -0.61
CA SER B 46 -7.80 -14.06 0.37
C SER B 46 -8.07 -13.56 1.79
N PRO B 47 -9.24 -13.90 2.28
CA PRO B 47 -9.67 -13.50 3.64
C PRO B 47 -8.96 -14.37 4.69
N GLU B 48 -8.45 -15.50 4.28
CA GLU B 48 -7.74 -16.39 5.24
C GLU B 48 -6.31 -15.91 5.44
N GLN B 49 -6.13 -14.82 6.15
CA GLN B 49 -4.78 -14.29 6.39
C GLN B 49 -4.96 -13.12 7.32
N LEU B 50 -5.49 -13.39 8.47
CA LEU B 50 -5.77 -12.30 9.42
C LEU B 50 -6.68 -12.83 10.54
N GLU B 51 -7.42 -13.88 10.31
CA GLU B 51 -8.32 -14.42 11.39
C GLU B 51 -7.58 -14.30 12.71
N LYS B 52 -6.28 -14.40 12.62
CA LYS B 52 -5.38 -14.24 13.80
C LYS B 52 -6.07 -13.45 14.91
N PHE B 53 -6.61 -12.31 14.57
CA PHE B 53 -7.29 -11.44 15.59
C PHE B 53 -8.73 -11.20 15.18
N GLN B 54 -9.26 -10.09 15.65
CA GLN B 54 -10.64 -9.69 15.34
C GLN B 54 -11.10 -10.28 14.01
N SER B 55 -10.89 -9.55 12.94
CA SER B 55 -11.29 -10.01 11.57
C SER B 55 -11.74 -8.78 10.80
N ARG B 56 -10.88 -7.79 10.67
CA ARG B 56 -11.32 -6.55 9.96
C ARG B 56 -10.32 -5.40 10.14
N LEU B 57 -9.06 -5.66 10.39
CA LEU B 57 -8.14 -4.50 10.61
C LEU B 57 -6.87 -4.62 9.76
N SER B 58 -6.02 -5.57 10.03
CA SER B 58 -4.75 -5.65 9.27
C SER B 58 -4.23 -7.08 9.22
N PRO B 59 -4.18 -7.65 8.04
CA PRO B 59 -3.67 -9.01 7.85
C PRO B 59 -2.15 -9.02 7.86
N GLU B 60 -1.58 -9.49 8.93
CA GLU B 60 -0.09 -9.55 9.04
C GLU B 60 0.31 -9.64 10.53
N GLU B 61 0.74 -8.55 11.13
CA GLU B 61 1.14 -8.58 12.57
C GLU B 61 1.95 -9.85 12.86
N PRO B 62 3.26 -9.73 12.82
CA PRO B 62 4.17 -10.86 13.08
C PRO B 62 4.22 -11.16 14.58
N ALA B 63 5.01 -12.12 14.97
CA ALA B 63 5.10 -12.46 16.43
C ALA B 63 6.43 -13.16 16.72
N PRO B 64 7.24 -12.53 17.55
CA PRO B 64 8.55 -13.08 17.94
C PRO B 64 8.39 -14.18 18.99
N GLU B 65 9.44 -14.52 19.67
CA GLU B 65 9.36 -15.58 20.72
C GLU B 65 8.51 -15.08 21.89
N THR B 66 7.22 -15.22 21.79
CA THR B 66 6.34 -14.75 22.90
C THR B 66 5.87 -15.97 23.71
N PRO B 67 5.50 -15.71 24.94
CA PRO B 67 5.01 -16.76 25.86
C PRO B 67 3.56 -17.13 25.53
N GLU B 68 3.23 -18.39 25.65
CA GLU B 68 1.83 -18.81 25.35
C GLU B 68 1.19 -19.41 26.60
N ALA B 69 -0.04 -19.84 26.51
CA ALA B 69 -0.71 -20.43 27.70
C ALA B 69 -0.24 -21.87 27.89
N PRO B 70 -0.09 -22.27 29.14
CA PRO B 70 0.34 -23.62 29.49
C PRO B 70 -0.82 -24.61 29.38
N GLU B 71 -0.89 -25.33 28.29
CA GLU B 71 -2.00 -26.30 28.12
C GLU B 71 -1.69 -27.23 26.94
N ALA B 72 -1.42 -26.68 25.79
CA ALA B 72 -1.12 -27.53 24.61
C ALA B 72 -1.20 -26.70 23.32
N PRO B 73 -2.31 -26.03 23.14
CA PRO B 73 -2.53 -25.19 21.95
C PRO B 73 -1.80 -23.85 22.09
N GLY B 74 -2.00 -22.96 21.17
CA GLY B 74 -1.32 -21.64 21.24
C GLY B 74 -2.30 -20.56 21.70
N GLY B 75 -2.99 -20.79 22.79
CA GLY B 75 -3.95 -19.77 23.29
C GLY B 75 -5.32 -19.99 22.63
N SER B 76 -5.63 -19.23 21.62
CA SER B 76 -6.95 -19.39 20.94
C SER B 76 -6.76 -20.09 19.59
N ALA B 77 -6.96 -21.37 19.53
CA ALA B 77 -6.79 -22.10 18.25
C ALA B 77 -7.10 -23.58 18.44
N VAL B 78 -6.68 -24.41 17.51
CA VAL B 78 -6.94 -25.87 17.64
C VAL B 78 -8.45 -26.12 17.49
C ACE A 1 32.58 12.88 -19.50
O ACE A 1 32.02 11.82 -19.72
CH3 ACE A 1 33.87 13.26 -20.21
H1 ACE A 1 33.67 13.46 -21.26
H2 ACE A 1 34.58 12.44 -20.15
H3 ACE A 1 34.30 14.14 -19.75
N MET A 2 32.08 13.74 -18.66
CA MET A 2 30.81 13.43 -17.93
C MET A 2 31.04 12.26 -16.98
N ASP A 3 30.32 12.24 -15.88
CA ASP A 3 30.45 11.13 -14.87
C ASP A 3 31.50 11.53 -13.82
N LEU A 4 31.53 12.79 -13.44
CA LEU A 4 32.50 13.23 -12.40
C LEU A 4 31.71 13.76 -11.21
N VAL A 5 31.06 14.87 -11.37
CA VAL A 5 30.27 15.42 -10.23
C VAL A 5 29.36 14.32 -9.71
N LYS A 6 28.98 13.41 -10.56
CA LYS A 6 28.10 12.29 -10.13
C LYS A 6 28.95 11.03 -9.90
N ASN A 7 30.10 11.18 -9.30
CA ASN A 7 30.98 10.01 -9.06
C ASN A 7 31.64 10.12 -7.69
N HIS A 8 32.19 11.26 -7.39
CA HIS A 8 32.88 11.43 -6.08
C HIS A 8 31.87 11.66 -4.96
N LEU A 9 30.60 11.39 -5.19
CA LEU A 9 29.58 11.59 -4.11
C LEU A 9 30.13 11.04 -2.80
N MET A 10 31.10 10.19 -2.87
CA MET A 10 31.72 9.69 -1.61
C MET A 10 32.78 10.73 -1.20
N TYR A 11 32.50 11.97 -1.49
CA TYR A 11 33.40 13.11 -1.18
C TYR A 11 32.54 14.19 -0.56
N ALA A 12 31.37 14.36 -1.13
CA ALA A 12 30.41 15.38 -0.66
C ALA A 12 29.00 14.80 -0.70
N VAL A 13 28.79 13.77 -1.47
CA VAL A 13 27.43 13.19 -1.61
C VAL A 13 26.44 14.35 -1.74
N ARG A 14 26.89 15.40 -2.37
CA ARG A 14 26.05 16.61 -2.55
C ARG A 14 25.12 16.45 -3.76
N GLU A 15 24.14 17.30 -3.86
CA GLU A 15 23.20 17.24 -5.02
C GLU A 15 22.83 15.78 -5.33
N GLU A 16 22.90 14.91 -4.37
CA GLU A 16 22.54 13.49 -4.63
C GLU A 16 22.76 12.66 -3.37
N VAL A 17 21.72 12.04 -2.87
CA VAL A 17 21.86 11.20 -1.65
C VAL A 17 21.81 9.73 -2.07
N GLU A 18 22.78 8.95 -1.67
CA GLU A 18 22.77 7.51 -2.05
C GLU A 18 21.56 6.82 -1.42
N ILE A 19 21.27 7.13 -0.19
CA ILE A 19 20.10 6.48 0.48
C ILE A 19 18.79 6.96 -0.16
N LEU A 20 18.66 8.23 -0.43
CA LEU A 20 17.40 8.72 -1.05
C LEU A 20 17.29 8.20 -2.49
N LYS A 21 18.40 7.96 -3.13
CA LYS A 21 18.35 7.43 -4.53
C LYS A 21 17.93 5.97 -4.49
N GLU A 22 18.49 5.21 -3.58
CA GLU A 22 18.10 3.78 -3.47
C GLU A 22 16.73 3.71 -2.81
N GLN A 23 16.32 4.76 -2.16
CA GLN A 23 14.99 4.78 -1.51
C GLN A 23 13.93 5.04 -2.58
N ILE A 24 14.24 5.89 -3.52
CA ILE A 24 13.27 6.18 -4.60
C ILE A 24 13.31 5.01 -5.59
N ARG A 25 14.43 4.37 -5.72
CA ARG A 25 14.53 3.21 -6.63
C ARG A 25 13.85 2.02 -5.96
N GLU A 26 13.94 1.97 -4.65
CA GLU A 26 13.28 0.86 -3.90
C GLU A 26 11.81 1.20 -3.74
N LEU A 27 11.47 2.45 -3.84
CA LEU A 27 10.05 2.86 -3.73
C LEU A 27 9.38 2.61 -5.07
N VAL A 28 10.12 2.79 -6.14
CA VAL A 28 9.55 2.53 -7.49
C VAL A 28 9.59 1.03 -7.74
N GLU A 29 10.52 0.35 -7.14
CA GLU A 29 10.61 -1.12 -7.33
C GLU A 29 9.56 -1.78 -6.44
N LYS A 30 9.32 -1.22 -5.28
CA LYS A 30 8.29 -1.78 -4.37
C LYS A 30 6.92 -1.36 -4.89
N ASN A 31 6.87 -0.24 -5.56
CA ASN A 31 5.58 0.24 -6.12
C ASN A 31 5.26 -0.59 -7.37
N SER A 32 6.28 -0.96 -8.11
CA SER A 32 6.07 -1.78 -9.33
C SER A 32 5.76 -3.21 -8.89
N GLN A 33 6.36 -3.64 -7.82
CA GLN A 33 6.10 -5.02 -7.32
C GLN A 33 4.73 -5.04 -6.66
N LEU A 34 4.34 -3.94 -6.09
CA LEU A 34 3.00 -3.88 -5.44
C LEU A 34 1.96 -3.63 -6.52
N GLU A 35 2.36 -3.05 -7.62
CA GLU A 35 1.40 -2.81 -8.73
C GLU A 35 1.22 -4.12 -9.48
N ARG A 36 2.23 -4.94 -9.51
CA ARG A 36 2.12 -6.25 -10.20
C ARG A 36 1.36 -7.22 -9.30
N GLU A 37 1.63 -7.18 -8.03
CA GLU A 37 0.92 -8.09 -7.09
C GLU A 37 -0.51 -7.56 -6.89
N ASN A 38 -0.69 -6.28 -7.02
CA ASN A 38 -2.04 -5.69 -6.85
C ASN A 38 -2.85 -5.96 -8.12
N THR A 39 -2.20 -5.94 -9.26
CA THR A 39 -2.93 -6.22 -10.52
C THR A 39 -3.17 -7.73 -10.62
N LEU A 40 -2.30 -8.50 -10.02
CA LEU A 40 -2.47 -9.97 -10.06
C LEU A 40 -3.56 -10.36 -9.05
N LEU A 41 -3.65 -9.65 -7.96
CA LEU A 41 -4.69 -9.98 -6.95
C LEU A 41 -6.02 -9.40 -7.42
N LYS A 42 -5.97 -8.31 -8.15
CA LYS A 42 -7.22 -7.70 -8.67
C LYS A 42 -7.75 -8.56 -9.81
N THR A 43 -6.87 -9.11 -10.60
CA THR A 43 -7.32 -9.96 -11.73
C THR A 43 -7.75 -11.33 -11.18
N LEU A 44 -7.04 -11.83 -10.21
CA LEU A 44 -7.41 -13.15 -9.62
C LEU A 44 -8.74 -13.02 -8.89
N ALA A 45 -8.97 -11.88 -8.28
CA ALA A 45 -10.25 -11.67 -7.57
C ALA A 45 -11.23 -10.93 -8.48
N SER A 46 -10.93 -10.88 -9.75
CA SER A 46 -11.83 -10.17 -10.71
C SER A 46 -13.08 -11.03 -10.96
N PRO A 47 -12.87 -12.28 -11.27
CA PRO A 47 -13.96 -13.22 -11.54
C PRO A 47 -14.55 -13.77 -10.24
N GLU A 48 -14.59 -12.97 -9.20
CA GLU A 48 -15.15 -13.47 -7.89
C GLU A 48 -16.37 -14.36 -8.14
N GLN A 49 -17.48 -13.78 -8.51
CA GLN A 49 -18.70 -14.59 -8.77
C GLN A 49 -19.17 -15.28 -7.50
N LEU A 50 -19.75 -14.56 -6.59
CA LEU A 50 -20.26 -15.19 -5.33
C LEU A 50 -21.78 -15.32 -5.42
N GLU A 51 -22.39 -14.56 -6.31
CA GLU A 51 -23.88 -14.54 -6.52
C GLU A 51 -24.37 -13.10 -6.45
N LYS A 52 -24.30 -12.48 -5.30
CA LYS A 52 -24.80 -11.09 -5.21
C LYS A 52 -24.25 -10.34 -3.98
N PHE A 53 -23.69 -9.18 -4.19
CA PHE A 53 -23.05 -8.45 -3.04
C PHE A 53 -22.47 -7.12 -3.52
N GLN A 54 -22.08 -7.08 -4.75
CA GLN A 54 -21.45 -5.86 -5.30
C GLN A 54 -22.41 -5.20 -6.30
N SER A 55 -21.89 -4.60 -7.33
CA SER A 55 -22.79 -3.95 -8.32
C SER A 55 -22.78 -4.74 -9.63
N ARG A 56 -21.78 -5.56 -9.84
CA ARG A 56 -21.73 -6.34 -11.12
C ARG A 56 -22.94 -7.29 -11.16
N LEU A 57 -23.34 -7.83 -10.04
CA LEU A 57 -24.51 -8.75 -10.04
C LEU A 57 -25.71 -8.02 -9.45
N SER A 58 -25.69 -7.80 -8.16
CA SER A 58 -26.82 -7.11 -7.49
C SER A 58 -26.25 -6.15 -6.44
N PRO A 59 -26.60 -4.89 -6.56
CA PRO A 59 -26.14 -3.87 -5.61
C PRO A 59 -26.90 -3.98 -4.30
N GLU A 60 -26.24 -4.37 -3.27
CA GLU A 60 -26.91 -4.52 -1.95
C GLU A 60 -25.89 -4.36 -0.82
N GLU A 61 -25.34 -5.44 -0.34
CA GLU A 61 -24.35 -5.35 0.76
C GLU A 61 -24.89 -4.41 1.84
N PRO A 62 -25.99 -4.79 2.43
CA PRO A 62 -26.64 -4.01 3.49
C PRO A 62 -25.90 -4.17 4.81
N ALA A 63 -25.50 -3.08 5.40
CA ALA A 63 -24.77 -3.12 6.71
C ALA A 63 -23.95 -1.84 6.86
N PRO A 64 -24.64 -0.77 7.15
CA PRO A 64 -24.02 0.56 7.32
C PRO A 64 -23.41 0.67 8.72
N GLU A 65 -22.97 1.86 9.08
CA GLU A 65 -22.36 2.04 10.43
C GLU A 65 -23.48 2.33 11.44
N THR A 66 -24.47 1.49 11.50
CA THR A 66 -25.58 1.71 12.46
C THR A 66 -25.02 1.84 13.88
N PRO A 67 -25.37 2.92 14.55
CA PRO A 67 -24.92 3.19 15.92
C PRO A 67 -25.74 2.37 16.92
N GLU A 68 -25.61 2.65 18.19
CA GLU A 68 -26.39 1.90 19.21
C GLU A 68 -27.06 2.88 20.17
N ALA A 69 -27.99 3.67 19.68
CA ALA A 69 -28.68 4.64 20.55
C ALA A 69 -29.99 5.09 19.88
N PRO A 70 -30.87 5.64 20.68
CA PRO A 70 -32.18 6.12 20.20
C PRO A 70 -32.03 7.47 19.48
N GLU A 71 -33.13 8.13 19.22
CA GLU A 71 -33.07 9.44 18.52
C GLU A 71 -34.20 10.34 19.04
N ALA A 72 -34.23 11.58 18.61
CA ALA A 72 -35.30 12.50 19.07
C ALA A 72 -36.60 12.18 18.32
N PRO A 73 -37.71 12.26 19.04
CA PRO A 73 -39.03 11.99 18.46
C PRO A 73 -39.53 13.19 17.66
N GLY A 74 -40.72 13.12 17.12
CA GLY A 74 -41.25 14.26 16.32
C GLY A 74 -40.33 14.52 15.13
N GLY A 75 -40.06 13.51 14.35
CA GLY A 75 -39.16 13.69 13.17
C GLY A 75 -37.90 14.42 13.61
N SER A 76 -37.33 15.22 12.74
CA SER A 76 -36.09 15.97 13.11
C SER A 76 -36.35 17.46 13.00
N ALA A 77 -35.84 18.24 13.93
CA ALA A 77 -36.06 19.72 13.86
C ALA A 77 -35.52 20.25 12.54
N VAL A 78 -36.24 21.14 11.90
CA VAL A 78 -35.78 21.70 10.61
C VAL A 78 -35.88 23.21 10.63
C ACE B 1 12.43 9.91 -21.72
O ACE B 1 11.57 10.74 -21.98
CH3 ACE B 1 12.64 8.69 -22.61
H1 ACE B 1 13.58 8.77 -23.11
H2 ACE B 1 11.84 8.64 -23.34
H3 ACE B 1 12.62 7.80 -22.01
N MET B 2 13.20 10.03 -20.67
CA MET B 2 13.05 11.21 -19.77
C MET B 2 14.31 12.07 -19.83
N ASP B 3 14.27 13.17 -20.53
CA ASP B 3 15.48 14.03 -20.62
C ASP B 3 15.07 15.51 -20.58
N LEU B 4 13.96 15.81 -19.98
CA LEU B 4 13.52 17.25 -19.90
C LEU B 4 13.61 17.73 -18.46
N VAL B 5 13.66 16.84 -17.51
CA VAL B 5 13.74 17.25 -16.09
C VAL B 5 15.20 17.55 -15.73
N LYS B 6 16.13 16.91 -16.37
CA LYS B 6 17.57 17.17 -16.07
C LYS B 6 18.17 17.98 -17.21
N ASN B 7 17.41 18.89 -17.77
CA ASN B 7 17.92 19.70 -18.91
C ASN B 7 17.48 21.14 -18.75
N HIS B 8 16.21 21.35 -18.54
CA HIS B 8 15.73 22.73 -18.37
C HIS B 8 15.94 23.16 -16.94
N LEU B 9 17.07 22.87 -16.36
CA LEU B 9 17.30 23.28 -14.94
C LEU B 9 17.52 24.77 -14.92
N MET B 10 17.72 25.35 -16.05
CA MET B 10 17.89 26.83 -16.04
C MET B 10 16.48 27.44 -16.04
N TYR B 11 15.50 26.63 -16.29
CA TYR B 11 14.08 27.09 -16.28
C TYR B 11 13.57 27.06 -14.84
N ALA B 12 14.36 26.52 -13.97
CA ALA B 12 13.94 26.36 -12.56
C ALA B 12 15.07 25.70 -11.80
N VAL B 13 15.73 24.80 -12.47
CA VAL B 13 16.85 24.05 -11.86
C VAL B 13 16.29 22.81 -11.17
N ARG B 14 15.15 22.94 -10.52
CA ARG B 14 14.52 21.77 -9.86
C ARG B 14 15.59 20.88 -9.21
N GLU B 15 15.86 21.11 -7.95
CA GLU B 15 16.89 20.28 -7.25
C GLU B 15 17.19 20.89 -5.87
N GLU B 16 16.17 21.34 -5.18
CA GLU B 16 16.41 21.96 -3.84
C GLU B 16 15.72 21.16 -2.73
N VAL B 17 15.91 19.86 -2.70
CA VAL B 17 15.28 19.02 -1.62
C VAL B 17 13.78 18.78 -1.91
N GLU B 18 13.09 19.71 -2.51
CA GLU B 18 11.65 19.51 -2.78
C GLU B 18 11.47 18.43 -3.85
N ILE B 19 12.36 18.37 -4.81
CA ILE B 19 12.22 17.34 -5.88
C ILE B 19 12.47 15.95 -5.28
N LEU B 20 13.19 15.89 -4.19
CA LEU B 20 13.47 14.58 -3.56
C LEU B 20 12.31 14.21 -2.63
N LYS B 21 11.86 15.12 -1.82
CA LYS B 21 10.73 14.81 -0.90
C LYS B 21 9.44 14.71 -1.72
N GLU B 22 9.45 15.26 -2.90
CA GLU B 22 8.24 15.20 -3.77
C GLU B 22 8.18 13.83 -4.43
N GLN B 23 9.30 13.32 -4.86
CA GLN B 23 9.32 11.98 -5.50
C GLN B 23 9.18 10.91 -4.42
N ILE B 24 9.63 11.21 -3.22
CA ILE B 24 9.51 10.23 -2.12
C ILE B 24 8.07 10.23 -1.60
N ARG B 25 7.46 11.39 -1.52
CA ARG B 25 6.06 11.45 -1.04
C ARG B 25 5.14 10.99 -2.16
N GLU B 26 5.54 11.17 -3.38
CA GLU B 26 4.70 10.74 -4.54
C GLU B 26 4.79 9.22 -4.64
N LEU B 27 5.95 8.66 -4.43
CA LEU B 27 6.08 7.18 -4.51
C LEU B 27 5.55 6.57 -3.22
N VAL B 28 5.57 7.32 -2.15
CA VAL B 28 5.05 6.78 -0.86
C VAL B 28 3.53 6.93 -0.86
N GLU B 29 3.03 7.88 -1.62
CA GLU B 29 1.56 8.07 -1.70
C GLU B 29 1.00 7.06 -2.68
N LYS B 30 1.72 6.80 -3.75
CA LYS B 30 1.24 5.81 -4.74
C LYS B 30 1.44 4.42 -4.15
N ASN B 31 2.50 4.23 -3.41
CA ASN B 31 2.75 2.91 -2.78
C ASN B 31 1.72 2.72 -1.67
N SER B 32 1.39 3.77 -0.98
CA SER B 32 0.37 3.67 0.09
C SER B 32 -0.99 3.41 -0.56
N GLN B 33 -1.20 3.95 -1.73
CA GLN B 33 -2.47 3.73 -2.45
C GLN B 33 -2.52 2.28 -2.91
N LEU B 34 -1.39 1.73 -3.25
CA LEU B 34 -1.34 0.31 -3.68
C LEU B 34 -1.32 -0.59 -2.45
N GLU B 35 -0.99 -0.04 -1.31
CA GLU B 35 -0.97 -0.86 -0.07
C GLU B 35 -2.38 -0.96 0.48
N ARG B 36 -3.15 0.09 0.32
CA ARG B 36 -4.55 0.07 0.82
C ARG B 36 -5.42 -0.72 -0.17
N GLU B 37 -5.13 -0.62 -1.43
CA GLU B 37 -5.94 -1.37 -2.44
C GLU B 37 -5.42 -2.80 -2.53
N ASN B 38 -4.15 -2.99 -2.33
CA ASN B 38 -3.59 -4.37 -2.39
C ASN B 38 -3.96 -5.12 -1.12
N THR B 39 -4.00 -4.44 -0.01
CA THR B 39 -4.37 -5.11 1.26
C THR B 39 -5.87 -5.41 1.26
N LEU B 40 -6.65 -4.55 0.66
CA LEU B 40 -8.12 -4.79 0.60
C LEU B 40 -8.40 -5.88 -0.43
N LEU B 41 -7.64 -5.93 -1.49
CA LEU B 41 -7.86 -6.98 -2.53
C LEU B 41 -7.23 -8.28 -2.06
N LYS B 42 -6.27 -8.20 -1.18
CA LYS B 42 -5.61 -9.44 -0.67
C LYS B 42 -6.50 -10.06 0.41
N THR B 43 -7.14 -9.23 1.20
CA THR B 43 -8.03 -9.76 2.27
C THR B 43 -9.38 -10.09 1.67
N LEU B 44 -9.77 -9.38 0.64
CA LEU B 44 -11.08 -9.65 -0.01
C LEU B 44 -10.96 -10.94 -0.82
N ALA B 45 -9.92 -11.08 -1.59
CA ALA B 45 -9.73 -12.32 -2.40
C ALA B 45 -9.23 -13.44 -1.50
N SER B 46 -8.49 -13.11 -0.48
CA SER B 46 -7.96 -14.16 0.44
C SER B 46 -8.14 -13.70 1.90
N PRO B 47 -9.35 -13.82 2.39
CA PRO B 47 -9.69 -13.42 3.76
C PRO B 47 -9.22 -14.49 4.75
N GLU B 48 -9.51 -15.72 4.49
CA GLU B 48 -9.08 -16.82 5.42
C GLU B 48 -9.85 -16.72 6.73
N GLN B 49 -9.31 -17.29 7.78
CA GLN B 49 -9.99 -17.24 9.11
C GLN B 49 -9.01 -17.72 10.16
N LEU B 50 -8.05 -16.91 10.50
CA LEU B 50 -7.04 -17.32 11.51
C LEU B 50 -7.45 -16.85 12.91
N GLU B 51 -7.81 -15.59 13.03
CA GLU B 51 -8.21 -14.97 14.35
C GLU B 51 -7.50 -13.61 14.51
N LYS B 52 -7.07 -13.02 13.41
CA LYS B 52 -6.39 -11.69 13.49
C LYS B 52 -5.01 -11.81 14.16
N PHE B 53 -4.01 -11.23 13.56
CA PHE B 53 -2.60 -11.36 14.09
C PHE B 53 -1.69 -10.76 13.04
N GLN B 54 -0.41 -10.91 13.19
CA GLN B 54 0.53 -10.43 12.13
C GLN B 54 0.40 -8.91 11.87
N SER B 55 -0.54 -8.23 12.48
CA SER B 55 -0.66 -6.75 12.27
C SER B 55 -1.15 -6.40 10.86
N ARG B 56 -1.75 -7.30 10.13
CA ARG B 56 -2.24 -6.89 8.77
C ARG B 56 -3.76 -7.13 8.65
N LEU B 57 -4.22 -8.36 8.60
CA LEU B 57 -5.70 -8.56 8.49
C LEU B 57 -6.41 -7.64 9.46
N SER B 58 -6.31 -7.94 10.73
CA SER B 58 -6.98 -7.10 11.75
C SER B 58 -5.92 -6.28 12.49
N PRO B 59 -6.27 -5.08 12.84
CA PRO B 59 -5.37 -4.17 13.56
C PRO B 59 -5.30 -4.53 15.04
N GLU B 60 -4.23 -5.15 15.43
CA GLU B 60 -4.07 -5.55 16.85
C GLU B 60 -2.88 -6.50 16.97
N GLU B 61 -1.72 -5.98 17.27
CA GLU B 61 -0.52 -6.85 17.41
C GLU B 61 0.72 -5.98 17.67
N PRO B 62 1.30 -6.13 18.83
CA PRO B 62 2.49 -5.35 19.22
C PRO B 62 3.74 -5.92 18.56
N ALA B 63 4.88 -5.34 18.81
CA ALA B 63 6.14 -5.86 18.20
C ALA B 63 6.09 -5.61 16.69
N PRO B 64 7.23 -5.26 16.13
CA PRO B 64 7.36 -4.99 14.69
C PRO B 64 7.46 -6.30 13.92
N GLU B 65 7.61 -6.24 12.62
CA GLU B 65 7.73 -7.49 11.82
C GLU B 65 9.14 -8.06 11.95
N THR B 66 9.44 -8.71 13.05
CA THR B 66 10.80 -9.28 13.23
C THR B 66 10.69 -10.61 13.99
N PRO B 67 11.64 -11.47 13.74
CA PRO B 67 11.69 -12.80 14.39
C PRO B 67 12.22 -12.66 15.82
N GLU B 68 11.63 -13.36 16.75
CA GLU B 68 12.09 -13.26 18.17
C GLU B 68 11.67 -14.51 18.94
N ALA B 69 11.98 -14.57 20.20
CA ALA B 69 11.59 -15.74 21.02
C ALA B 69 10.06 -15.81 21.11
N PRO B 70 9.58 -16.83 21.76
CA PRO B 70 8.13 -17.04 21.95
C PRO B 70 7.61 -16.12 23.08
N GLU B 71 7.16 -14.96 22.73
CA GLU B 71 6.64 -14.02 23.76
C GLU B 71 5.41 -14.63 24.43
N ALA B 72 4.52 -15.21 23.67
CA ALA B 72 3.31 -15.82 24.25
C ALA B 72 2.31 -16.15 23.14
N PRO B 73 1.98 -15.17 22.35
CA PRO B 73 1.04 -15.34 21.22
C PRO B 73 1.73 -16.03 20.05
N GLY B 74 1.06 -16.13 18.93
CA GLY B 74 1.68 -16.79 17.75
C GLY B 74 0.91 -18.08 17.43
N GLY B 75 1.59 -19.18 17.30
CA GLY B 75 0.89 -20.46 16.99
C GLY B 75 1.29 -21.53 18.02
N SER B 76 1.31 -21.17 19.27
CA SER B 76 1.69 -22.17 20.31
C SER B 76 0.46 -22.52 21.16
N ALA B 77 -0.13 -23.67 20.91
CA ALA B 77 -1.33 -24.07 21.70
C ALA B 77 -1.05 -25.39 22.41
N VAL B 78 0.17 -25.60 22.83
CA VAL B 78 0.50 -26.87 23.54
C VAL B 78 1.17 -26.55 24.88
C ACE A 1 35.41 16.17 -16.13
O ACE A 1 35.15 17.14 -16.79
CH3 ACE A 1 36.31 16.28 -14.89
H1 ACE A 1 36.80 17.24 -14.89
H2 ACE A 1 37.05 15.49 -14.91
H3 ACE A 1 35.71 16.18 -13.99
N MET A 2 34.94 14.98 -16.43
CA MET A 2 34.07 14.81 -17.62
C MET A 2 33.71 13.33 -17.78
N ASP A 3 32.46 13.00 -17.63
CA ASP A 3 32.06 11.57 -17.78
C ASP A 3 32.47 10.79 -16.53
N LEU A 4 33.08 11.45 -15.58
CA LEU A 4 33.51 10.73 -14.35
C LEU A 4 32.71 11.27 -13.15
N VAL A 5 32.65 12.56 -12.99
CA VAL A 5 31.89 13.14 -11.85
C VAL A 5 30.44 12.66 -11.94
N LYS A 6 29.97 12.39 -13.13
CA LYS A 6 28.58 11.91 -13.29
C LYS A 6 28.60 10.46 -13.77
N ASN A 7 29.37 9.63 -13.11
CA ASN A 7 29.47 8.20 -13.52
C ASN A 7 29.84 7.37 -12.32
N HIS A 8 30.87 7.76 -11.62
CA HIS A 8 31.29 7.01 -10.43
C HIS A 8 30.42 7.44 -9.25
N LEU A 9 29.16 7.65 -9.45
CA LEU A 9 28.29 8.06 -8.31
C LEU A 9 28.13 6.88 -7.39
N MET A 10 28.58 5.74 -7.80
CA MET A 10 28.49 4.58 -6.89
C MET A 10 29.68 4.62 -5.94
N TYR A 11 30.69 5.35 -6.32
CA TYR A 11 31.90 5.50 -5.47
C TYR A 11 31.64 6.56 -4.40
N ALA A 12 30.51 7.22 -4.49
CA ALA A 12 30.20 8.32 -3.56
C ALA A 12 28.82 8.85 -3.87
N VAL A 13 28.51 8.86 -5.12
CA VAL A 13 27.21 9.37 -5.60
C VAL A 13 27.21 10.89 -5.64
N ARG A 14 28.36 11.48 -5.81
CA ARG A 14 28.44 12.97 -5.87
C ARG A 14 27.37 13.49 -6.82
N GLU A 15 26.26 13.92 -6.27
CA GLU A 15 25.15 14.44 -7.13
C GLU A 15 23.87 14.46 -6.30
N GLU A 16 23.53 13.37 -5.69
CA GLU A 16 22.31 13.31 -4.84
C GLU A 16 22.62 12.49 -3.59
N VAL A 17 21.62 12.06 -2.88
CA VAL A 17 21.88 11.24 -1.66
C VAL A 17 21.72 9.77 -2.03
N GLU A 18 22.77 9.00 -1.96
CA GLU A 18 22.69 7.57 -2.32
C GLU A 18 21.55 6.91 -1.52
N ILE A 19 21.30 7.38 -0.33
CA ILE A 19 20.22 6.78 0.49
C ILE A 19 18.86 7.09 -0.14
N LEU A 20 18.60 8.32 -0.47
CA LEU A 20 17.29 8.67 -1.08
C LEU A 20 17.27 8.19 -2.53
N LYS A 21 18.39 7.85 -3.08
CA LYS A 21 18.42 7.35 -4.48
C LYS A 21 17.96 5.90 -4.47
N GLU A 22 18.51 5.12 -3.57
CA GLU A 22 18.08 3.70 -3.47
C GLU A 22 16.72 3.66 -2.79
N GLN A 23 16.35 4.73 -2.14
CA GLN A 23 15.03 4.78 -1.46
C GLN A 23 13.95 5.00 -2.52
N ILE A 24 14.18 5.92 -3.42
CA ILE A 24 13.18 6.16 -4.49
C ILE A 24 13.26 5.01 -5.48
N ARG A 25 14.41 4.40 -5.62
CA ARG A 25 14.55 3.25 -6.55
C ARG A 25 13.86 2.05 -5.90
N GLU A 26 13.93 1.97 -4.60
CA GLU A 26 13.27 0.84 -3.88
C GLU A 26 11.78 1.17 -3.73
N LEU A 27 11.44 2.43 -3.83
CA LEU A 27 10.01 2.82 -3.73
C LEU A 27 9.37 2.56 -5.08
N VAL A 28 10.13 2.71 -6.14
CA VAL A 28 9.59 2.46 -7.50
C VAL A 28 9.63 0.95 -7.73
N GLU A 29 10.58 0.27 -7.13
CA GLU A 29 10.67 -1.20 -7.30
C GLU A 29 9.58 -1.85 -6.44
N LYS A 30 9.31 -1.28 -5.30
CA LYS A 30 8.26 -1.85 -4.42
C LYS A 30 6.89 -1.36 -4.92
N ASN A 31 6.88 -0.24 -5.58
CA ASN A 31 5.59 0.28 -6.13
C ASN A 31 5.26 -0.52 -7.39
N SER A 32 6.26 -0.91 -8.12
CA SER A 32 6.02 -1.72 -9.35
C SER A 32 5.74 -3.15 -8.94
N GLN A 33 6.38 -3.62 -7.91
CA GLN A 33 6.13 -5.01 -7.44
C GLN A 33 4.77 -5.05 -6.75
N LEU A 34 4.38 -3.97 -6.12
CA LEU A 34 3.06 -3.94 -5.46
C LEU A 34 2.00 -3.68 -6.52
N GLU A 35 2.35 -3.01 -7.57
CA GLU A 35 1.35 -2.76 -8.64
C GLU A 35 1.15 -4.07 -9.41
N ARG A 36 2.18 -4.85 -9.52
CA ARG A 36 2.05 -6.15 -10.23
C ARG A 36 1.33 -7.14 -9.30
N GLU A 37 1.60 -7.06 -8.03
CA GLU A 37 0.91 -7.98 -7.07
C GLU A 37 -0.53 -7.51 -6.90
N ASN A 38 -0.77 -6.25 -7.06
CA ASN A 38 -2.16 -5.72 -6.92
C ASN A 38 -2.91 -5.99 -8.22
N THR A 39 -2.20 -6.05 -9.31
CA THR A 39 -2.86 -6.34 -10.61
C THR A 39 -3.13 -7.83 -10.68
N LEU A 40 -2.29 -8.60 -10.03
CA LEU A 40 -2.48 -10.08 -10.03
C LEU A 40 -3.55 -10.44 -9.00
N LEU A 41 -3.63 -9.68 -7.93
CA LEU A 41 -4.66 -9.97 -6.89
C LEU A 41 -6.00 -9.43 -7.38
N LYS A 42 -5.98 -8.35 -8.11
CA LYS A 42 -7.25 -7.78 -8.64
C LYS A 42 -7.73 -8.64 -9.81
N THR A 43 -6.81 -9.14 -10.58
CA THR A 43 -7.19 -10.00 -11.73
C THR A 43 -7.67 -11.35 -11.19
N LEU A 44 -7.03 -11.86 -10.18
CA LEU A 44 -7.46 -13.16 -9.60
C LEU A 44 -8.79 -12.95 -8.88
N ALA A 45 -8.99 -11.79 -8.33
CA ALA A 45 -10.28 -11.50 -7.63
C ALA A 45 -11.26 -10.91 -8.65
N SER A 46 -10.83 -10.73 -9.88
CA SER A 46 -11.72 -10.16 -10.93
C SER A 46 -12.91 -11.08 -11.18
N PRO A 47 -12.69 -12.38 -11.25
CA PRO A 47 -13.77 -13.35 -11.50
C PRO A 47 -14.61 -13.55 -10.23
N GLU A 48 -14.41 -12.72 -9.23
CA GLU A 48 -15.21 -12.83 -7.97
C GLU A 48 -15.40 -11.42 -7.40
N GLN A 49 -15.91 -10.51 -8.19
CA GLN A 49 -16.09 -9.11 -7.70
C GLN A 49 -17.57 -8.81 -7.42
N LEU A 50 -18.13 -9.47 -6.44
CA LEU A 50 -19.55 -9.22 -6.08
C LEU A 50 -19.66 -9.52 -4.60
N GLU A 51 -18.53 -9.50 -3.90
CA GLU A 51 -18.55 -9.85 -2.46
C GLU A 51 -19.52 -11.00 -2.28
N LYS A 52 -19.56 -11.92 -3.23
CA LYS A 52 -20.53 -13.02 -3.09
C LYS A 52 -20.35 -14.19 -4.09
N PHE A 53 -20.42 -13.94 -5.37
CA PHE A 53 -20.34 -15.10 -6.34
C PHE A 53 -19.24 -14.93 -7.42
N GLN A 54 -19.59 -15.11 -8.68
CA GLN A 54 -18.58 -15.06 -9.75
C GLN A 54 -18.38 -13.64 -10.34
N SER A 55 -19.36 -13.07 -11.00
CA SER A 55 -19.14 -11.73 -11.62
C SER A 55 -20.47 -11.04 -11.97
N ARG A 56 -21.29 -11.65 -12.80
CA ARG A 56 -22.57 -11.00 -13.19
C ARG A 56 -23.66 -11.21 -12.12
N LEU A 57 -24.64 -12.05 -12.39
CA LEU A 57 -25.74 -12.28 -11.41
C LEU A 57 -26.58 -11.02 -11.28
N SER A 58 -26.15 -10.15 -10.41
CA SER A 58 -26.88 -8.88 -10.17
C SER A 58 -26.02 -7.71 -10.62
N PRO A 59 -26.48 -7.01 -11.64
CA PRO A 59 -25.76 -5.85 -12.17
C PRO A 59 -25.92 -4.65 -11.25
N GLU A 60 -24.91 -4.40 -10.48
CA GLU A 60 -24.90 -3.26 -9.50
C GLU A 60 -24.31 -3.76 -8.18
N GLU A 61 -23.02 -3.72 -8.03
CA GLU A 61 -22.40 -4.19 -6.76
C GLU A 61 -21.50 -3.11 -6.15
N PRO A 62 -22.00 -1.88 -6.09
CA PRO A 62 -21.24 -0.76 -5.50
C PRO A 62 -21.29 -0.83 -3.97
N ALA A 63 -20.91 0.22 -3.31
CA ALA A 63 -20.92 0.23 -1.83
C ALA A 63 -19.95 -0.82 -1.29
N PRO A 64 -19.11 -0.42 -0.37
CA PRO A 64 -18.11 -1.31 0.24
C PRO A 64 -18.76 -2.19 1.31
N GLU A 65 -17.97 -2.81 2.14
CA GLU A 65 -18.54 -3.69 3.20
C GLU A 65 -18.90 -2.85 4.43
N THR A 66 -19.77 -1.89 4.27
CA THR A 66 -20.16 -1.04 5.42
C THR A 66 -20.95 -1.89 6.44
N PRO A 67 -20.81 -1.54 7.69
CA PRO A 67 -21.50 -2.24 8.78
C PRO A 67 -22.96 -1.80 8.88
N GLU A 68 -23.74 -2.44 9.72
CA GLU A 68 -25.17 -2.06 9.84
C GLU A 68 -25.31 -0.96 10.89
N ALA A 69 -24.97 0.25 10.56
CA ALA A 69 -25.09 1.36 11.55
C ALA A 69 -26.25 2.28 11.14
N PRO A 70 -27.36 2.14 11.83
CA PRO A 70 -28.56 2.95 11.56
C PRO A 70 -28.40 4.36 12.13
N GLU A 71 -28.16 5.33 11.28
CA GLU A 71 -28.00 6.73 11.78
C GLU A 71 -29.17 7.09 12.69
N ALA A 72 -29.12 8.24 13.30
CA ALA A 72 -30.23 8.66 14.20
C ALA A 72 -31.51 8.84 13.39
N PRO A 73 -32.63 8.84 14.08
CA PRO A 73 -33.95 9.01 13.46
C PRO A 73 -34.21 10.48 13.12
N GLY A 74 -34.17 10.83 11.87
CA GLY A 74 -34.40 12.25 11.48
C GLY A 74 -33.93 12.48 10.04
N GLY A 75 -34.41 13.50 9.40
CA GLY A 75 -33.99 13.77 8.00
C GLY A 75 -34.49 15.14 7.57
N SER A 76 -34.26 16.15 8.35
CA SER A 76 -34.73 17.51 7.98
C SER A 76 -34.07 18.55 8.89
N ALA A 77 -34.13 19.81 8.52
CA ALA A 77 -33.51 20.86 9.37
C ALA A 77 -34.59 21.53 10.22
N VAL A 78 -35.48 20.77 10.77
CA VAL A 78 -36.56 21.35 11.61
C VAL A 78 -36.80 20.47 12.83
C ACE B 1 25.89 40.98 -5.60
O ACE B 1 27.09 40.83 -5.51
CH3 ACE B 1 25.27 41.96 -6.59
H1 ACE B 1 25.96 42.14 -7.40
H2 ACE B 1 25.05 42.90 -6.09
H3 ACE B 1 24.35 41.55 -6.99
N MET B 2 25.06 40.29 -4.84
CA MET B 2 25.60 39.31 -3.86
C MET B 2 24.49 38.34 -3.45
N ASP B 3 24.83 37.31 -2.73
CA ASP B 3 23.79 36.32 -2.30
C ASP B 3 23.27 35.57 -3.52
N LEU B 4 23.91 35.74 -4.66
CA LEU B 4 23.45 35.02 -5.88
C LEU B 4 23.45 33.51 -5.61
N VAL B 5 24.29 33.05 -4.74
CA VAL B 5 24.33 31.59 -4.44
C VAL B 5 22.97 31.17 -3.89
N LYS B 6 22.43 31.95 -2.99
CA LYS B 6 21.09 31.60 -2.42
C LYS B 6 20.03 32.47 -3.09
N ASN B 7 19.99 32.48 -4.40
CA ASN B 7 19.00 33.31 -5.12
C ASN B 7 18.76 32.74 -6.51
N HIS B 8 19.82 32.35 -7.17
CA HIS B 8 19.68 31.78 -8.54
C HIS B 8 19.22 30.33 -8.48
N LEU B 9 18.77 29.87 -7.34
CA LEU B 9 18.31 28.45 -7.23
C LEU B 9 17.46 28.09 -8.44
N MET B 10 16.98 29.07 -9.14
CA MET B 10 16.23 28.77 -10.38
C MET B 10 17.29 28.63 -11.50
N TYR B 11 18.44 28.10 -11.13
CA TYR B 11 19.58 27.91 -12.07
C TYR B 11 20.16 26.53 -11.78
N ALA B 12 20.32 26.27 -10.52
CA ALA B 12 20.88 24.98 -10.05
C ALA B 12 20.05 24.47 -8.87
N VAL B 13 19.20 25.30 -8.34
CA VAL B 13 18.41 24.92 -7.16
C VAL B 13 19.35 24.22 -6.18
N ARG B 14 20.57 24.67 -6.16
CA ARG B 14 21.62 24.09 -5.28
C ARG B 14 21.00 23.53 -3.99
N GLU B 15 21.59 22.48 -3.46
CA GLU B 15 21.04 21.85 -2.21
C GLU B 15 19.91 20.87 -2.58
N GLU B 16 18.93 21.32 -3.30
CA GLU B 16 17.81 20.41 -3.68
C GLU B 16 17.15 19.87 -2.42
N VAL B 17 15.93 19.40 -2.53
CA VAL B 17 15.22 18.84 -1.34
C VAL B 17 13.74 18.66 -1.67
N GLU B 18 13.15 19.61 -2.34
CA GLU B 18 11.70 19.48 -2.69
C GLU B 18 11.54 18.48 -3.84
N ILE B 19 12.50 18.40 -4.72
CA ILE B 19 12.40 17.44 -5.86
C ILE B 19 12.53 16.02 -5.33
N LEU B 20 13.25 15.84 -4.26
CA LEU B 20 13.42 14.47 -3.69
C LEU B 20 12.29 14.18 -2.71
N LYS B 21 11.81 15.19 -2.03
CA LYS B 21 10.70 14.97 -1.05
C LYS B 21 9.40 14.76 -1.81
N GLU B 22 9.28 15.36 -2.96
CA GLU B 22 8.05 15.20 -3.78
C GLU B 22 8.09 13.85 -4.48
N GLN B 23 9.26 13.40 -4.85
CA GLN B 23 9.36 12.09 -5.53
C GLN B 23 9.17 10.99 -4.49
N ILE B 24 9.68 11.18 -3.31
CA ILE B 24 9.52 10.15 -2.24
C ILE B 24 8.11 10.26 -1.67
N ARG B 25 7.54 11.43 -1.71
CA ARG B 25 6.15 11.60 -1.18
C ARG B 25 5.16 11.06 -2.21
N GLU B 26 5.47 11.19 -3.47
CA GLU B 26 4.57 10.66 -4.52
C GLU B 26 4.81 9.16 -4.64
N LEU B 27 6.00 8.73 -4.32
CA LEU B 27 6.30 7.27 -4.38
C LEU B 27 5.67 6.59 -3.17
N VAL B 28 5.66 7.26 -2.05
CA VAL B 28 5.05 6.66 -0.83
C VAL B 28 3.54 6.88 -0.89
N GLU B 29 3.10 7.88 -1.59
CA GLU B 29 1.63 8.13 -1.70
C GLU B 29 1.07 7.11 -2.68
N LYS B 30 1.80 6.81 -3.72
CA LYS B 30 1.33 5.80 -4.71
C LYS B 30 1.49 4.41 -4.09
N ASN B 31 2.55 4.21 -3.35
CA ASN B 31 2.76 2.89 -2.69
C ASN B 31 1.70 2.74 -1.60
N SER B 32 1.30 3.84 -1.02
CA SER B 32 0.25 3.79 0.04
C SER B 32 -1.09 3.46 -0.61
N GLN B 33 -1.33 4.01 -1.77
CA GLN B 33 -2.61 3.72 -2.47
C GLN B 33 -2.59 2.26 -2.90
N LEU B 34 -1.43 1.75 -3.21
CA LEU B 34 -1.31 0.33 -3.63
C LEU B 34 -1.31 -0.55 -2.38
N GLU B 35 -0.96 0.00 -1.26
CA GLU B 35 -0.93 -0.81 -0.01
C GLU B 35 -2.35 -0.94 0.53
N ARG B 36 -3.15 0.08 0.39
CA ARG B 36 -4.55 0.02 0.87
C ARG B 36 -5.40 -0.76 -0.13
N GLU B 37 -5.08 -0.65 -1.39
CA GLU B 37 -5.86 -1.40 -2.42
C GLU B 37 -5.32 -2.83 -2.50
N ASN B 38 -4.07 -3.00 -2.17
CA ASN B 38 -3.46 -4.37 -2.20
C ASN B 38 -3.95 -5.16 -1.00
N THR B 39 -3.96 -4.55 0.15
CA THR B 39 -4.44 -5.27 1.37
C THR B 39 -5.96 -5.44 1.27
N LEU B 40 -6.62 -4.56 0.57
CA LEU B 40 -8.09 -4.69 0.41
C LEU B 40 -8.41 -5.85 -0.52
N LEU B 41 -7.72 -5.94 -1.63
CA LEU B 41 -7.98 -7.04 -2.58
C LEU B 41 -7.29 -8.32 -2.09
N LYS B 42 -6.35 -8.19 -1.20
CA LYS B 42 -5.65 -9.39 -0.67
C LYS B 42 -6.51 -10.00 0.43
N THR B 43 -7.18 -9.18 1.19
CA THR B 43 -8.06 -9.69 2.27
C THR B 43 -9.41 -10.06 1.66
N LEU B 44 -9.80 -9.38 0.62
CA LEU B 44 -11.10 -9.70 -0.04
C LEU B 44 -10.95 -10.99 -0.85
N ALA B 45 -9.89 -11.10 -1.61
CA ALA B 45 -9.68 -12.32 -2.41
C ALA B 45 -9.23 -13.45 -1.49
N SER B 46 -8.45 -13.13 -0.49
CA SER B 46 -7.97 -14.18 0.45
C SER B 46 -8.14 -13.70 1.90
N PRO B 47 -9.28 -14.03 2.46
CA PRO B 47 -9.61 -13.65 3.85
C PRO B 47 -8.87 -14.58 4.81
N GLU B 48 -8.68 -15.81 4.44
CA GLU B 48 -7.95 -16.78 5.30
C GLU B 48 -8.36 -16.63 6.76
N GLN B 49 -7.46 -16.92 7.66
CA GLN B 49 -7.74 -16.83 9.11
C GLN B 49 -6.39 -16.94 9.74
N LEU B 50 -5.64 -15.87 9.74
CA LEU B 50 -4.29 -15.94 10.27
C LEU B 50 -3.60 -14.61 9.97
N GLU B 51 -4.36 -13.58 10.13
CA GLU B 51 -3.88 -12.20 9.92
C GLU B 51 -4.64 -11.40 10.96
N LYS B 52 -4.86 -12.06 12.07
CA LYS B 52 -5.65 -11.51 13.17
C LYS B 52 -4.93 -11.67 14.54
N PHE B 53 -3.61 -11.66 14.62
CA PHE B 53 -2.95 -11.87 15.95
C PHE B 53 -1.54 -11.28 15.93
N GLN B 54 -0.78 -11.63 14.94
CA GLN B 54 0.61 -11.13 14.85
C GLN B 54 0.67 -9.83 14.07
N SER B 55 1.31 -8.84 14.62
CA SER B 55 1.41 -7.53 13.91
C SER B 55 1.75 -7.78 12.43
N ARG B 56 2.38 -8.89 12.13
CA ARG B 56 2.73 -9.19 10.71
C ARG B 56 1.44 -9.44 9.91
N LEU B 57 1.14 -10.68 9.60
CA LEU B 57 -0.10 -10.99 8.84
C LEU B 57 -1.22 -10.07 9.29
N SER B 58 -1.23 -9.74 10.55
CA SER B 58 -2.28 -8.82 11.09
C SER B 58 -1.60 -7.53 11.55
N PRO B 59 -1.88 -6.46 10.87
CA PRO B 59 -1.28 -5.15 11.20
C PRO B 59 -1.95 -4.54 12.42
N GLU B 60 -1.23 -4.51 13.50
CA GLU B 60 -1.73 -3.91 14.79
C GLU B 60 -2.28 -5.01 15.71
N GLU B 61 -1.47 -5.49 16.63
CA GLU B 61 -1.93 -6.55 17.57
C GLU B 61 -0.69 -7.21 18.21
N PRO B 62 -0.68 -7.28 19.53
CA PRO B 62 0.43 -7.90 20.27
C PRO B 62 0.29 -9.42 20.25
N ALA B 63 1.38 -10.12 20.13
CA ALA B 63 1.31 -11.61 20.09
C ALA B 63 2.70 -12.21 20.32
N PRO B 64 2.91 -12.81 21.46
CA PRO B 64 4.19 -13.45 21.81
C PRO B 64 4.31 -14.80 21.13
N GLU B 65 5.41 -15.48 21.30
CA GLU B 65 5.58 -16.81 20.66
C GLU B 65 4.76 -17.85 21.41
N THR B 66 3.48 -17.91 21.16
CA THR B 66 2.62 -18.89 21.87
C THR B 66 2.33 -20.07 20.94
N PRO B 67 1.82 -21.14 21.53
CA PRO B 67 1.49 -22.36 20.79
C PRO B 67 0.17 -22.18 20.03
N GLU B 68 -0.27 -23.18 19.32
CA GLU B 68 -1.54 -23.06 18.56
C GLU B 68 -1.52 -21.78 17.74
N ALA B 69 -2.64 -21.38 17.19
CA ALA B 69 -2.68 -20.14 16.39
C ALA B 69 -4.06 -19.96 15.75
N PRO B 70 -4.47 -20.95 15.00
CA PRO B 70 -5.78 -20.93 14.32
C PRO B 70 -6.91 -21.23 15.33
N GLU B 71 -7.48 -20.21 15.91
CA GLU B 71 -8.58 -20.43 16.89
C GLU B 71 -9.92 -20.46 16.16
N ALA B 72 -11.00 -20.46 16.90
CA ALA B 72 -12.34 -20.49 16.25
C ALA B 72 -12.49 -21.77 15.43
N PRO B 73 -13.64 -22.39 15.54
CA PRO B 73 -13.93 -23.63 14.80
C PRO B 73 -14.29 -23.32 13.35
N GLY B 74 -14.06 -24.25 12.46
CA GLY B 74 -14.38 -24.01 11.03
C GLY B 74 -15.80 -24.52 10.73
N GLY B 75 -16.78 -24.06 11.46
CA GLY B 75 -18.16 -24.53 11.22
C GLY B 75 -19.16 -23.46 11.69
N SER B 76 -20.38 -23.86 11.94
CA SER B 76 -21.40 -22.86 12.40
C SER B 76 -21.75 -21.93 11.25
N ALA B 77 -22.57 -22.38 10.34
CA ALA B 77 -22.97 -21.52 9.19
C ALA B 77 -24.36 -21.91 8.71
N VAL B 78 -25.36 -21.71 9.53
CA VAL B 78 -26.75 -22.07 9.13
C VAL B 78 -26.85 -23.58 8.93
C ACE A 1 33.84 21.92 -6.75
O ACE A 1 34.46 21.45 -7.69
CH3 ACE A 1 34.42 23.07 -5.92
H1 ACE A 1 34.38 23.99 -6.47
H2 ACE A 1 35.46 22.85 -5.69
H3 ACE A 1 33.86 23.16 -5.00
N MET A 2 32.66 21.48 -6.42
CA MET A 2 32.03 20.38 -7.20
C MET A 2 32.15 20.67 -8.69
N ASP A 3 32.03 19.66 -9.52
CA ASP A 3 32.14 19.89 -10.99
C ASP A 3 32.27 18.55 -11.73
N LEU A 4 32.75 17.54 -11.06
CA LEU A 4 32.91 16.22 -11.73
C LEU A 4 31.65 15.37 -11.49
N VAL A 5 31.14 15.39 -10.30
CA VAL A 5 29.92 14.57 -9.99
C VAL A 5 28.74 15.10 -10.81
N LYS A 6 28.78 16.34 -11.19
CA LYS A 6 27.66 16.92 -12.00
C LYS A 6 27.85 16.56 -13.47
N ASN A 7 28.73 15.64 -13.75
CA ASN A 7 28.97 15.23 -15.18
C ASN A 7 28.26 13.93 -15.49
N HIS A 8 28.64 12.87 -14.83
CA HIS A 8 28.00 11.57 -15.11
C HIS A 8 26.69 11.46 -14.36
N LEU A 9 26.45 12.31 -13.39
CA LEU A 9 25.15 12.28 -12.59
C LEU A 9 23.99 11.61 -13.36
N MET A 10 23.92 11.65 -14.65
CA MET A 10 22.77 10.94 -15.27
C MET A 10 22.98 9.45 -14.98
N TYR A 11 24.17 8.97 -15.26
CA TYR A 11 24.54 7.54 -14.99
C TYR A 11 24.13 7.10 -13.57
N ALA A 12 23.74 8.01 -12.72
CA ALA A 12 23.39 7.61 -11.33
C ALA A 12 22.76 8.80 -10.63
N VAL A 13 23.36 9.93 -10.83
CA VAL A 13 22.88 11.20 -10.22
C VAL A 13 23.51 11.37 -8.84
N ARG A 14 24.67 10.81 -8.65
CA ARG A 14 25.38 10.94 -7.35
C ARG A 14 25.29 12.39 -6.87
N GLU A 15 24.31 12.69 -6.05
CA GLU A 15 24.16 14.08 -5.55
C GLU A 15 22.89 14.17 -4.71
N GLU A 16 21.89 13.39 -5.05
CA GLU A 16 20.63 13.42 -4.27
C GLU A 16 20.70 12.38 -3.15
N VAL A 17 21.85 12.21 -2.57
CA VAL A 17 22.00 11.20 -1.47
C VAL A 17 21.85 9.79 -2.02
N GLU A 18 22.82 8.95 -1.76
CA GLU A 18 22.74 7.55 -2.27
C GLU A 18 21.59 6.83 -1.58
N ILE A 19 21.31 7.17 -0.35
CA ILE A 19 20.20 6.51 0.37
C ILE A 19 18.86 6.97 -0.21
N LEU A 20 18.75 8.24 -0.51
CA LEU A 20 17.48 8.76 -1.09
C LEU A 20 17.32 8.20 -2.50
N LYS A 21 18.41 7.99 -3.19
CA LYS A 21 18.33 7.44 -4.57
C LYS A 21 17.93 5.97 -4.48
N GLU A 22 18.45 5.27 -3.50
CA GLU A 22 18.10 3.85 -3.33
C GLU A 22 16.71 3.75 -2.71
N GLN A 23 16.27 4.82 -2.09
CA GLN A 23 14.92 4.82 -1.47
C GLN A 23 13.89 5.06 -2.56
N ILE A 24 14.22 5.89 -3.51
CA ILE A 24 13.27 6.17 -4.62
C ILE A 24 13.33 5.00 -5.59
N ARG A 25 14.46 4.37 -5.71
CA ARG A 25 14.58 3.19 -6.60
C ARG A 25 13.84 2.03 -5.94
N GLU A 26 13.97 1.91 -4.64
CA GLU A 26 13.27 0.81 -3.92
C GLU A 26 11.80 1.19 -3.77
N LEU A 27 11.48 2.45 -3.84
CA LEU A 27 10.06 2.87 -3.73
C LEU A 27 9.38 2.61 -5.06
N VAL A 28 10.12 2.76 -6.13
CA VAL A 28 9.55 2.49 -7.48
C VAL A 28 9.57 0.99 -7.72
N GLU A 29 10.50 0.31 -7.10
CA GLU A 29 10.57 -1.17 -7.27
C GLU A 29 9.53 -1.81 -6.36
N LYS A 30 9.24 -1.15 -5.26
CA LYS A 30 8.21 -1.68 -4.32
C LYS A 30 6.84 -1.30 -4.86
N ASN A 31 6.75 -0.19 -5.53
CA ASN A 31 5.44 0.22 -6.12
C ASN A 31 5.20 -0.60 -7.38
N SER A 32 6.25 -0.94 -8.08
CA SER A 32 6.10 -1.75 -9.31
C SER A 32 5.76 -3.18 -8.89
N GLN A 33 6.38 -3.65 -7.83
CA GLN A 33 6.10 -5.03 -7.35
C GLN A 33 4.73 -5.05 -6.68
N LEU A 34 4.33 -3.97 -6.08
CA LEU A 34 3.00 -3.93 -5.42
C LEU A 34 1.94 -3.68 -6.50
N GLU A 35 2.32 -3.09 -7.59
CA GLU A 35 1.35 -2.84 -8.69
C GLU A 35 1.19 -4.13 -9.47
N ARG A 36 2.22 -4.93 -9.51
CA ARG A 36 2.15 -6.23 -10.23
C ARG A 36 1.39 -7.22 -9.36
N GLU A 37 1.67 -7.22 -8.08
CA GLU A 37 0.95 -8.16 -7.17
C GLU A 37 -0.46 -7.62 -6.94
N ASN A 38 -0.63 -6.34 -7.04
CA ASN A 38 -1.98 -5.75 -6.86
C ASN A 38 -2.79 -6.00 -8.13
N THR A 39 -2.12 -6.01 -9.25
CA THR A 39 -2.83 -6.27 -10.54
C THR A 39 -3.13 -7.76 -10.64
N LEU A 40 -2.28 -8.57 -10.06
CA LEU A 40 -2.51 -10.04 -10.11
C LEU A 40 -3.59 -10.40 -9.08
N LEU A 41 -3.64 -9.68 -7.99
CA LEU A 41 -4.67 -9.96 -6.96
C LEU A 41 -6.01 -9.38 -7.42
N LYS A 42 -5.96 -8.30 -8.15
CA LYS A 42 -7.22 -7.68 -8.66
C LYS A 42 -7.75 -8.55 -9.80
N THR A 43 -6.89 -9.07 -10.61
CA THR A 43 -7.34 -9.94 -11.74
C THR A 43 -7.72 -11.31 -11.17
N LEU A 44 -7.05 -11.72 -10.12
CA LEU A 44 -7.37 -13.04 -9.50
C LEU A 44 -8.74 -12.95 -8.84
N ALA A 45 -9.03 -11.84 -8.21
CA ALA A 45 -10.36 -11.68 -7.56
C ALA A 45 -11.31 -10.98 -8.54
N SER A 46 -10.90 -10.87 -9.77
CA SER A 46 -11.76 -10.20 -10.79
C SER A 46 -13.00 -11.05 -11.09
N PRO A 47 -12.82 -12.34 -11.25
CA PRO A 47 -13.94 -13.26 -11.55
C PRO A 47 -14.77 -13.57 -10.30
N GLU A 48 -14.70 -12.75 -9.30
CA GLU A 48 -15.51 -13.00 -8.07
C GLU A 48 -15.23 -11.90 -7.04
N GLN A 49 -15.91 -10.78 -7.17
CA GLN A 49 -15.70 -9.63 -6.23
C GLN A 49 -16.41 -8.45 -6.84
N LEU A 50 -17.62 -8.64 -7.27
CA LEU A 50 -18.35 -7.55 -7.92
C LEU A 50 -19.14 -6.74 -6.89
N GLU A 51 -20.33 -6.31 -7.24
CA GLU A 51 -21.17 -5.54 -6.28
C GLU A 51 -22.01 -6.54 -5.50
N LYS A 52 -22.92 -7.19 -6.18
CA LYS A 52 -23.76 -8.25 -5.56
C LYS A 52 -24.56 -8.91 -6.68
N PHE A 53 -24.50 -10.20 -6.69
CA PHE A 53 -25.08 -10.96 -7.83
C PHE A 53 -25.61 -12.28 -7.31
N GLN A 54 -24.72 -13.16 -6.97
CA GLN A 54 -25.10 -14.48 -6.44
C GLN A 54 -25.37 -14.33 -4.93
N SER A 55 -25.36 -13.11 -4.44
CA SER A 55 -25.60 -12.91 -2.98
C SER A 55 -24.70 -13.88 -2.21
N ARG A 56 -23.40 -13.70 -2.31
CA ARG A 56 -22.49 -14.64 -1.60
C ARG A 56 -21.04 -14.39 -2.04
N LEU A 57 -20.64 -13.16 -2.19
CA LEU A 57 -19.22 -12.92 -2.61
C LEU A 57 -18.67 -11.67 -1.90
N SER A 58 -18.42 -10.62 -2.63
CA SER A 58 -17.88 -9.38 -2.02
C SER A 58 -18.87 -8.85 -0.98
N PRO A 59 -18.49 -8.86 0.27
CA PRO A 59 -19.36 -8.38 1.34
C PRO A 59 -19.44 -6.88 1.33
N GLU A 60 -20.31 -6.38 0.52
CA GLU A 60 -20.51 -4.91 0.38
C GLU A 60 -21.26 -4.62 -0.91
N GLU A 61 -21.73 -3.41 -1.08
CA GLU A 61 -22.46 -3.06 -2.33
C GLU A 61 -23.12 -1.68 -2.18
N PRO A 62 -23.91 -1.54 -1.14
CA PRO A 62 -24.62 -0.28 -0.87
C PRO A 62 -23.68 0.76 -0.26
N ALA A 63 -24.11 1.99 -0.19
CA ALA A 63 -23.25 3.07 0.40
C ALA A 63 -23.78 4.43 -0.05
N PRO A 64 -23.97 4.59 -1.35
CA PRO A 64 -24.47 5.84 -1.93
C PRO A 64 -25.98 5.92 -1.78
N GLU A 65 -26.54 7.10 -1.92
CA GLU A 65 -28.03 7.24 -1.77
C GLU A 65 -28.49 6.38 -0.59
N THR A 66 -27.76 6.43 0.49
CA THR A 66 -28.12 5.63 1.69
C THR A 66 -27.25 6.06 2.87
N PRO A 67 -27.80 5.96 4.05
CA PRO A 67 -27.11 6.34 5.28
C PRO A 67 -26.11 5.26 5.69
N GLU A 68 -24.89 5.65 6.00
CA GLU A 68 -23.87 4.64 6.41
C GLU A 68 -23.05 5.19 7.57
N ALA A 69 -23.70 5.67 8.60
CA ALA A 69 -22.96 6.22 9.76
C ALA A 69 -23.90 7.09 10.60
N PRO A 70 -24.27 6.59 11.76
CA PRO A 70 -25.18 7.31 12.68
C PRO A 70 -24.42 8.41 13.41
N GLU A 71 -25.04 9.01 14.39
CA GLU A 71 -24.35 10.09 15.16
C GLU A 71 -23.30 9.49 16.09
N ALA A 72 -23.51 8.27 16.53
CA ALA A 72 -22.53 7.63 17.44
C ALA A 72 -23.15 6.34 18.00
N PRO A 73 -22.66 5.21 17.53
CA PRO A 73 -23.15 3.89 17.97
C PRO A 73 -22.58 3.55 19.35
N GLY A 74 -23.21 4.01 20.39
CA GLY A 74 -22.71 3.71 21.76
C GLY A 74 -21.20 3.96 21.82
N GLY A 75 -20.42 2.91 21.73
CA GLY A 75 -18.94 3.09 21.79
C GLY A 75 -18.55 3.74 23.12
N SER A 76 -18.39 5.04 23.13
CA SER A 76 -18.01 5.73 24.40
C SER A 76 -18.29 7.22 24.27
N ALA A 77 -19.19 7.74 25.07
CA ALA A 77 -19.50 9.20 25.00
C ALA A 77 -18.60 9.96 25.98
N VAL A 78 -18.77 9.75 27.25
CA VAL A 78 -17.93 10.46 28.25
C VAL A 78 -17.00 9.47 28.93
C ACE B 1 19.83 21.67 -16.49
O ACE B 1 20.04 22.00 -15.33
CH3 ACE B 1 20.41 20.38 -17.06
H1 ACE B 1 20.84 20.59 -18.04
H2 ACE B 1 19.63 19.64 -17.16
H3 ACE B 1 21.19 20.01 -16.41
N MET B 2 19.09 22.40 -17.28
CA MET B 2 18.48 23.67 -16.77
C MET B 2 19.60 24.70 -16.54
N ASP B 3 19.25 25.87 -16.09
CA ASP B 3 20.29 26.91 -15.86
C ASP B 3 19.69 28.06 -15.03
N LEU B 4 18.68 28.71 -15.54
CA LEU B 4 18.06 29.84 -14.79
C LEU B 4 17.50 29.33 -13.46
N VAL B 5 17.22 28.06 -13.36
CA VAL B 5 16.68 27.53 -12.08
C VAL B 5 17.78 27.54 -11.02
N LYS B 6 19.01 27.41 -11.44
CA LYS B 6 20.14 27.43 -10.46
C LYS B 6 20.60 28.88 -10.25
N ASN B 7 19.71 29.82 -10.42
CA ASN B 7 20.08 31.26 -10.24
C ASN B 7 19.30 31.82 -9.06
N HIS B 8 18.00 31.78 -9.14
CA HIS B 8 17.18 32.31 -8.03
C HIS B 8 17.10 31.27 -6.94
N LEU B 9 17.51 30.05 -7.21
CA LEU B 9 17.49 28.95 -6.19
C LEU B 9 17.54 29.46 -4.73
N MET B 10 18.11 30.58 -4.42
CA MET B 10 18.05 30.97 -2.99
C MET B 10 16.57 31.31 -2.70
N TYR B 11 15.98 32.10 -3.55
CA TYR B 11 14.54 32.49 -3.43
C TYR B 11 13.63 31.30 -3.10
N ALA B 12 14.12 30.10 -3.22
CA ALA B 12 13.26 28.91 -2.98
C ALA B 12 14.14 27.69 -2.83
N VAL B 13 15.11 27.62 -3.68
CA VAL B 13 16.07 26.49 -3.70
C VAL B 13 15.32 25.29 -4.32
N ARG B 14 14.39 25.61 -5.17
CA ARG B 14 13.57 24.58 -5.87
C ARG B 14 14.49 23.59 -6.59
N GLU B 15 15.73 23.94 -6.79
CA GLU B 15 16.67 23.02 -7.50
C GLU B 15 16.82 21.69 -6.76
N GLU B 16 16.75 21.71 -5.45
CA GLU B 16 16.92 20.42 -4.70
C GLU B 16 16.04 20.40 -3.45
N VAL B 17 16.02 19.30 -2.75
CA VAL B 17 15.19 19.19 -1.51
C VAL B 17 13.74 18.87 -1.87
N GLU B 18 13.06 19.81 -2.46
CA GLU B 18 11.63 19.57 -2.83
C GLU B 18 11.50 18.48 -3.88
N ILE B 19 12.38 18.44 -4.84
CA ILE B 19 12.29 17.40 -5.90
C ILE B 19 12.54 16.02 -5.28
N LEU B 20 13.19 15.96 -4.15
CA LEU B 20 13.48 14.66 -3.51
C LEU B 20 12.30 14.26 -2.61
N LYS B 21 11.82 15.16 -1.81
CA LYS B 21 10.68 14.84 -0.91
C LYS B 21 9.40 14.71 -1.74
N GLU B 22 9.37 15.29 -2.91
CA GLU B 22 8.16 15.19 -3.76
C GLU B 22 8.15 13.84 -4.47
N GLN B 23 9.29 13.36 -4.86
CA GLN B 23 9.34 12.04 -5.55
C GLN B 23 9.16 10.94 -4.50
N ILE B 24 9.70 11.14 -3.32
CA ILE B 24 9.55 10.11 -2.26
C ILE B 24 8.14 10.22 -1.66
N ARG B 25 7.57 11.39 -1.67
CA ARG B 25 6.19 11.55 -1.11
C ARG B 25 5.20 10.99 -2.13
N GLU B 26 5.47 11.20 -3.39
CA GLU B 26 4.56 10.67 -4.44
C GLU B 26 4.79 9.18 -4.58
N LEU B 27 5.99 8.75 -4.27
CA LEU B 27 6.30 7.29 -4.36
C LEU B 27 5.66 6.59 -3.16
N VAL B 28 5.65 7.24 -2.03
CA VAL B 28 5.03 6.62 -0.83
C VAL B 28 3.52 6.85 -0.89
N GLU B 29 3.10 7.82 -1.65
CA GLU B 29 1.64 8.09 -1.78
C GLU B 29 1.05 7.08 -2.75
N LYS B 30 1.77 6.76 -3.78
CA LYS B 30 1.28 5.75 -4.77
C LYS B 30 1.46 4.37 -4.16
N ASN B 31 2.53 4.17 -3.43
CA ASN B 31 2.75 2.85 -2.79
C ASN B 31 1.70 2.67 -1.70
N SER B 32 1.36 3.73 -1.02
CA SER B 32 0.33 3.64 0.04
C SER B 32 -1.02 3.38 -0.63
N GLN B 33 -1.27 4.00 -1.75
CA GLN B 33 -2.55 3.77 -2.46
C GLN B 33 -2.60 2.31 -2.90
N LEU B 34 -1.47 1.75 -3.25
CA LEU B 34 -1.44 0.33 -3.67
C LEU B 34 -1.35 -0.55 -2.43
N GLU B 35 -1.01 0.03 -1.31
CA GLU B 35 -0.93 -0.77 -0.05
C GLU B 35 -2.34 -0.99 0.50
N ARG B 36 -3.15 0.03 0.46
CA ARG B 36 -4.54 -0.11 0.97
C ARG B 36 -5.39 -0.81 -0.09
N GLU B 37 -5.06 -0.65 -1.34
CA GLU B 37 -5.85 -1.32 -2.41
C GLU B 37 -5.40 -2.77 -2.51
N ASN B 38 -4.14 -3.02 -2.34
CA ASN B 38 -3.62 -4.41 -2.41
C ASN B 38 -4.00 -5.15 -1.13
N THR B 39 -4.03 -4.46 -0.02
CA THR B 39 -4.40 -5.13 1.25
C THR B 39 -5.90 -5.43 1.25
N LEU B 40 -6.68 -4.55 0.67
CA LEU B 40 -8.15 -4.79 0.63
C LEU B 40 -8.46 -5.86 -0.42
N LEU B 41 -7.72 -5.88 -1.50
CA LEU B 41 -7.98 -6.92 -2.54
C LEU B 41 -7.32 -8.23 -2.10
N LYS B 42 -6.35 -8.15 -1.23
CA LYS B 42 -5.68 -9.39 -0.74
C LYS B 42 -6.53 -9.98 0.37
N THR B 43 -7.20 -9.15 1.13
CA THR B 43 -8.06 -9.68 2.22
C THR B 43 -9.40 -10.11 1.64
N LEU B 44 -9.87 -9.44 0.63
CA LEU B 44 -11.17 -9.82 0.01
C LEU B 44 -10.96 -11.06 -0.85
N ALA B 45 -9.86 -11.12 -1.57
CA ALA B 45 -9.60 -12.31 -2.42
C ALA B 45 -9.20 -13.48 -1.51
N SER B 46 -8.43 -13.20 -0.49
CA SER B 46 -8.00 -14.27 0.45
C SER B 46 -8.14 -13.75 1.88
N PRO B 47 -9.34 -13.79 2.38
CA PRO B 47 -9.66 -13.32 3.75
C PRO B 47 -9.28 -14.37 4.79
N GLU B 48 -9.80 -15.55 4.67
CA GLU B 48 -9.47 -16.61 5.66
C GLU B 48 -8.13 -17.27 5.30
N GLN B 49 -7.08 -16.88 5.95
CA GLN B 49 -5.75 -17.47 5.67
C GLN B 49 -4.82 -16.89 6.70
N LEU B 50 -5.35 -16.67 7.86
CA LEU B 50 -4.59 -16.06 8.94
C LEU B 50 -5.28 -16.39 10.25
N GLU B 51 -4.57 -16.91 11.19
CA GLU B 51 -5.24 -17.20 12.48
C GLU B 51 -5.84 -15.85 12.90
N LYS B 52 -5.09 -14.80 12.61
CA LYS B 52 -5.55 -13.40 12.89
C LYS B 52 -4.42 -12.53 13.45
N PHE B 53 -3.91 -11.65 12.63
CA PHE B 53 -2.83 -10.71 13.09
C PHE B 53 -2.16 -10.07 11.87
N GLN B 54 -1.09 -10.63 11.40
CA GLN B 54 -0.38 -10.04 10.23
C GLN B 54 -0.45 -11.00 9.04
N SER B 55 -0.93 -10.55 7.91
CA SER B 55 -0.99 -11.46 6.72
C SER B 55 0.41 -12.03 6.48
N ARG B 56 0.72 -13.15 7.09
CA ARG B 56 2.09 -13.74 6.91
C ARG B 56 2.29 -14.93 7.85
N LEU B 57 1.25 -15.59 8.27
CA LEU B 57 1.43 -16.73 9.19
C LEU B 57 0.07 -17.39 9.40
N SER B 58 0.01 -18.29 10.35
CA SER B 58 -1.25 -19.03 10.69
C SER B 58 -0.99 -20.54 10.74
N PRO B 59 -0.10 -21.04 9.91
CA PRO B 59 0.20 -22.48 9.93
C PRO B 59 1.15 -22.81 11.08
N GLU B 60 0.64 -23.57 12.01
CA GLU B 60 1.44 -23.99 13.22
C GLU B 60 1.04 -23.12 14.44
N GLU B 61 1.60 -21.94 14.55
CA GLU B 61 1.25 -21.07 15.71
C GLU B 61 1.63 -21.76 17.02
N PRO B 62 2.36 -21.06 17.86
CA PRO B 62 2.79 -21.59 19.17
C PRO B 62 1.63 -21.51 20.17
N ALA B 63 1.41 -22.56 20.91
CA ALA B 63 0.28 -22.52 21.90
C ALA B 63 0.73 -23.13 23.23
N PRO B 64 -0.14 -23.06 24.21
CA PRO B 64 0.11 -23.59 25.56
C PRO B 64 -0.04 -25.11 25.59
N GLU B 65 -0.19 -25.66 26.76
CA GLU B 65 -0.34 -27.14 26.89
C GLU B 65 -1.67 -27.58 26.28
N THR B 66 -1.70 -27.77 25.00
CA THR B 66 -2.96 -28.21 24.32
C THR B 66 -2.63 -28.66 22.90
N PRO B 67 -3.44 -29.56 22.39
CA PRO B 67 -3.27 -30.10 21.04
C PRO B 67 -3.76 -29.09 20.00
N GLU B 68 -3.37 -29.23 18.77
CA GLU B 68 -3.81 -28.26 17.73
C GLU B 68 -4.60 -28.99 16.64
N ALA B 69 -5.88 -28.77 16.58
CA ALA B 69 -6.71 -29.44 15.52
C ALA B 69 -6.43 -28.76 14.18
N PRO B 70 -6.33 -29.56 13.14
CA PRO B 70 -6.07 -29.06 11.79
C PRO B 70 -7.34 -28.46 11.17
N GLU B 71 -7.28 -28.13 9.92
CA GLU B 71 -8.48 -27.55 9.25
C GLU B 71 -9.19 -28.64 8.44
N ALA B 72 -9.67 -29.66 9.11
CA ALA B 72 -10.37 -30.76 8.39
C ALA B 72 -11.79 -30.33 8.00
N PRO B 73 -12.52 -29.86 8.98
CA PRO B 73 -13.91 -29.41 8.77
C PRO B 73 -13.94 -28.01 8.15
N GLY B 74 -14.84 -27.76 7.23
CA GLY B 74 -14.90 -26.42 6.59
C GLY B 74 -14.01 -26.40 5.34
N GLY B 75 -13.49 -27.54 4.96
CA GLY B 75 -12.61 -27.58 3.75
C GLY B 75 -13.43 -28.00 2.53
N SER B 76 -13.86 -27.05 1.74
CA SER B 76 -14.66 -27.40 0.54
C SER B 76 -15.91 -28.17 0.97
N ALA B 77 -16.65 -27.64 1.90
CA ALA B 77 -17.88 -28.34 2.36
C ALA B 77 -17.60 -29.84 2.51
N VAL B 78 -16.54 -30.20 3.18
CA VAL B 78 -16.21 -31.63 3.36
C VAL B 78 -16.15 -32.30 1.98
C ACE A 1 31.69 25.30 -5.37
O ACE A 1 31.43 24.12 -5.22
CH3 ACE A 1 32.61 26.04 -4.40
H1 ACE A 1 32.15 26.97 -4.11
H2 ACE A 1 33.56 26.24 -4.88
H3 ACE A 1 32.77 25.43 -3.52
N MET A 2 31.20 25.97 -6.37
CA MET A 2 30.30 25.31 -7.35
C MET A 2 31.05 25.04 -8.65
N ASP A 3 30.51 24.20 -9.50
CA ASP A 3 31.18 23.88 -10.80
C ASP A 3 32.24 22.80 -10.60
N LEU A 4 32.60 22.53 -9.37
CA LEU A 4 33.61 21.47 -9.11
C LEU A 4 32.90 20.20 -8.65
N VAL A 5 31.85 20.35 -7.88
CA VAL A 5 31.09 19.15 -7.41
C VAL A 5 30.56 18.40 -8.63
N LYS A 6 30.35 19.12 -9.71
CA LYS A 6 29.85 18.48 -10.95
C LYS A 6 31.03 18.02 -11.80
N ASN A 7 32.13 17.73 -11.17
CA ASN A 7 33.35 17.29 -11.92
C ASN A 7 33.83 15.96 -11.37
N HIS A 8 34.26 15.96 -10.14
CA HIS A 8 34.75 14.69 -9.52
C HIS A 8 33.56 13.88 -9.07
N LEU A 9 32.38 14.46 -8.98
CA LEU A 9 31.15 13.71 -8.55
C LEU A 9 31.23 12.19 -8.81
N MET A 10 31.95 11.72 -9.78
CA MET A 10 32.00 10.24 -9.90
C MET A 10 32.69 9.73 -8.64
N TYR A 11 33.82 10.32 -8.33
CA TYR A 11 34.59 9.98 -7.09
C TYR A 11 33.69 9.94 -5.85
N ALA A 12 32.48 10.40 -5.94
CA ALA A 12 31.61 10.41 -4.73
C ALA A 12 30.21 10.87 -5.12
N VAL A 13 30.16 11.83 -5.99
CA VAL A 13 28.86 12.38 -6.46
C VAL A 13 28.33 13.35 -5.41
N ARG A 14 29.19 13.83 -4.56
CA ARG A 14 28.78 14.78 -3.50
C ARG A 14 27.78 15.79 -4.08
N GLU A 15 26.56 15.74 -3.63
CA GLU A 15 25.51 16.69 -4.14
C GLU A 15 24.13 16.10 -3.86
N GLU A 16 23.93 14.84 -4.12
CA GLU A 16 22.61 14.22 -3.86
C GLU A 16 22.72 13.26 -2.67
N VAL A 17 21.91 12.23 -2.64
CA VAL A 17 22.00 11.27 -1.50
C VAL A 17 21.84 9.83 -2.03
N GLU A 18 22.81 9.00 -1.76
CA GLU A 18 22.72 7.59 -2.24
C GLU A 18 21.57 6.87 -1.52
N ILE A 19 21.28 7.28 -0.32
CA ILE A 19 20.17 6.63 0.43
C ILE A 19 18.83 7.05 -0.16
N LEU A 20 18.69 8.30 -0.52
CA LEU A 20 17.40 8.77 -1.10
C LEU A 20 17.25 8.23 -2.52
N LYS A 21 18.34 8.05 -3.23
CA LYS A 21 18.24 7.51 -4.62
C LYS A 21 17.91 6.02 -4.51
N GLU A 22 18.46 5.35 -3.53
CA GLU A 22 18.17 3.90 -3.35
C GLU A 22 16.77 3.77 -2.76
N GLN A 23 16.32 4.78 -2.07
CA GLN A 23 14.96 4.74 -1.47
C GLN A 23 13.95 5.04 -2.58
N ILE A 24 14.34 5.84 -3.53
CA ILE A 24 13.42 6.17 -4.65
C ILE A 24 13.40 4.98 -5.60
N ARG A 25 14.50 4.30 -5.74
CA ARG A 25 14.54 3.11 -6.63
C ARG A 25 13.84 1.96 -5.91
N GLU A 26 13.94 1.93 -4.61
CA GLU A 26 13.27 0.87 -3.83
C GLU A 26 11.79 1.23 -3.73
N LEU A 27 11.48 2.49 -3.83
CA LEU A 27 10.05 2.91 -3.77
C LEU A 27 9.40 2.60 -5.12
N VAL A 28 10.14 2.77 -6.19
CA VAL A 28 9.59 2.48 -7.53
C VAL A 28 9.62 0.96 -7.74
N GLU A 29 10.53 0.29 -7.10
CA GLU A 29 10.60 -1.19 -7.25
C GLU A 29 9.52 -1.82 -6.37
N LYS A 30 9.24 -1.22 -5.25
CA LYS A 30 8.18 -1.76 -4.36
C LYS A 30 6.83 -1.34 -4.93
N ASN A 31 6.79 -0.23 -5.62
CA ASN A 31 5.51 0.23 -6.23
C ASN A 31 5.22 -0.64 -7.45
N SER A 32 6.25 -1.00 -8.17
CA SER A 32 6.05 -1.86 -9.38
C SER A 32 5.76 -3.28 -8.89
N GLN A 33 6.34 -3.68 -7.79
CA GLN A 33 6.10 -5.04 -7.27
C GLN A 33 4.70 -5.08 -6.64
N LEU A 34 4.28 -4.00 -6.06
CA LEU A 34 2.92 -3.95 -5.44
C LEU A 34 1.91 -3.68 -6.54
N GLU A 35 2.35 -3.13 -7.63
CA GLU A 35 1.43 -2.85 -8.76
C GLU A 35 1.22 -4.15 -9.53
N ARG A 36 2.24 -4.96 -9.59
CA ARG A 36 2.12 -6.25 -10.30
C ARG A 36 1.39 -7.25 -9.39
N GLU A 37 1.68 -7.22 -8.12
CA GLU A 37 0.98 -8.15 -7.19
C GLU A 37 -0.44 -7.63 -6.97
N ASN A 38 -0.62 -6.35 -7.03
CA ASN A 38 -1.97 -5.76 -6.86
C ASN A 38 -2.77 -6.00 -8.14
N THR A 39 -2.11 -6.03 -9.26
CA THR A 39 -2.81 -6.28 -10.55
C THR A 39 -3.16 -7.76 -10.63
N LEU A 40 -2.30 -8.60 -10.12
CA LEU A 40 -2.57 -10.06 -10.15
C LEU A 40 -3.59 -10.39 -9.07
N LEU A 41 -3.64 -9.61 -8.03
CA LEU A 41 -4.62 -9.87 -6.95
C LEU A 41 -6.00 -9.38 -7.40
N LYS A 42 -6.04 -8.25 -8.07
CA LYS A 42 -7.34 -7.73 -8.55
C LYS A 42 -7.78 -8.55 -9.76
N THR A 43 -6.86 -9.11 -10.48
CA THR A 43 -7.22 -9.93 -11.67
C THR A 43 -7.68 -11.30 -11.18
N LEU A 44 -7.06 -11.81 -10.15
CA LEU A 44 -7.46 -13.14 -9.61
C LEU A 44 -8.79 -12.99 -8.86
N ALA A 45 -9.00 -11.86 -8.25
CA ALA A 45 -10.28 -11.64 -7.51
C ALA A 45 -11.28 -10.96 -8.45
N SER A 46 -10.96 -10.88 -9.71
CA SER A 46 -11.87 -10.23 -10.69
C SER A 46 -12.99 -11.20 -11.12
N PRO A 47 -12.66 -12.47 -11.32
CA PRO A 47 -13.65 -13.46 -11.76
C PRO A 47 -14.59 -13.88 -10.63
N GLU A 48 -14.08 -14.34 -9.52
CA GLU A 48 -15.00 -14.74 -8.41
C GLU A 48 -14.28 -14.71 -7.06
N GLN A 49 -14.84 -13.99 -6.12
CA GLN A 49 -14.22 -13.89 -4.77
C GLN A 49 -15.01 -12.84 -4.03
N LEU A 50 -16.29 -12.84 -4.26
CA LEU A 50 -17.17 -11.85 -3.64
C LEU A 50 -18.48 -12.53 -3.30
N GLU A 51 -18.80 -12.59 -2.03
CA GLU A 51 -20.10 -13.23 -1.63
C GLU A 51 -21.14 -12.80 -2.65
N LYS A 52 -20.95 -11.62 -3.20
CA LYS A 52 -21.85 -11.08 -4.25
C LYS A 52 -23.08 -10.45 -3.61
N PHE A 53 -23.52 -10.99 -2.50
CA PHE A 53 -24.64 -10.41 -1.73
C PHE A 53 -25.50 -9.48 -2.61
N GLN A 54 -25.43 -8.20 -2.40
CA GLN A 54 -26.18 -7.26 -3.24
C GLN A 54 -25.94 -7.61 -4.71
N SER A 55 -24.70 -7.47 -5.12
CA SER A 55 -24.27 -7.76 -6.52
C SER A 55 -23.45 -6.56 -7.01
N ARG A 56 -22.60 -6.03 -6.16
CA ARG A 56 -21.79 -4.85 -6.58
C ARG A 56 -20.75 -4.51 -5.50
N LEU A 57 -21.17 -4.03 -4.36
CA LEU A 57 -20.20 -3.66 -3.31
C LEU A 57 -19.33 -4.86 -2.95
N SER A 58 -18.71 -4.78 -1.83
CA SER A 58 -17.82 -5.87 -1.37
C SER A 58 -17.15 -5.46 -0.05
N PRO A 59 -16.44 -4.35 -0.07
CA PRO A 59 -15.76 -3.83 1.11
C PRO A 59 -16.77 -3.15 2.05
N GLU A 60 -16.81 -3.58 3.28
CA GLU A 60 -17.76 -2.95 4.24
C GLU A 60 -19.17 -2.93 3.65
N GLU A 61 -20.14 -2.51 4.41
CA GLU A 61 -21.54 -2.46 3.89
C GLU A 61 -22.52 -2.34 5.07
N PRO A 62 -22.37 -3.24 6.03
CA PRO A 62 -23.22 -3.23 7.23
C PRO A 62 -22.74 -2.19 8.23
N ALA A 63 -23.63 -1.60 8.98
CA ALA A 63 -23.20 -0.57 9.97
C ALA A 63 -24.44 0.15 10.53
N PRO A 64 -25.03 -0.44 11.54
CA PRO A 64 -26.23 0.12 12.19
C PRO A 64 -25.82 1.22 13.18
N GLU A 65 -26.74 1.65 13.99
CA GLU A 65 -26.42 2.72 14.97
C GLU A 65 -25.92 2.10 16.28
N THR A 66 -24.90 1.29 16.21
CA THR A 66 -24.38 0.64 17.44
C THR A 66 -23.63 1.68 18.28
N PRO A 67 -23.80 1.59 19.58
CA PRO A 67 -23.14 2.51 20.53
C PRO A 67 -21.68 2.10 20.74
N GLU A 68 -20.83 3.02 21.08
CA GLU A 68 -19.40 2.66 21.29
C GLU A 68 -18.81 3.51 22.42
N ALA A 69 -19.03 3.11 23.65
CA ALA A 69 -18.47 3.89 24.80
C ALA A 69 -19.09 5.29 24.84
N PRO A 70 -20.36 5.33 25.17
CA PRO A 70 -21.09 6.61 25.27
C PRO A 70 -20.77 7.29 26.60
N GLU A 71 -21.51 8.31 26.95
CA GLU A 71 -21.25 9.02 28.23
C GLU A 71 -22.42 8.79 29.19
N ALA A 72 -22.70 7.56 29.52
CA ALA A 72 -23.83 7.27 30.45
C ALA A 72 -23.64 8.07 31.75
N PRO A 73 -24.73 8.56 32.27
CA PRO A 73 -24.73 9.35 33.52
C PRO A 73 -24.62 8.44 34.74
N GLY A 74 -23.46 8.39 35.35
CA GLY A 74 -23.30 7.52 36.55
C GLY A 74 -23.67 6.08 36.18
N GLY A 75 -23.97 5.26 37.16
CA GLY A 75 -24.34 3.85 36.86
C GLY A 75 -25.40 3.38 37.86
N SER A 76 -25.99 4.29 38.59
CA SER A 76 -27.03 3.90 39.58
C SER A 76 -27.77 5.14 40.07
N ALA A 77 -29.07 5.12 40.05
CA ALA A 77 -29.85 6.30 40.53
C ALA A 77 -29.79 6.37 42.05
N VAL A 78 -29.64 5.26 42.71
CA VAL A 78 -29.59 5.27 44.20
C VAL A 78 -29.19 3.87 44.70
C ACE B 1 12.42 26.71 -19.71
O ACE B 1 12.17 27.19 -18.62
CH3 ACE B 1 11.95 27.37 -21.00
H1 ACE B 1 11.55 28.36 -20.78
H2 ACE B 1 11.19 26.77 -21.46
H3 ACE B 1 12.79 27.48 -21.67
N MET B 2 13.10 25.59 -19.81
CA MET B 2 13.58 24.90 -18.59
C MET B 2 15.04 25.28 -18.32
N ASP B 3 15.30 26.54 -18.15
CA ASP B 3 16.71 26.97 -17.89
C ASP B 3 16.72 27.99 -16.75
N LEU B 4 15.88 28.99 -16.82
CA LEU B 4 15.84 30.01 -15.74
C LEU B 4 15.13 29.43 -14.52
N VAL B 5 14.43 28.34 -14.70
CA VAL B 5 13.72 27.72 -13.54
C VAL B 5 14.73 27.00 -12.67
N LYS B 6 15.76 26.47 -13.26
CA LYS B 6 16.79 25.74 -12.47
C LYS B 6 18.07 26.60 -12.40
N ASN B 7 17.93 27.87 -12.12
CA ASN B 7 19.13 28.74 -12.03
C ASN B 7 18.94 29.77 -10.93
N HIS B 8 17.81 30.41 -10.88
CA HIS B 8 17.62 31.41 -9.81
C HIS B 8 17.81 30.74 -8.44
N LEU B 9 17.30 29.52 -8.26
CA LEU B 9 17.41 28.73 -6.96
C LEU B 9 17.73 29.60 -5.75
N MET B 10 18.86 30.23 -5.70
CA MET B 10 19.13 31.07 -4.51
C MET B 10 17.88 31.93 -4.23
N TYR B 11 17.07 32.15 -5.24
CA TYR B 11 15.81 32.93 -5.10
C TYR B 11 14.74 32.01 -4.49
N ALA B 12 14.80 30.79 -4.91
CA ALA B 12 13.85 29.76 -4.49
C ALA B 12 14.44 28.42 -4.91
N VAL B 13 15.44 27.96 -4.23
CA VAL B 13 16.09 26.68 -4.62
C VAL B 13 15.03 25.70 -5.13
N ARG B 14 14.82 25.69 -6.42
CA ARG B 14 13.78 24.80 -7.01
C ARG B 14 14.46 23.69 -7.84
N GLU B 15 15.34 22.94 -7.25
CA GLU B 15 16.02 21.85 -8.00
C GLU B 15 16.24 20.65 -7.08
N GLU B 16 16.56 20.88 -5.84
CA GLU B 16 16.78 19.74 -4.90
C GLU B 16 15.89 19.91 -3.67
N VAL B 17 16.04 19.05 -2.69
CA VAL B 17 15.22 19.14 -1.45
C VAL B 17 13.76 18.78 -1.77
N GLU B 18 13.00 19.71 -2.27
CA GLU B 18 11.57 19.41 -2.59
C GLU B 18 11.48 18.45 -3.79
N ILE B 19 12.49 18.41 -4.60
CA ILE B 19 12.45 17.50 -5.78
C ILE B 19 12.59 16.04 -5.29
N LEU B 20 13.30 15.84 -4.21
CA LEU B 20 13.45 14.46 -3.68
C LEU B 20 12.33 14.17 -2.69
N LYS B 21 11.86 15.16 -1.99
CA LYS B 21 10.75 14.94 -1.02
C LYS B 21 9.45 14.72 -1.79
N GLU B 22 9.33 15.34 -2.93
CA GLU B 22 8.10 15.17 -3.75
C GLU B 22 8.17 13.81 -4.47
N GLN B 23 9.35 13.35 -4.76
CA GLN B 23 9.49 12.03 -5.44
C GLN B 23 9.19 10.93 -4.43
N ILE B 24 9.70 11.07 -3.24
CA ILE B 24 9.45 10.03 -2.19
C ILE B 24 8.04 10.21 -1.66
N ARG B 25 7.51 11.40 -1.74
CA ARG B 25 6.11 11.63 -1.24
C ARG B 25 5.13 11.06 -2.25
N GLU B 26 5.42 11.21 -3.51
CA GLU B 26 4.51 10.69 -4.56
C GLU B 26 4.70 9.17 -4.66
N LEU B 27 5.89 8.70 -4.40
CA LEU B 27 6.15 7.23 -4.47
C LEU B 27 5.59 6.59 -3.21
N VAL B 28 5.59 7.32 -2.12
CA VAL B 28 5.04 6.78 -0.85
C VAL B 28 3.52 6.92 -0.88
N GLU B 29 3.03 7.90 -1.60
CA GLU B 29 1.56 8.09 -1.69
C GLU B 29 1.01 7.08 -2.68
N LYS B 30 1.77 6.77 -3.70
CA LYS B 30 1.31 5.77 -4.70
C LYS B 30 1.48 4.37 -4.09
N ASN B 31 2.52 4.18 -3.32
CA ASN B 31 2.74 2.87 -2.68
C ASN B 31 1.70 2.68 -1.59
N SER B 32 1.34 3.76 -0.93
CA SER B 32 0.31 3.67 0.13
C SER B 32 -1.05 3.42 -0.53
N GLN B 33 -1.28 4.03 -1.67
CA GLN B 33 -2.57 3.80 -2.38
C GLN B 33 -2.61 2.35 -2.86
N LEU B 34 -1.47 1.83 -3.19
CA LEU B 34 -1.42 0.42 -3.67
C LEU B 34 -1.35 -0.52 -2.46
N GLU B 35 -1.00 0.01 -1.32
CA GLU B 35 -0.94 -0.85 -0.09
C GLU B 35 -2.36 -1.00 0.46
N ARG B 36 -3.15 0.03 0.37
CA ARG B 36 -4.54 -0.06 0.90
C ARG B 36 -5.41 -0.79 -0.13
N GLU B 37 -5.09 -0.65 -1.39
CA GLU B 37 -5.89 -1.36 -2.44
C GLU B 37 -5.41 -2.80 -2.54
N ASN B 38 -4.14 -3.02 -2.32
CA ASN B 38 -3.59 -4.40 -2.40
C ASN B 38 -3.97 -5.15 -1.12
N THR B 39 -4.04 -4.45 -0.02
CA THR B 39 -4.41 -5.12 1.25
C THR B 39 -5.91 -5.40 1.25
N LEU B 40 -6.68 -4.54 0.65
CA LEU B 40 -8.15 -4.77 0.60
C LEU B 40 -8.44 -5.84 -0.43
N LEU B 41 -7.68 -5.88 -1.49
CA LEU B 41 -7.90 -6.92 -2.53
C LEU B 41 -7.26 -8.23 -2.06
N LYS B 42 -6.29 -8.14 -1.19
CA LYS B 42 -5.64 -9.38 -0.67
C LYS B 42 -6.51 -9.97 0.43
N THR B 43 -7.20 -9.14 1.16
CA THR B 43 -8.08 -9.64 2.24
C THR B 43 -9.42 -10.07 1.62
N LEU B 44 -9.85 -9.39 0.60
CA LEU B 44 -11.15 -9.75 -0.04
C LEU B 44 -10.93 -11.02 -0.87
N ALA B 45 -9.84 -11.10 -1.57
CA ALA B 45 -9.56 -12.31 -2.40
C ALA B 45 -9.16 -13.46 -1.48
N SER B 46 -8.39 -13.15 -0.46
CA SER B 46 -7.96 -14.21 0.50
C SER B 46 -8.16 -13.70 1.93
N PRO B 47 -9.39 -13.73 2.37
CA PRO B 47 -9.77 -13.26 3.72
C PRO B 47 -9.44 -14.31 4.78
N GLU B 48 -10.25 -15.33 4.91
CA GLU B 48 -9.98 -16.38 5.93
C GLU B 48 -10.05 -15.74 7.31
N GLN B 49 -10.13 -16.53 8.36
CA GLN B 49 -10.22 -15.97 9.73
C GLN B 49 -10.76 -17.06 10.63
N LEU B 50 -9.92 -17.90 11.14
CA LEU B 50 -10.37 -18.98 12.02
C LEU B 50 -9.49 -18.99 13.27
N GLU B 51 -8.64 -19.97 13.41
CA GLU B 51 -7.72 -20.01 14.58
C GLU B 51 -6.28 -20.01 14.06
N LYS B 52 -5.87 -20.98 13.25
CA LYS B 52 -4.45 -20.97 12.78
C LYS B 52 -4.19 -21.70 11.45
N PHE B 53 -3.62 -21.02 10.49
CA PHE B 53 -3.37 -21.69 9.15
C PHE B 53 -2.67 -20.71 8.20
N GLN B 54 -2.98 -19.45 8.33
CA GLN B 54 -2.37 -18.44 7.42
C GLN B 54 -1.21 -17.73 8.12
N SER B 55 -1.03 -17.97 9.39
CA SER B 55 0.06 -17.31 10.14
C SER B 55 -0.40 -15.90 10.55
N ARG B 56 -1.51 -15.44 10.02
CA ARG B 56 -1.98 -14.08 10.40
C ARG B 56 -2.63 -14.16 11.78
N LEU B 57 -3.34 -15.23 12.05
CA LEU B 57 -3.97 -15.38 13.39
C LEU B 57 -2.99 -16.12 14.30
N SER B 58 -2.82 -17.39 14.07
CA SER B 58 -1.92 -18.20 14.90
C SER B 58 -1.00 -19.02 13.99
N PRO B 59 0.26 -19.07 14.34
CA PRO B 59 1.25 -19.83 13.57
C PRO B 59 1.12 -21.32 13.83
N GLU B 60 0.71 -22.05 12.84
CA GLU B 60 0.54 -23.52 13.02
C GLU B 60 -0.17 -24.11 11.79
N GLU B 61 0.57 -24.71 10.91
CA GLU B 61 -0.07 -25.32 9.69
C GLU B 61 0.74 -26.53 9.25
N PRO B 62 0.52 -27.64 9.93
CA PRO B 62 1.22 -28.90 9.64
C PRO B 62 0.59 -29.59 8.43
N ALA B 63 0.97 -30.82 8.19
CA ALA B 63 0.40 -31.56 7.03
C ALA B 63 0.90 -30.93 5.71
N PRO B 64 0.64 -31.63 4.63
CA PRO B 64 1.06 -31.21 3.28
C PRO B 64 0.05 -30.26 2.65
N GLU B 65 0.52 -29.13 2.15
CA GLU B 65 -0.37 -28.12 1.49
C GLU B 65 -1.80 -28.22 2.03
N THR B 66 -2.00 -27.86 3.26
CA THR B 66 -3.36 -27.94 3.86
C THR B 66 -4.18 -26.66 3.58
N PRO B 67 -3.55 -25.51 3.58
CA PRO B 67 -4.24 -24.24 3.33
C PRO B 67 -4.53 -24.06 1.84
N GLU B 68 -5.73 -23.68 1.50
CA GLU B 68 -6.09 -23.49 0.06
C GLU B 68 -6.32 -24.86 -0.60
N ALA B 69 -7.36 -25.54 -0.20
CA ALA B 69 -7.64 -26.88 -0.80
C ALA B 69 -9.08 -26.93 -1.29
N PRO B 70 -9.44 -28.02 -1.90
CA PRO B 70 -10.80 -28.23 -2.44
C PRO B 70 -11.75 -28.60 -1.30
N GLU B 71 -12.53 -27.66 -0.84
CA GLU B 71 -13.48 -27.95 0.27
C GLU B 71 -14.58 -26.89 0.30
N ALA B 72 -15.70 -27.19 0.90
CA ALA B 72 -16.80 -26.19 0.97
C ALA B 72 -17.19 -25.76 -0.45
N PRO B 73 -18.29 -26.28 -0.93
CA PRO B 73 -18.80 -25.97 -2.27
C PRO B 73 -19.48 -24.59 -2.27
N GLY B 74 -20.12 -24.24 -3.35
CA GLY B 74 -20.80 -22.91 -3.40
C GLY B 74 -22.29 -23.11 -3.69
N GLY B 75 -22.90 -24.04 -3.03
CA GLY B 75 -24.36 -24.28 -3.26
C GLY B 75 -25.17 -23.54 -2.21
N SER B 76 -25.55 -22.32 -2.48
CA SER B 76 -26.35 -21.54 -1.49
C SER B 76 -27.79 -22.05 -1.49
N ALA B 77 -28.52 -21.80 -0.43
CA ALA B 77 -29.93 -22.27 -0.37
C ALA B 77 -30.70 -21.39 0.61
N VAL B 78 -31.89 -20.99 0.25
CA VAL B 78 -32.70 -20.13 1.17
C VAL B 78 -34.04 -20.79 1.45
C ACE A 1 27.36 15.00 -23.77
O ACE A 1 28.41 14.47 -24.06
CH3 ACE A 1 26.35 15.41 -24.85
H1 ACE A 1 25.98 14.53 -25.35
H2 ACE A 1 26.83 16.07 -25.56
H3 ACE A 1 25.52 15.94 -24.38
N MET A 2 27.03 15.24 -22.52
CA MET A 2 27.97 14.87 -21.42
C MET A 2 27.28 13.90 -20.46
N ASP A 3 28.01 12.98 -19.91
CA ASP A 3 27.39 12.01 -18.96
C ASP A 3 28.11 12.08 -17.61
N LEU A 4 29.25 12.71 -17.55
CA LEU A 4 29.99 12.80 -16.26
C LEU A 4 29.34 13.88 -15.39
N VAL A 5 28.55 14.73 -15.97
CA VAL A 5 27.89 15.81 -15.17
C VAL A 5 26.81 15.18 -14.29
N LYS A 6 26.21 14.11 -14.75
CA LYS A 6 25.15 13.46 -13.93
C LYS A 6 25.76 13.06 -12.58
N ASN A 7 27.07 12.98 -12.53
CA ASN A 7 27.74 12.60 -11.26
C ASN A 7 28.94 13.52 -11.03
N HIS A 8 28.94 14.66 -11.64
CA HIS A 8 30.05 15.61 -11.43
C HIS A 8 30.44 15.67 -9.95
N LEU A 9 29.52 15.30 -9.05
CA LEU A 9 29.74 15.31 -7.55
C LEU A 9 31.14 15.73 -7.15
N MET A 10 32.13 15.18 -7.74
CA MET A 10 33.49 15.63 -7.37
C MET A 10 33.66 17.11 -7.79
N TYR A 11 32.58 17.73 -8.21
CA TYR A 11 32.59 19.16 -8.63
C TYR A 11 31.78 19.94 -7.61
N ALA A 12 30.84 19.28 -7.02
CA ALA A 12 29.93 19.94 -6.06
C ALA A 12 29.37 18.93 -5.06
N VAL A 13 29.35 17.66 -5.40
CA VAL A 13 28.76 16.64 -4.50
C VAL A 13 27.46 17.22 -3.95
N ARG A 14 26.84 18.03 -4.77
CA ARG A 14 25.57 18.72 -4.39
C ARG A 14 24.49 17.69 -4.06
N GLU A 15 23.85 17.85 -2.93
CA GLU A 15 22.76 16.92 -2.52
C GLU A 15 23.17 15.48 -2.85
N GLU A 16 22.83 15.01 -4.02
CA GLU A 16 23.17 13.61 -4.42
C GLU A 16 23.19 12.68 -3.21
N VAL A 17 22.05 12.16 -2.82
CA VAL A 17 22.02 11.24 -1.65
C VAL A 17 21.82 9.80 -2.13
N GLU A 18 22.78 8.96 -1.94
CA GLU A 18 22.64 7.55 -2.39
C GLU A 18 21.53 6.86 -1.60
N ILE A 19 21.30 7.29 -0.40
CA ILE A 19 20.23 6.67 0.43
C ILE A 19 18.86 7.06 -0.16
N LEU A 20 18.66 8.31 -0.46
CA LEU A 20 17.36 8.74 -1.04
C LEU A 20 17.27 8.21 -2.47
N LYS A 21 18.39 7.96 -3.09
CA LYS A 21 18.38 7.43 -4.49
C LYS A 21 18.01 5.95 -4.42
N GLU A 22 18.40 5.29 -3.37
CA GLU A 22 18.07 3.85 -3.22
C GLU A 22 16.65 3.74 -2.65
N GLN A 23 16.20 4.77 -1.98
CA GLN A 23 14.82 4.75 -1.42
C GLN A 23 13.84 5.05 -2.54
N ILE A 24 14.22 5.89 -3.46
CA ILE A 24 13.33 6.23 -4.59
C ILE A 24 13.32 5.04 -5.56
N ARG A 25 14.45 4.43 -5.75
CA ARG A 25 14.52 3.24 -6.66
C ARG A 25 13.85 2.07 -5.96
N GLU A 26 13.95 2.02 -4.66
CA GLU A 26 13.31 0.91 -3.89
C GLU A 26 11.82 1.22 -3.74
N LEU A 27 11.46 2.47 -3.85
CA LEU A 27 10.02 2.83 -3.74
C LEU A 27 9.38 2.59 -5.10
N VAL A 28 10.14 2.77 -6.14
CA VAL A 28 9.59 2.52 -7.51
C VAL A 28 9.61 1.02 -7.76
N GLU A 29 10.54 0.34 -7.15
CA GLU A 29 10.62 -1.14 -7.32
C GLU A 29 9.55 -1.78 -6.42
N LYS A 30 9.31 -1.20 -5.28
CA LYS A 30 8.28 -1.75 -4.37
C LYS A 30 6.91 -1.33 -4.91
N ASN A 31 6.86 -0.22 -5.59
CA ASN A 31 5.56 0.25 -6.17
C ASN A 31 5.26 -0.59 -7.41
N SER A 32 6.28 -0.96 -8.15
CA SER A 32 6.06 -1.79 -9.36
C SER A 32 5.78 -3.22 -8.92
N GLN A 33 6.37 -3.65 -7.84
CA GLN A 33 6.12 -5.02 -7.34
C GLN A 33 4.74 -5.05 -6.69
N LEU A 34 4.34 -3.97 -6.08
CA LEU A 34 2.99 -3.93 -5.44
C LEU A 34 1.96 -3.64 -6.53
N GLU A 35 2.40 -3.08 -7.62
CA GLU A 35 1.46 -2.79 -8.73
C GLU A 35 1.20 -4.09 -9.48
N ARG A 36 2.20 -4.91 -9.63
CA ARG A 36 2.02 -6.21 -10.32
C ARG A 36 1.35 -7.19 -9.35
N GLU A 37 1.65 -7.09 -8.09
CA GLU A 37 1.01 -7.99 -7.11
C GLU A 37 -0.43 -7.54 -6.90
N ASN A 38 -0.67 -6.27 -7.01
CA ASN A 38 -2.05 -5.75 -6.85
C ASN A 38 -2.82 -6.00 -8.14
N THR A 39 -2.13 -6.03 -9.25
CA THR A 39 -2.81 -6.29 -10.54
C THR A 39 -3.10 -7.78 -10.63
N LEU A 40 -2.26 -8.58 -10.02
CA LEU A 40 -2.48 -10.06 -10.04
C LEU A 40 -3.58 -10.40 -9.03
N LEU A 41 -3.60 -9.72 -7.93
CA LEU A 41 -4.65 -10.00 -6.90
C LEU A 41 -5.98 -9.41 -7.39
N LYS A 42 -5.93 -8.33 -8.11
CA LYS A 42 -7.18 -7.72 -8.63
C LYS A 42 -7.71 -8.58 -9.78
N THR A 43 -6.83 -9.10 -10.59
CA THR A 43 -7.29 -9.96 -11.71
C THR A 43 -7.70 -11.33 -11.16
N LEU A 44 -7.11 -11.76 -10.09
CA LEU A 44 -7.47 -13.08 -9.49
C LEU A 44 -8.82 -12.93 -8.79
N ALA A 45 -9.06 -11.80 -8.19
CA ALA A 45 -10.36 -11.59 -7.47
C ALA A 45 -11.36 -10.97 -8.45
N SER A 46 -11.00 -10.85 -9.70
CA SER A 46 -11.93 -10.26 -10.70
C SER A 46 -13.05 -11.27 -11.04
N PRO A 47 -12.67 -12.49 -11.30
CA PRO A 47 -13.64 -13.56 -11.66
C PRO A 47 -14.38 -14.08 -10.42
N GLU A 48 -13.73 -14.87 -9.61
CA GLU A 48 -14.41 -15.41 -8.39
C GLU A 48 -13.48 -16.39 -7.68
N GLN A 49 -13.89 -16.93 -6.56
CA GLN A 49 -13.03 -17.89 -5.84
C GLN A 49 -13.91 -18.44 -4.77
N LEU A 50 -14.56 -17.55 -4.06
CA LEU A 50 -15.46 -17.98 -3.00
C LEU A 50 -14.58 -18.23 -1.80
N GLU A 51 -14.86 -19.23 -1.02
CA GLU A 51 -14.04 -19.42 0.22
C GLU A 51 -13.89 -18.02 0.82
N LYS A 52 -14.88 -17.21 0.53
CA LYS A 52 -14.88 -15.80 0.94
C LYS A 52 -16.07 -15.56 1.86
N PHE A 53 -17.14 -16.28 1.64
CA PHE A 53 -18.35 -16.12 2.48
C PHE A 53 -19.07 -17.46 2.61
N GLN A 54 -20.35 -17.51 2.33
CA GLN A 54 -21.06 -18.79 2.44
C GLN A 54 -20.83 -19.61 1.15
N SER A 55 -21.34 -19.18 0.02
CA SER A 55 -21.09 -19.97 -1.24
C SER A 55 -22.04 -19.58 -2.39
N ARG A 56 -22.33 -18.31 -2.58
CA ARG A 56 -23.24 -17.89 -3.71
C ARG A 56 -23.84 -16.51 -3.41
N LEU A 57 -23.04 -15.58 -2.98
CA LEU A 57 -23.55 -14.22 -2.67
C LEU A 57 -22.36 -13.26 -2.66
N SER A 58 -22.39 -12.26 -1.83
CA SER A 58 -21.23 -11.32 -1.77
C SER A 58 -21.28 -10.56 -0.45
N PRO A 59 -20.40 -9.61 -0.29
CA PRO A 59 -20.32 -8.81 0.96
C PRO A 59 -21.41 -7.73 1.01
N GLU A 60 -22.19 -7.73 2.06
CA GLU A 60 -23.27 -6.71 2.25
C GLU A 60 -24.62 -7.24 1.73
N GLU A 61 -24.91 -8.49 1.94
CA GLU A 61 -26.22 -9.03 1.47
C GLU A 61 -27.25 -9.04 2.61
N PRO A 62 -26.88 -9.59 3.74
CA PRO A 62 -27.79 -9.68 4.90
C PRO A 62 -27.80 -8.36 5.68
N ALA A 63 -28.77 -8.17 6.53
CA ALA A 63 -28.84 -6.91 7.33
C ALA A 63 -28.74 -5.70 6.40
N PRO A 64 -29.76 -5.52 5.60
CA PRO A 64 -29.84 -4.40 4.64
C PRO A 64 -30.23 -3.11 5.35
N GLU A 65 -29.45 -2.07 5.20
CA GLU A 65 -29.77 -0.77 5.85
C GLU A 65 -30.30 -1.02 7.27
N THR A 66 -29.48 -1.53 8.15
CA THR A 66 -29.94 -1.78 9.55
C THR A 66 -29.08 -0.99 10.52
N PRO A 67 -29.62 -0.76 11.69
CA PRO A 67 -28.93 -0.01 12.76
C PRO A 67 -27.92 -0.92 13.48
N GLU A 68 -26.98 -0.34 14.17
CA GLU A 68 -25.97 -1.16 14.90
C GLU A 68 -24.90 -0.24 15.51
N ALA A 69 -25.02 0.06 16.78
CA ALA A 69 -24.02 0.94 17.43
C ALA A 69 -24.39 1.15 18.90
N PRO A 70 -23.89 0.28 19.73
CA PRO A 70 -24.15 0.33 21.19
C PRO A 70 -23.30 1.42 21.83
N GLU A 71 -23.73 2.65 21.75
CA GLU A 71 -22.94 3.77 22.35
C GLU A 71 -23.74 5.07 22.20
N ALA A 72 -24.74 5.27 23.01
CA ALA A 72 -25.55 6.51 22.92
C ALA A 72 -26.08 6.65 21.49
N PRO A 73 -26.81 5.66 21.04
CA PRO A 73 -27.39 5.65 19.68
C PRO A 73 -28.63 6.54 19.62
N GLY A 74 -28.44 7.81 19.38
CA GLY A 74 -29.61 8.73 19.31
C GLY A 74 -29.23 10.09 19.88
N GLY A 75 -29.99 10.58 20.83
CA GLY A 75 -29.67 11.90 21.44
C GLY A 75 -30.72 12.23 22.50
N SER A 76 -31.97 12.13 22.17
CA SER A 76 -33.03 12.44 23.18
C SER A 76 -34.35 11.78 22.76
N ALA A 77 -35.17 11.43 23.70
CA ALA A 77 -36.47 10.78 23.35
C ALA A 77 -37.62 11.64 23.88
N VAL A 78 -38.13 12.54 23.08
CA VAL A 78 -39.25 13.40 23.54
C VAL A 78 -40.57 12.90 22.94
C ACE B 1 28.11 28.70 -3.42
O ACE B 1 28.00 27.53 -3.73
CH3 ACE B 1 29.47 29.40 -3.42
H1 ACE B 1 30.26 28.66 -3.32
H2 ACE B 1 29.52 30.09 -2.59
H3 ACE B 1 29.60 29.93 -4.34
N MET B 2 27.07 29.41 -3.08
CA MET B 2 25.72 28.79 -3.06
C MET B 2 24.74 29.66 -3.86
N ASP B 3 24.75 29.52 -5.15
CA ASP B 3 23.83 30.35 -5.99
C ASP B 3 23.97 29.93 -7.46
N LEU B 4 23.81 28.66 -7.74
CA LEU B 4 23.93 28.19 -9.15
C LEU B 4 22.79 27.22 -9.46
N VAL B 5 22.51 26.31 -8.57
CA VAL B 5 21.40 25.34 -8.82
C VAL B 5 20.10 26.11 -9.05
N LYS B 6 19.97 27.24 -8.41
CA LYS B 6 18.73 28.06 -8.60
C LYS B 6 18.95 29.03 -9.75
N ASN B 7 19.73 28.65 -10.71
CA ASN B 7 20.01 29.53 -11.87
C ASN B 7 19.51 28.86 -13.14
N HIS B 8 19.98 27.68 -13.41
CA HIS B 8 19.52 26.95 -14.61
C HIS B 8 18.16 26.33 -14.33
N LEU B 9 17.70 26.37 -13.11
CA LEU B 9 16.35 25.79 -12.76
C LEU B 9 15.33 25.82 -13.94
N MET B 10 15.44 26.68 -14.91
CA MET B 10 14.42 26.59 -15.99
C MET B 10 14.72 25.32 -16.81
N TYR B 11 15.98 24.99 -16.88
CA TYR B 11 16.47 23.77 -17.58
C TYR B 11 15.94 22.51 -16.86
N ALA B 12 15.32 22.68 -15.74
CA ALA B 12 14.84 21.50 -14.97
C ALA B 12 14.03 21.98 -13.77
N VAL B 13 14.54 22.98 -13.12
CA VAL B 13 13.87 23.57 -11.93
C VAL B 13 14.29 22.79 -10.68
N ARG B 14 15.46 22.20 -10.72
CA ARG B 14 15.96 21.43 -9.56
C ARG B 14 15.70 22.22 -8.27
N GLU B 15 14.59 21.97 -7.63
CA GLU B 15 14.26 22.70 -6.37
C GLU B 15 15.06 22.12 -5.20
N GLU B 16 15.91 21.16 -5.46
CA GLU B 16 16.73 20.56 -4.37
C GLU B 16 15.87 19.60 -3.53
N VAL B 17 16.01 19.63 -2.23
CA VAL B 17 15.23 18.71 -1.36
C VAL B 17 13.76 18.66 -1.79
N GLU B 18 13.28 19.67 -2.48
CA GLU B 18 11.85 19.65 -2.91
C GLU B 18 11.61 18.51 -3.90
N ILE B 19 12.42 18.41 -4.92
CA ILE B 19 12.23 17.33 -5.92
C ILE B 19 12.48 15.96 -5.28
N LEU B 20 13.18 15.93 -4.18
CA LEU B 20 13.47 14.62 -3.52
C LEU B 20 12.28 14.22 -2.64
N LYS B 21 11.82 15.10 -1.80
CA LYS B 21 10.67 14.76 -0.91
C LYS B 21 9.40 14.62 -1.75
N GLU B 22 9.34 15.28 -2.86
CA GLU B 22 8.13 15.17 -3.72
C GLU B 22 8.18 13.84 -4.47
N GLN B 23 9.35 13.36 -4.77
CA GLN B 23 9.47 12.06 -5.48
C GLN B 23 9.16 10.92 -4.51
N ILE B 24 9.73 10.98 -3.33
CA ILE B 24 9.48 9.91 -2.32
C ILE B 24 8.09 10.12 -1.71
N ARG B 25 7.59 11.32 -1.77
CA ARG B 25 6.24 11.59 -1.21
C ARG B 25 5.20 11.04 -2.19
N GLU B 26 5.42 11.25 -3.46
CA GLU B 26 4.47 10.73 -4.48
C GLU B 26 4.69 9.23 -4.63
N LEU B 27 5.89 8.77 -4.36
CA LEU B 27 6.16 7.31 -4.47
C LEU B 27 5.59 6.62 -3.22
N VAL B 28 5.58 7.31 -2.11
CA VAL B 28 5.02 6.72 -0.88
C VAL B 28 3.51 6.90 -0.90
N GLU B 29 3.04 7.88 -1.63
CA GLU B 29 1.58 8.11 -1.73
C GLU B 29 1.01 7.07 -2.70
N LYS B 30 1.74 6.79 -3.75
CA LYS B 30 1.27 5.78 -4.74
C LYS B 30 1.45 4.39 -4.12
N ASN B 31 2.51 4.20 -3.39
CA ASN B 31 2.74 2.88 -2.75
C ASN B 31 1.69 2.69 -1.65
N SER B 32 1.35 3.76 -0.98
CA SER B 32 0.31 3.67 0.09
C SER B 32 -1.04 3.42 -0.57
N GLN B 33 -1.25 3.98 -1.72
CA GLN B 33 -2.55 3.77 -2.42
C GLN B 33 -2.60 2.31 -2.90
N LEU B 34 -1.47 1.77 -3.25
CA LEU B 34 -1.43 0.36 -3.70
C LEU B 34 -1.36 -0.55 -2.47
N GLU B 35 -1.00 0.00 -1.35
CA GLU B 35 -0.93 -0.82 -0.10
C GLU B 35 -2.34 -0.96 0.46
N ARG B 36 -3.14 0.07 0.37
CA ARG B 36 -4.53 -0.01 0.90
C ARG B 36 -5.40 -0.76 -0.11
N GLU B 37 -5.08 -0.66 -1.37
CA GLU B 37 -5.88 -1.38 -2.39
C GLU B 37 -5.35 -2.80 -2.51
N ASN B 38 -4.10 -3.00 -2.23
CA ASN B 38 -3.52 -4.38 -2.31
C ASN B 38 -3.95 -5.16 -1.07
N THR B 39 -3.97 -4.54 0.06
CA THR B 39 -4.40 -5.25 1.30
C THR B 39 -5.91 -5.46 1.24
N LEU B 40 -6.60 -4.57 0.58
CA LEU B 40 -8.08 -4.71 0.47
C LEU B 40 -8.39 -5.85 -0.51
N LEU B 41 -7.66 -5.92 -1.59
CA LEU B 41 -7.91 -7.01 -2.58
C LEU B 41 -7.28 -8.31 -2.07
N LYS B 42 -6.33 -8.20 -1.18
CA LYS B 42 -5.67 -9.41 -0.63
C LYS B 42 -6.57 -10.01 0.45
N THR B 43 -7.27 -9.17 1.17
CA THR B 43 -8.18 -9.68 2.23
C THR B 43 -9.49 -10.11 1.59
N LEU B 44 -9.93 -9.40 0.57
CA LEU B 44 -11.19 -9.78 -0.11
C LEU B 44 -10.99 -11.08 -0.89
N ALA B 45 -9.92 -11.17 -1.64
CA ALA B 45 -9.66 -12.41 -2.41
C ALA B 45 -9.21 -13.51 -1.44
N SER B 46 -8.43 -13.16 -0.47
CA SER B 46 -7.94 -14.18 0.51
C SER B 46 -8.15 -13.64 1.93
N PRO B 47 -9.26 -13.99 2.52
CA PRO B 47 -9.62 -13.55 3.88
C PRO B 47 -8.82 -14.34 4.93
N GLU B 48 -8.83 -15.65 4.83
CA GLU B 48 -8.08 -16.48 5.81
C GLU B 48 -8.52 -16.15 7.24
N GLN B 49 -7.96 -15.15 7.88
CA GLN B 49 -8.38 -14.84 9.27
C GLN B 49 -7.63 -13.62 9.76
N LEU B 50 -7.27 -12.74 8.88
CA LEU B 50 -6.53 -11.52 9.28
C LEU B 50 -6.31 -10.60 8.11
N GLU B 51 -5.50 -9.63 8.37
CA GLU B 51 -5.08 -8.69 7.33
C GLU B 51 -3.90 -9.38 6.68
N LYS B 52 -3.09 -10.04 7.51
CA LYS B 52 -1.90 -10.84 7.05
C LYS B 52 -0.67 -10.60 7.90
N PHE B 53 -0.10 -11.67 8.40
CA PHE B 53 1.14 -11.56 9.24
C PHE B 53 1.48 -12.94 9.83
N GLN B 54 1.02 -13.20 11.02
CA GLN B 54 1.32 -14.50 11.67
C GLN B 54 0.14 -15.48 11.51
N SER B 55 -0.87 -15.09 10.80
CA SER B 55 -2.05 -16.00 10.61
C SER B 55 -2.58 -16.47 11.97
N ARG B 56 -2.98 -15.56 12.81
CA ARG B 56 -3.50 -15.97 14.15
C ARG B 56 -3.92 -14.72 14.94
N LEU B 57 -4.39 -13.70 14.27
CA LEU B 57 -4.77 -12.45 14.98
C LEU B 57 -5.19 -11.40 13.94
N SER B 58 -5.00 -10.16 14.25
CA SER B 58 -5.35 -9.06 13.30
C SER B 58 -5.23 -7.71 14.01
N PRO B 59 -5.97 -7.55 15.08
CA PRO B 59 -5.96 -6.31 15.86
C PRO B 59 -4.71 -6.24 16.75
N GLU B 60 -3.83 -5.33 16.45
CA GLU B 60 -2.57 -5.15 17.24
C GLU B 60 -2.12 -6.49 17.84
N GLU B 61 -1.19 -7.15 17.18
CA GLU B 61 -0.67 -8.48 17.68
C GLU B 61 -0.96 -8.67 19.17
N PRO B 62 -2.14 -9.17 19.44
CA PRO B 62 -2.61 -9.43 20.83
C PRO B 62 -2.03 -10.74 21.37
N ALA B 63 -2.44 -11.11 22.56
CA ALA B 63 -1.94 -12.38 23.17
C ALA B 63 -3.08 -13.00 23.98
N PRO B 64 -4.09 -13.43 23.29
CA PRO B 64 -5.28 -14.06 23.89
C PRO B 64 -4.99 -15.51 24.29
N GLU B 65 -5.99 -16.22 24.74
CA GLU B 65 -5.79 -17.63 25.15
C GLU B 65 -5.92 -18.53 23.92
N THR B 66 -5.04 -18.37 22.97
CA THR B 66 -5.12 -19.22 21.74
C THR B 66 -4.63 -20.63 22.07
N PRO B 67 -5.18 -21.60 21.41
CA PRO B 67 -4.82 -23.01 21.60
C PRO B 67 -3.50 -23.32 20.91
N GLU B 68 -3.09 -24.56 20.92
CA GLU B 68 -1.81 -24.93 20.26
C GLU B 68 -2.08 -25.82 19.05
N ALA B 69 -1.05 -26.32 18.43
CA ALA B 69 -1.25 -27.19 17.24
C ALA B 69 0.11 -27.69 16.75
N PRO B 70 0.27 -29.00 16.71
CA PRO B 70 1.52 -29.63 16.27
C PRO B 70 1.64 -29.58 14.73
N GLU B 71 2.60 -30.27 14.19
CA GLU B 71 2.77 -30.27 12.71
C GLU B 71 1.90 -31.37 12.10
N ALA B 72 1.94 -31.53 10.81
CA ALA B 72 1.13 -32.59 10.15
C ALA B 72 1.91 -33.18 8.97
N PRO B 73 2.85 -34.03 9.28
CA PRO B 73 3.69 -34.69 8.26
C PRO B 73 2.92 -35.83 7.60
N GLY B 74 2.33 -35.59 6.46
CA GLY B 74 1.57 -36.66 5.77
C GLY B 74 0.10 -36.25 5.64
N GLY B 75 -0.37 -36.07 4.43
CA GLY B 75 -1.79 -35.66 4.24
C GLY B 75 -2.53 -36.74 3.45
N SER B 76 -2.79 -36.49 2.19
CA SER B 76 -3.51 -37.51 1.37
C SER B 76 -4.93 -37.71 1.94
N ALA B 77 -5.88 -37.99 1.09
CA ALA B 77 -7.27 -38.20 1.58
C ALA B 77 -7.53 -39.70 1.76
N VAL B 78 -7.32 -40.21 2.94
CA VAL B 78 -7.55 -41.65 3.17
C VAL B 78 -9.05 -41.92 3.31
C ACE A 1 29.02 13.59 -24.38
O ACE A 1 29.22 13.90 -23.23
CH3 ACE A 1 30.04 12.75 -25.16
H1 ACE A 1 29.87 12.86 -26.22
H2 ACE A 1 29.93 11.70 -24.89
H3 ACE A 1 31.04 13.09 -24.92
N MET A 2 27.94 13.96 -25.01
CA MET A 2 26.92 14.78 -24.31
C MET A 2 25.82 13.87 -23.75
N ASP A 3 26.21 12.83 -23.05
CA ASP A 3 25.18 11.91 -22.47
C ASP A 3 25.66 11.40 -21.11
N LEU A 4 26.71 11.98 -20.58
CA LEU A 4 27.23 11.51 -19.25
C LEU A 4 26.30 12.00 -18.15
N VAL A 5 25.59 13.07 -18.39
CA VAL A 5 24.66 13.60 -17.35
C VAL A 5 23.52 12.61 -17.12
N LYS A 6 23.24 11.80 -18.10
CA LYS A 6 22.13 10.81 -17.95
C LYS A 6 22.55 9.68 -16.99
N ASN A 7 23.82 9.52 -16.74
CA ASN A 7 24.26 8.43 -15.83
C ASN A 7 25.29 8.94 -14.84
N HIS A 8 25.48 10.22 -14.79
CA HIS A 8 26.40 10.77 -13.77
C HIS A 8 25.77 10.49 -12.37
N LEU A 9 24.61 9.87 -12.36
CA LEU A 9 23.90 9.53 -11.11
C LEU A 9 24.40 8.18 -10.63
N MET A 10 23.63 7.49 -9.82
CA MET A 10 24.02 6.12 -9.31
C MET A 10 25.54 6.00 -9.29
N TYR A 11 26.12 5.77 -10.45
CA TYR A 11 27.61 5.70 -10.58
C TYR A 11 28.23 6.59 -9.50
N ALA A 12 27.71 7.77 -9.45
CA ALA A 12 28.13 8.79 -8.46
C ALA A 12 26.90 9.17 -7.66
N VAL A 13 25.85 9.37 -8.39
CA VAL A 13 24.57 9.80 -7.84
C VAL A 13 24.57 11.33 -7.84
N ARG A 14 25.45 11.88 -8.65
CA ARG A 14 25.57 13.36 -8.78
C ARG A 14 24.19 14.02 -8.72
N GLU A 15 24.01 14.96 -7.84
CA GLU A 15 22.70 15.68 -7.73
C GLU A 15 21.72 14.87 -6.87
N GLU A 16 22.19 14.25 -5.80
CA GLU A 16 21.26 13.47 -4.94
C GLU A 16 22.05 12.65 -3.92
N VAL A 17 21.37 12.08 -2.94
CA VAL A 17 22.06 11.25 -1.92
C VAL A 17 21.89 9.76 -2.27
N GLU A 18 22.85 8.95 -1.93
CA GLU A 18 22.74 7.50 -2.25
C GLU A 18 21.56 6.88 -1.50
N ILE A 19 21.30 7.35 -0.31
CA ILE A 19 20.16 6.81 0.49
C ILE A 19 18.84 7.19 -0.18
N LEU A 20 18.69 8.43 -0.53
CA LEU A 20 17.41 8.87 -1.18
C LEU A 20 17.31 8.26 -2.58
N LYS A 21 18.41 7.96 -3.20
CA LYS A 21 18.38 7.35 -4.56
C LYS A 21 17.98 5.89 -4.43
N GLU A 22 18.45 5.22 -3.42
CA GLU A 22 18.09 3.79 -3.23
C GLU A 22 16.66 3.72 -2.66
N GLN A 23 16.24 4.74 -1.98
CA GLN A 23 14.87 4.75 -1.41
C GLN A 23 13.88 5.07 -2.53
N ILE A 24 14.29 5.89 -3.46
CA ILE A 24 13.38 6.24 -4.59
C ILE A 24 13.33 5.06 -5.55
N ARG A 25 14.44 4.42 -5.79
CA ARG A 25 14.46 3.25 -6.70
C ARG A 25 13.84 2.06 -5.96
N GLU A 26 13.93 2.06 -4.66
CA GLU A 26 13.33 0.95 -3.87
C GLU A 26 11.84 1.22 -3.74
N LEU A 27 11.45 2.46 -3.79
CA LEU A 27 10.01 2.81 -3.71
C LEU A 27 9.39 2.60 -5.09
N VAL A 28 10.19 2.75 -6.11
CA VAL A 28 9.67 2.54 -7.49
C VAL A 28 9.63 1.04 -7.77
N GLU A 29 10.56 0.31 -7.21
CA GLU A 29 10.57 -1.17 -7.41
C GLU A 29 9.55 -1.78 -6.46
N LYS A 30 9.33 -1.14 -5.34
CA LYS A 30 8.33 -1.66 -4.37
C LYS A 30 6.95 -1.30 -4.90
N ASN A 31 6.83 -0.19 -5.55
CA ASN A 31 5.51 0.21 -6.12
C ASN A 31 5.23 -0.63 -7.36
N SER A 32 6.24 -0.94 -8.11
CA SER A 32 6.04 -1.76 -9.34
C SER A 32 5.77 -3.21 -8.90
N GLN A 33 6.38 -3.62 -7.83
CA GLN A 33 6.17 -5.01 -7.35
C GLN A 33 4.79 -5.11 -6.70
N LEU A 34 4.37 -4.08 -6.02
CA LEU A 34 3.04 -4.12 -5.37
C LEU A 34 1.97 -3.75 -6.40
N GLU A 35 2.36 -3.13 -7.48
CA GLU A 35 1.35 -2.79 -8.52
C GLU A 35 1.13 -4.06 -9.35
N ARG A 36 2.15 -4.87 -9.44
CA ARG A 36 2.02 -6.13 -10.21
C ARG A 36 1.33 -7.16 -9.32
N GLU A 37 1.62 -7.14 -8.05
CA GLU A 37 0.97 -8.09 -7.11
C GLU A 37 -0.46 -7.62 -6.88
N ASN A 38 -0.68 -6.33 -6.95
CA ASN A 38 -2.04 -5.78 -6.75
C ASN A 38 -2.83 -6.01 -8.04
N THR A 39 -2.16 -5.99 -9.15
CA THR A 39 -2.86 -6.24 -10.44
C THR A 39 -3.11 -7.74 -10.57
N LEU A 40 -2.27 -8.53 -9.97
CA LEU A 40 -2.45 -9.99 -10.03
C LEU A 40 -3.54 -10.40 -9.04
N LEU A 41 -3.64 -9.71 -7.95
CA LEU A 41 -4.69 -10.04 -6.95
C LEU A 41 -6.01 -9.43 -7.42
N LYS A 42 -5.94 -8.35 -8.14
CA LYS A 42 -7.19 -7.71 -8.65
C LYS A 42 -7.72 -8.56 -9.80
N THR A 43 -6.84 -9.09 -10.60
CA THR A 43 -7.29 -9.94 -11.74
C THR A 43 -7.74 -11.29 -11.20
N LEU A 44 -7.04 -11.81 -10.23
CA LEU A 44 -7.42 -13.13 -9.65
C LEU A 44 -8.76 -12.99 -8.92
N ALA A 45 -8.99 -11.85 -8.32
CA ALA A 45 -10.27 -11.64 -7.60
C ALA A 45 -11.26 -10.95 -8.54
N SER A 46 -10.94 -10.88 -9.80
CA SER A 46 -11.87 -10.23 -10.77
C SER A 46 -13.03 -11.16 -11.09
N PRO A 47 -12.71 -12.37 -11.46
CA PRO A 47 -13.73 -13.38 -11.80
C PRO A 47 -14.33 -13.99 -10.53
N GLU A 48 -13.52 -14.50 -9.65
CA GLU A 48 -14.05 -15.08 -8.38
C GLU A 48 -15.20 -16.04 -8.69
N GLN A 49 -15.78 -16.63 -7.69
CA GLN A 49 -16.91 -17.58 -7.92
C GLN A 49 -18.11 -17.21 -7.04
N LEU A 50 -17.92 -16.31 -6.11
CA LEU A 50 -19.03 -15.90 -5.23
C LEU A 50 -18.73 -14.46 -4.85
N GLU A 51 -18.01 -13.79 -5.71
CA GLU A 51 -17.64 -12.38 -5.47
C GLU A 51 -17.35 -12.19 -3.99
N LYS A 52 -16.68 -13.14 -3.36
CA LYS A 52 -16.41 -12.94 -1.92
C LYS A 52 -15.70 -14.12 -1.20
N PHE A 53 -16.42 -15.17 -0.91
CA PHE A 53 -15.84 -16.29 -0.08
C PHE A 53 -15.32 -17.50 -0.89
N GLN A 54 -15.54 -18.69 -0.37
CA GLN A 54 -15.02 -19.92 -1.00
C GLN A 54 -15.86 -20.31 -2.24
N SER A 55 -17.14 -20.59 -2.10
CA SER A 55 -17.95 -20.98 -3.30
C SER A 55 -19.29 -21.66 -2.90
N ARG A 56 -19.72 -21.58 -1.66
CA ARG A 56 -21.03 -22.25 -1.32
C ARG A 56 -21.44 -22.03 0.14
N LEU A 57 -21.51 -20.82 0.64
CA LEU A 57 -21.99 -20.65 2.04
C LEU A 57 -23.23 -19.74 2.05
N SER A 58 -23.59 -19.20 0.92
CA SER A 58 -24.79 -18.32 0.88
C SER A 58 -24.92 -17.73 -0.51
N PRO A 59 -26.10 -17.81 -1.07
CA PRO A 59 -26.37 -17.26 -2.40
C PRO A 59 -26.43 -15.74 -2.34
N GLU A 60 -25.57 -15.09 -3.06
CA GLU A 60 -25.53 -13.60 -3.03
C GLU A 60 -25.12 -13.16 -1.63
N GLU A 61 -25.24 -11.89 -1.33
CA GLU A 61 -24.84 -11.43 0.03
C GLU A 61 -24.88 -9.89 0.08
N PRO A 62 -25.72 -9.37 0.94
CA PRO A 62 -25.86 -7.92 1.12
C PRO A 62 -24.71 -7.39 1.97
N ALA A 63 -24.18 -6.25 1.62
CA ALA A 63 -23.05 -5.69 2.41
C ALA A 63 -22.44 -4.48 1.66
N PRO A 64 -22.11 -4.70 0.41
CA PRO A 64 -21.52 -3.65 -0.44
C PRO A 64 -22.62 -2.74 -0.96
N GLU A 65 -22.37 -1.47 -1.05
CA GLU A 65 -23.44 -0.55 -1.53
C GLU A 65 -24.65 -0.69 -0.61
N THR A 66 -24.42 -0.68 0.66
CA THR A 66 -25.53 -0.83 1.63
C THR A 66 -25.38 0.18 2.76
N PRO A 67 -26.47 0.61 3.31
CA PRO A 67 -26.50 1.58 4.42
C PRO A 67 -26.19 0.88 5.74
N GLU A 68 -25.33 1.45 6.54
CA GLU A 68 -24.99 0.82 7.85
C GLU A 68 -25.38 1.77 8.99
N ALA A 69 -26.55 1.59 9.54
CA ALA A 69 -27.00 2.47 10.66
C ALA A 69 -28.04 1.74 11.51
N PRO A 70 -27.62 1.27 12.66
CA PRO A 70 -28.49 0.52 13.58
C PRO A 70 -29.38 1.49 14.37
N GLU A 71 -30.48 1.90 13.80
CA GLU A 71 -31.39 2.83 14.52
C GLU A 71 -32.77 2.81 13.87
N ALA A 72 -33.09 1.76 13.16
CA ALA A 72 -34.42 1.68 12.49
C ALA A 72 -35.15 0.41 12.94
N PRO A 73 -36.39 0.56 13.34
CA PRO A 73 -37.21 -0.57 13.81
C PRO A 73 -37.75 -1.37 12.61
N GLY A 74 -38.39 -2.48 12.87
CA GLY A 74 -38.95 -3.28 11.74
C GLY A 74 -40.47 -3.15 11.75
N GLY A 75 -40.98 -2.05 12.23
CA GLY A 75 -42.46 -1.85 12.27
C GLY A 75 -42.91 -1.63 13.71
N SER A 76 -42.08 -1.01 14.51
CA SER A 76 -42.46 -0.76 15.93
C SER A 76 -42.71 -2.11 16.63
N ALA A 77 -41.68 -2.70 17.16
CA ALA A 77 -41.84 -4.00 17.87
C ALA A 77 -40.52 -4.42 18.49
N VAL A 78 -40.47 -5.55 19.14
CA VAL A 78 -39.20 -6.01 19.77
C VAL A 78 -38.82 -7.38 19.20
C ACE B 1 9.02 28.73 -18.77
O ACE B 1 9.18 29.91 -18.99
CH3 ACE B 1 8.92 27.71 -19.90
H1 ACE B 1 9.90 27.55 -20.33
H2 ACE B 1 8.25 28.08 -20.66
H3 ACE B 1 8.54 26.77 -19.51
N MET B 2 8.93 28.29 -17.55
CA MET B 2 9.02 29.23 -16.39
C MET B 2 10.39 29.90 -16.39
N ASP B 3 10.46 31.16 -16.05
CA ASP B 3 11.76 31.87 -16.03
C ASP B 3 11.90 32.67 -14.74
N LEU B 4 11.43 32.13 -13.64
CA LEU B 4 11.53 32.87 -12.35
C LEU B 4 11.88 31.89 -11.23
N VAL B 5 11.17 30.80 -11.14
CA VAL B 5 11.48 29.80 -10.08
C VAL B 5 12.92 29.35 -10.24
N LYS B 6 13.44 29.40 -11.44
CA LYS B 6 14.85 28.99 -11.67
C LYS B 6 15.72 30.25 -11.78
N ASN B 7 15.45 31.23 -10.97
CA ASN B 7 16.25 32.49 -11.03
C ASN B 7 16.61 32.96 -9.62
N HIS B 8 15.64 33.08 -8.77
CA HIS B 8 15.93 33.53 -7.40
C HIS B 8 16.40 32.36 -6.57
N LEU B 9 17.22 31.50 -7.10
CA LEU B 9 17.71 30.35 -6.29
C LEU B 9 18.68 30.87 -5.26
N MET B 10 19.06 32.10 -5.38
CA MET B 10 19.97 32.67 -4.36
C MET B 10 19.10 33.04 -3.15
N TYR B 11 17.83 33.17 -3.38
CA TYR B 11 16.86 33.51 -2.30
C TYR B 11 16.51 32.24 -1.53
N ALA B 12 16.96 31.13 -2.00
CA ALA B 12 16.59 29.84 -1.35
C ALA B 12 17.20 28.68 -2.10
N VAL B 13 17.38 28.84 -3.37
CA VAL B 13 17.92 27.76 -4.22
C VAL B 13 16.95 26.58 -4.16
N ARG B 14 15.74 26.84 -3.78
CA ARG B 14 14.70 25.76 -3.68
C ARG B 14 14.87 24.78 -4.83
N GLU B 15 15.21 23.55 -4.52
CA GLU B 15 15.39 22.52 -5.59
C GLU B 15 16.25 21.37 -5.06
N GLU B 16 17.03 21.63 -4.03
CA GLU B 16 17.91 20.56 -3.47
C GLU B 16 17.19 19.88 -2.30
N VAL B 17 15.95 19.53 -2.47
CA VAL B 17 15.22 18.85 -1.36
C VAL B 17 13.75 18.69 -1.72
N GLU B 18 13.19 19.65 -2.42
CA GLU B 18 11.75 19.54 -2.82
C GLU B 18 11.58 18.44 -3.86
N ILE B 19 12.49 18.34 -4.79
CA ILE B 19 12.37 17.29 -5.85
C ILE B 19 12.55 15.91 -5.21
N LEU B 20 13.31 15.82 -4.15
CA LEU B 20 13.52 14.49 -3.50
C LEU B 20 12.32 14.12 -2.64
N LYS B 21 11.90 15.02 -1.79
CA LYS B 21 10.74 14.73 -0.91
C LYS B 21 9.46 14.65 -1.76
N GLU B 22 9.49 15.25 -2.93
CA GLU B 22 8.30 15.21 -3.81
C GLU B 22 8.21 13.84 -4.48
N GLN B 23 9.32 13.32 -4.92
CA GLN B 23 9.31 11.98 -5.57
C GLN B 23 9.14 10.91 -4.51
N ILE B 24 9.61 11.15 -3.31
CA ILE B 24 9.47 10.15 -2.23
C ILE B 24 8.06 10.24 -1.65
N ARG B 25 7.48 11.41 -1.67
CA ARG B 25 6.09 11.56 -1.14
C ARG B 25 5.11 11.07 -2.19
N GLU B 26 5.46 11.22 -3.44
CA GLU B 26 4.57 10.74 -4.54
C GLU B 26 4.72 9.23 -4.66
N LEU B 27 5.91 8.74 -4.39
CA LEU B 27 6.13 7.27 -4.47
C LEU B 27 5.60 6.62 -3.20
N VAL B 28 5.59 7.35 -2.12
CA VAL B 28 5.06 6.79 -0.85
C VAL B 28 3.55 6.94 -0.86
N GLU B 29 3.06 7.91 -1.59
CA GLU B 29 1.59 8.10 -1.67
C GLU B 29 1.04 7.09 -2.67
N LYS B 30 1.80 6.81 -3.69
CA LYS B 30 1.35 5.82 -4.70
C LYS B 30 1.49 4.42 -4.09
N ASN B 31 2.54 4.21 -3.35
CA ASN B 31 2.74 2.88 -2.69
C ASN B 31 1.63 2.70 -1.66
N SER B 32 1.34 3.72 -0.90
CA SER B 32 0.26 3.62 0.11
C SER B 32 -1.07 3.42 -0.61
N GLN B 33 -1.23 4.01 -1.76
CA GLN B 33 -2.50 3.85 -2.52
C GLN B 33 -2.64 2.38 -2.93
N LEU B 34 -1.57 1.78 -3.38
CA LEU B 34 -1.66 0.35 -3.78
C LEU B 34 -1.45 -0.53 -2.54
N GLU B 35 -1.10 0.06 -1.43
CA GLU B 35 -0.91 -0.73 -0.19
C GLU B 35 -2.29 -0.97 0.43
N ARG B 36 -3.13 0.03 0.43
CA ARG B 36 -4.50 -0.14 0.99
C ARG B 36 -5.37 -0.84 -0.06
N GLU B 37 -5.03 -0.70 -1.31
CA GLU B 37 -5.81 -1.36 -2.37
C GLU B 37 -5.33 -2.81 -2.50
N ASN B 38 -4.08 -3.04 -2.24
CA ASN B 38 -3.53 -4.42 -2.34
C ASN B 38 -3.96 -5.20 -1.09
N THR B 39 -4.01 -4.53 0.04
CA THR B 39 -4.43 -5.22 1.29
C THR B 39 -5.94 -5.44 1.22
N LEU B 40 -6.64 -4.54 0.57
CA LEU B 40 -8.13 -4.70 0.46
C LEU B 40 -8.43 -5.84 -0.50
N LEU B 41 -7.72 -5.92 -1.60
CA LEU B 41 -7.98 -7.02 -2.58
C LEU B 41 -7.31 -8.29 -2.07
N LYS B 42 -6.34 -8.15 -1.20
CA LYS B 42 -5.66 -9.35 -0.65
C LYS B 42 -6.55 -9.99 0.42
N THR B 43 -7.25 -9.18 1.16
CA THR B 43 -8.14 -9.72 2.23
C THR B 43 -9.46 -10.14 1.59
N LEU B 44 -9.90 -9.42 0.59
CA LEU B 44 -11.18 -9.78 -0.07
C LEU B 44 -10.99 -11.07 -0.88
N ALA B 45 -9.94 -11.14 -1.64
CA ALA B 45 -9.69 -12.37 -2.45
C ALA B 45 -9.17 -13.48 -1.52
N SER B 46 -8.39 -13.11 -0.54
CA SER B 46 -7.84 -14.12 0.41
C SER B 46 -8.08 -13.64 1.84
N PRO B 47 -9.27 -13.86 2.33
CA PRO B 47 -9.67 -13.46 3.68
C PRO B 47 -9.09 -14.41 4.73
N GLU B 48 -9.03 -15.68 4.43
CA GLU B 48 -8.47 -16.65 5.41
C GLU B 48 -6.95 -16.70 5.27
N GLN B 49 -6.29 -15.57 5.32
CA GLN B 49 -4.81 -15.55 5.18
C GLN B 49 -4.22 -14.50 6.12
N LEU B 50 -4.61 -14.52 7.37
CA LEU B 50 -4.08 -13.55 8.38
C LEU B 50 -5.04 -13.51 9.54
N GLU B 51 -6.28 -13.98 9.35
CA GLU B 51 -7.29 -13.98 10.48
C GLU B 51 -6.54 -14.08 11.78
N LYS B 52 -5.48 -14.86 11.74
CA LYS B 52 -4.57 -15.04 12.89
C LYS B 52 -4.80 -13.96 13.95
N PHE B 53 -4.69 -12.72 13.52
CA PHE B 53 -4.85 -11.58 14.46
C PHE B 53 -6.18 -10.85 14.22
N GLN B 54 -6.14 -9.53 14.12
CA GLN B 54 -7.38 -8.77 13.92
C GLN B 54 -8.10 -9.22 12.64
N SER B 55 -7.67 -8.73 11.48
CA SER B 55 -8.33 -9.13 10.21
C SER B 55 -8.02 -8.09 9.12
N ARG B 56 -6.84 -7.52 9.12
CA ARG B 56 -6.51 -6.50 8.09
C ARG B 56 -4.99 -6.38 7.94
N LEU B 57 -4.33 -5.79 8.90
CA LEU B 57 -2.86 -5.64 8.83
C LEU B 57 -2.20 -7.00 8.66
N SER B 58 -0.97 -7.09 9.02
CA SER B 58 -0.22 -8.38 8.91
C SER B 58 1.26 -8.09 9.19
N PRO B 59 1.81 -7.17 8.44
CA PRO B 59 3.21 -6.76 8.60
C PRO B 59 3.33 -5.82 9.80
N GLU B 60 4.36 -5.97 10.58
CA GLU B 60 4.54 -5.09 11.78
C GLU B 60 3.61 -5.57 12.90
N GLU B 61 3.62 -6.84 13.15
CA GLU B 61 2.75 -7.40 14.24
C GLU B 61 3.02 -8.90 14.37
N PRO B 62 4.09 -9.22 15.04
CA PRO B 62 4.51 -10.62 15.25
C PRO B 62 3.66 -11.29 16.33
N ALA B 63 3.50 -12.58 16.25
CA ALA B 63 2.68 -13.31 17.26
C ALA B 63 3.26 -14.72 17.44
N PRO B 64 3.58 -15.06 18.67
CA PRO B 64 4.16 -16.38 18.99
C PRO B 64 3.08 -17.46 19.00
N GLU B 65 3.23 -18.43 18.13
CA GLU B 65 2.26 -19.57 18.04
C GLU B 65 0.90 -19.20 18.66
N THR B 66 0.33 -18.10 18.27
CA THR B 66 -0.98 -17.71 18.84
C THR B 66 -2.09 -18.54 18.20
N PRO B 67 -2.73 -19.37 18.99
CA PRO B 67 -3.81 -20.25 18.52
C PRO B 67 -5.12 -19.46 18.36
N GLU B 68 -6.18 -20.12 17.98
CA GLU B 68 -7.47 -19.39 17.81
C GLU B 68 -8.35 -19.63 19.04
N ALA B 69 -8.68 -18.58 19.74
CA ALA B 69 -9.54 -18.74 20.96
C ALA B 69 -10.98 -19.01 20.53
N PRO B 70 -11.65 -19.84 21.29
CA PRO B 70 -13.06 -20.22 21.02
C PRO B 70 -14.00 -19.09 21.46
N GLU B 71 -15.27 -19.38 21.53
CA GLU B 71 -16.24 -18.32 21.94
C GLU B 71 -15.99 -17.93 23.40
N ALA B 72 -15.62 -16.71 23.64
CA ALA B 72 -15.36 -16.27 25.04
C ALA B 72 -14.74 -14.87 25.03
N PRO B 73 -13.64 -14.74 24.33
CA PRO B 73 -12.92 -13.45 24.23
C PRO B 73 -13.63 -12.53 23.22
N GLY B 74 -14.55 -11.74 23.70
CA GLY B 74 -15.27 -10.81 22.77
C GLY B 74 -16.79 -11.09 22.85
N GLY B 75 -17.27 -12.00 22.05
CA GLY B 75 -18.73 -12.31 22.08
C GLY B 75 -19.52 -11.07 21.66
N SER B 76 -18.92 -10.19 20.91
CA SER B 76 -19.64 -8.96 20.47
C SER B 76 -19.33 -8.69 18.99
N ALA B 77 -20.02 -7.76 18.39
CA ALA B 77 -19.76 -7.45 16.95
C ALA B 77 -20.21 -6.01 16.66
N VAL B 78 -21.24 -5.84 15.86
CA VAL B 78 -21.71 -4.46 15.55
C VAL B 78 -23.15 -4.52 15.03
C ACE A 1 34.88 18.68 -19.23
O ACE A 1 35.81 18.13 -18.69
CH3 ACE A 1 34.90 19.01 -20.73
H1 ACE A 1 34.65 20.05 -20.87
H2 ACE A 1 34.20 18.38 -21.25
H3 ACE A 1 35.90 18.83 -21.11
N MET A 2 33.80 19.01 -18.56
CA MET A 2 33.72 18.72 -17.10
C MET A 2 33.35 17.26 -16.89
N ASP A 3 34.08 16.56 -16.09
CA ASP A 3 33.77 15.12 -15.84
C ASP A 3 34.31 14.70 -14.48
N LEU A 4 34.58 15.65 -13.61
CA LEU A 4 35.11 15.29 -12.27
C LEU A 4 34.05 15.61 -11.21
N VAL A 5 33.28 16.64 -11.39
CA VAL A 5 32.24 16.98 -10.39
C VAL A 5 31.27 15.79 -10.29
N LYS A 6 30.94 15.19 -11.40
CA LYS A 6 30.03 14.02 -11.37
C LYS A 6 30.89 12.76 -11.51
N ASN A 7 31.93 12.67 -10.73
CA ASN A 7 32.85 11.50 -10.80
C ASN A 7 33.36 11.17 -9.42
N HIS A 8 33.91 12.14 -8.75
CA HIS A 8 34.44 11.90 -7.39
C HIS A 8 33.30 11.92 -6.39
N LEU A 9 32.15 11.39 -6.73
CA LEU A 9 31.01 11.37 -5.77
C LEU A 9 31.35 10.37 -4.67
N MET A 10 32.41 9.64 -4.86
CA MET A 10 32.83 8.70 -3.79
C MET A 10 33.65 9.49 -2.77
N TYR A 11 33.72 10.79 -2.97
CA TYR A 11 34.45 11.70 -2.06
C TYR A 11 33.42 12.51 -1.28
N ALA A 12 32.21 12.47 -1.74
CA ALA A 12 31.14 13.27 -1.12
C ALA A 12 29.79 12.94 -1.75
N VAL A 13 29.80 12.44 -2.96
CA VAL A 13 28.54 12.15 -3.65
C VAL A 13 27.65 13.38 -3.50
N ARG A 14 28.26 14.51 -3.37
CA ARG A 14 27.51 15.79 -3.22
C ARG A 14 26.33 15.82 -4.18
N GLU A 15 26.47 15.24 -5.34
CA GLU A 15 25.34 15.24 -6.32
C GLU A 15 24.03 14.94 -5.57
N GLU A 16 23.77 13.70 -5.29
CA GLU A 16 22.51 13.34 -4.58
C GLU A 16 22.84 12.37 -3.45
N VAL A 17 21.90 12.10 -2.59
CA VAL A 17 22.18 11.16 -1.46
C VAL A 17 21.95 9.72 -1.95
N GLU A 18 22.91 8.86 -1.75
CA GLU A 18 22.76 7.45 -2.21
C GLU A 18 21.55 6.80 -1.52
N ILE A 19 21.30 7.14 -0.28
CA ILE A 19 20.14 6.54 0.43
C ILE A 19 18.83 7.08 -0.17
N LEU A 20 18.84 8.32 -0.61
CA LEU A 20 17.60 8.90 -1.21
C LEU A 20 17.36 8.27 -2.58
N LYS A 21 18.40 8.06 -3.34
CA LYS A 21 18.23 7.45 -4.68
C LYS A 21 17.92 5.97 -4.51
N GLU A 22 18.39 5.38 -3.44
CA GLU A 22 18.10 3.94 -3.21
C GLU A 22 16.68 3.83 -2.68
N GLN A 23 16.23 4.83 -1.98
CA GLN A 23 14.84 4.82 -1.45
C GLN A 23 13.87 5.13 -2.58
N ILE A 24 14.30 5.92 -3.53
CA ILE A 24 13.41 6.25 -4.68
C ILE A 24 13.34 5.04 -5.61
N ARG A 25 14.45 4.42 -5.87
CA ARG A 25 14.44 3.22 -6.76
C ARG A 25 13.82 2.06 -5.98
N GLU A 26 13.94 2.09 -4.68
CA GLU A 26 13.34 1.01 -3.84
C GLU A 26 11.84 1.25 -3.73
N LEU A 27 11.43 2.48 -3.79
CA LEU A 27 9.97 2.78 -3.72
C LEU A 27 9.37 2.55 -5.10
N VAL A 28 10.17 2.72 -6.13
CA VAL A 28 9.67 2.49 -7.51
C VAL A 28 9.67 0.99 -7.76
N GLU A 29 10.57 0.28 -7.13
CA GLU A 29 10.61 -1.20 -7.32
C GLU A 29 9.54 -1.82 -6.42
N LYS A 30 9.28 -1.20 -5.30
CA LYS A 30 8.23 -1.73 -4.39
C LYS A 30 6.87 -1.30 -4.96
N ASN A 31 6.86 -0.22 -5.68
CA ASN A 31 5.59 0.26 -6.28
C ASN A 31 5.27 -0.60 -7.50
N SER A 32 6.28 -0.97 -8.25
CA SER A 32 6.06 -1.82 -9.44
C SER A 32 5.75 -3.25 -8.98
N GLN A 33 6.39 -3.69 -7.93
CA GLN A 33 6.13 -5.06 -7.43
C GLN A 33 4.78 -5.06 -6.71
N LEU A 34 4.42 -3.97 -6.12
CA LEU A 34 3.10 -3.89 -5.42
C LEU A 34 2.02 -3.63 -6.46
N GLU A 35 2.38 -3.05 -7.58
CA GLU A 35 1.39 -2.78 -8.65
C GLU A 35 1.18 -4.08 -9.43
N ARG A 36 2.20 -4.89 -9.51
CA ARG A 36 2.08 -6.19 -10.23
C ARG A 36 1.38 -7.18 -9.30
N GLU A 37 1.67 -7.11 -8.03
CA GLU A 37 1.01 -8.04 -7.06
C GLU A 37 -0.43 -7.58 -6.86
N ASN A 38 -0.66 -6.30 -6.91
CA ASN A 38 -2.04 -5.77 -6.75
C ASN A 38 -2.80 -6.02 -8.05
N THR A 39 -2.12 -6.01 -9.15
CA THR A 39 -2.78 -6.27 -10.46
C THR A 39 -3.07 -7.77 -10.55
N LEU A 40 -2.21 -8.57 -9.97
CA LEU A 40 -2.42 -10.05 -10.00
C LEU A 40 -3.54 -10.40 -9.02
N LEU A 41 -3.63 -9.68 -7.93
CA LEU A 41 -4.69 -9.96 -6.94
C LEU A 41 -6.00 -9.37 -7.43
N LYS A 42 -5.92 -8.32 -8.20
CA LYS A 42 -7.15 -7.67 -8.74
C LYS A 42 -7.74 -8.59 -9.82
N THR A 43 -6.92 -9.10 -10.70
CA THR A 43 -7.44 -10.01 -11.76
C THR A 43 -7.78 -11.35 -11.12
N LEU A 44 -7.05 -11.74 -10.12
CA LEU A 44 -7.35 -13.03 -9.44
C LEU A 44 -8.74 -12.96 -8.82
N ALA A 45 -9.05 -11.87 -8.17
CA ALA A 45 -10.39 -11.73 -7.54
C ALA A 45 -11.32 -10.98 -8.51
N SER A 46 -10.93 -10.91 -9.75
CA SER A 46 -11.78 -10.19 -10.75
C SER A 46 -13.00 -11.03 -11.13
N PRO A 47 -12.81 -12.31 -11.35
CA PRO A 47 -13.91 -13.22 -11.74
C PRO A 47 -14.76 -13.64 -10.54
N GLU A 48 -15.27 -12.69 -9.79
CA GLU A 48 -16.11 -13.04 -8.61
C GLU A 48 -17.51 -12.44 -8.80
N GLN A 49 -18.52 -13.13 -8.34
CA GLN A 49 -19.92 -12.61 -8.48
C GLN A 49 -20.73 -13.05 -7.26
N LEU A 50 -20.86 -12.17 -6.29
CA LEU A 50 -21.62 -12.53 -5.07
C LEU A 50 -22.78 -11.53 -4.83
N GLU A 51 -22.65 -10.35 -5.40
CA GLU A 51 -23.66 -9.25 -5.29
C GLU A 51 -22.97 -7.98 -4.74
N LYS A 52 -22.10 -8.09 -3.73
CA LYS A 52 -21.44 -6.84 -3.23
C LYS A 52 -20.23 -7.11 -2.34
N PHE A 53 -19.10 -6.50 -2.66
CA PHE A 53 -17.86 -6.79 -1.87
C PHE A 53 -16.67 -6.01 -2.44
N GLN A 54 -15.80 -6.68 -3.18
CA GLN A 54 -14.59 -6.06 -3.80
C GLN A 54 -14.66 -4.52 -3.80
N SER A 55 -15.67 -3.92 -4.41
CA SER A 55 -15.79 -2.42 -4.43
C SER A 55 -16.30 -1.95 -5.80
N ARG A 56 -17.25 -2.64 -6.38
CA ARG A 56 -17.76 -2.18 -7.71
C ARG A 56 -19.25 -2.50 -7.83
N LEU A 57 -19.59 -3.75 -7.94
CA LEU A 57 -21.04 -4.08 -8.06
C LEU A 57 -21.81 -3.29 -6.99
N SER A 58 -21.56 -3.58 -5.75
CA SER A 58 -22.27 -2.87 -4.67
C SER A 58 -21.29 -2.57 -3.52
N PRO A 59 -20.79 -1.37 -3.49
CA PRO A 59 -19.84 -0.96 -2.46
C PRO A 59 -20.55 -0.68 -1.14
N GLU A 60 -20.43 -1.60 -0.22
CA GLU A 60 -21.09 -1.43 1.11
C GLU A 60 -20.93 -2.70 1.93
N GLU A 61 -19.73 -3.21 2.05
CA GLU A 61 -19.54 -4.45 2.85
C GLU A 61 -19.38 -4.12 4.34
N PRO A 62 -18.48 -3.22 4.63
CA PRO A 62 -18.20 -2.81 6.02
C PRO A 62 -19.24 -1.80 6.51
N ALA A 63 -19.17 -1.43 7.77
CA ALA A 63 -20.15 -0.44 8.32
C ALA A 63 -20.11 -0.48 9.85
N PRO A 64 -19.03 0.01 10.39
CA PRO A 64 -18.82 0.04 11.85
C PRO A 64 -19.60 1.19 12.49
N GLU A 65 -20.46 0.88 13.43
CA GLU A 65 -21.27 1.92 14.13
C GLU A 65 -21.62 3.06 13.16
N THR A 66 -22.13 2.75 12.00
CA THR A 66 -22.47 3.81 11.03
C THR A 66 -23.88 4.36 11.32
N PRO A 67 -24.83 3.47 11.51
CA PRO A 67 -26.22 3.86 11.79
C PRO A 67 -26.38 4.24 13.26
N GLU A 68 -27.14 5.26 13.54
CA GLU A 68 -27.34 5.68 14.95
C GLU A 68 -28.83 5.94 15.20
N ALA A 69 -29.40 5.23 16.13
CA ALA A 69 -30.85 5.42 16.42
C ALA A 69 -31.19 6.92 16.40
N PRO A 70 -31.78 7.36 15.33
CA PRO A 70 -32.16 8.78 15.16
C PRO A 70 -33.43 9.09 15.94
N GLU A 71 -34.02 10.22 15.70
CA GLU A 71 -35.27 10.59 16.44
C GLU A 71 -36.44 10.69 15.44
N ALA A 72 -37.62 10.89 15.94
CA ALA A 72 -38.80 11.00 15.03
C ALA A 72 -38.94 9.71 14.22
N PRO A 73 -40.14 9.47 13.73
CA PRO A 73 -40.44 8.27 12.93
C PRO A 73 -39.93 8.44 11.49
N GLY A 74 -39.40 7.39 10.91
CA GLY A 74 -38.89 7.51 9.52
C GLY A 74 -37.36 7.70 9.54
N GLY A 75 -36.62 6.63 9.48
CA GLY A 75 -35.13 6.76 9.50
C GLY A 75 -34.49 5.37 9.62
N SER A 76 -34.92 4.60 10.58
CA SER A 76 -34.33 3.23 10.74
C SER A 76 -32.88 3.36 11.22
N ALA A 77 -32.41 2.40 11.98
CA ALA A 77 -31.02 2.47 12.48
C ALA A 77 -30.42 1.06 12.52
N VAL A 78 -31.01 0.17 13.29
CA VAL A 78 -30.47 -1.22 13.36
C VAL A 78 -31.56 -2.20 12.90
C ACE B 1 15.38 22.43 -25.03
O ACE B 1 16.58 22.49 -25.22
CH3 ACE B 1 14.39 22.38 -26.19
H1 ACE B 1 14.79 22.94 -27.02
H2 ACE B 1 13.44 22.79 -25.90
H3 ACE B 1 14.25 21.34 -26.50
N MET B 2 14.88 22.43 -23.82
CA MET B 2 15.79 22.48 -22.64
C MET B 2 16.61 23.78 -22.69
N ASP B 3 17.61 23.88 -21.85
CA ASP B 3 18.46 25.10 -21.83
C ASP B 3 17.70 26.23 -21.12
N LEU B 4 16.82 25.88 -20.23
CA LEU B 4 16.05 26.93 -19.51
C LEU B 4 16.07 26.64 -18.00
N VAL B 5 15.84 25.40 -17.63
CA VAL B 5 15.86 25.06 -16.19
C VAL B 5 17.29 25.19 -15.67
N LYS B 6 18.26 24.87 -16.48
CA LYS B 6 19.67 24.97 -16.04
C LYS B 6 20.23 26.33 -16.48
N ASN B 7 19.41 27.34 -16.49
CA ASN B 7 19.88 28.69 -16.92
C ASN B 7 19.56 29.72 -15.85
N HIS B 8 18.32 29.79 -15.44
CA HIS B 8 17.95 30.78 -14.40
C HIS B 8 18.38 30.27 -13.03
N LEU B 9 18.78 29.02 -12.94
CA LEU B 9 19.23 28.40 -11.63
C LEU B 9 19.72 29.44 -10.60
N MET B 10 20.25 30.57 -10.96
CA MET B 10 20.62 31.49 -9.85
C MET B 10 19.31 31.92 -9.20
N TYR B 11 18.38 32.34 -10.02
CA TYR B 11 17.02 32.73 -9.54
C TYR B 11 16.45 31.70 -8.55
N ALA B 12 17.03 30.53 -8.47
CA ALA B 12 16.46 29.49 -7.59
C ALA B 12 17.40 28.30 -7.55
N VAL B 13 17.95 27.98 -8.68
CA VAL B 13 18.89 26.83 -8.81
C VAL B 13 18.07 25.56 -9.10
N ARG B 14 16.78 25.63 -8.90
CA ARG B 14 15.89 24.47 -9.16
C ARG B 14 16.61 23.15 -8.84
N GLU B 15 17.12 23.04 -7.63
CA GLU B 15 17.83 21.80 -7.25
C GLU B 15 17.79 21.66 -5.72
N GLU B 16 16.64 21.79 -5.14
CA GLU B 16 16.53 21.67 -3.65
C GLU B 16 16.05 20.27 -3.27
N VAL B 17 15.75 20.06 -2.02
CA VAL B 17 15.29 18.72 -1.58
C VAL B 17 13.78 18.59 -1.84
N GLU B 18 13.20 19.54 -2.51
CA GLU B 18 11.74 19.46 -2.80
C GLU B 18 11.52 18.44 -3.92
N ILE B 19 12.47 18.29 -4.79
CA ILE B 19 12.31 17.30 -5.90
C ILE B 19 12.44 15.88 -5.34
N LEU B 20 13.25 15.69 -4.34
CA LEU B 20 13.41 14.33 -3.77
C LEU B 20 12.32 14.08 -2.72
N LYS B 21 11.86 15.12 -2.07
CA LYS B 21 10.79 14.94 -1.05
C LYS B 21 9.47 14.73 -1.77
N GLU B 22 9.29 15.36 -2.89
CA GLU B 22 8.03 15.19 -3.66
C GLU B 22 8.08 13.85 -4.38
N GLN B 23 9.26 13.40 -4.72
CA GLN B 23 9.39 12.09 -5.42
C GLN B 23 9.16 10.97 -4.40
N ILE B 24 9.67 11.13 -3.21
CA ILE B 24 9.48 10.08 -2.18
C ILE B 24 8.07 10.19 -1.62
N ARG B 25 7.50 11.37 -1.61
CA ARG B 25 6.11 11.53 -1.09
C ARG B 25 5.13 11.02 -2.15
N GLU B 26 5.47 11.20 -3.40
CA GLU B 26 4.58 10.72 -4.48
C GLU B 26 4.75 9.21 -4.64
N LEU B 27 5.93 8.71 -4.35
CA LEU B 27 6.17 7.24 -4.46
C LEU B 27 5.59 6.58 -3.21
N VAL B 28 5.59 7.29 -2.11
CA VAL B 28 5.03 6.71 -0.85
C VAL B 28 3.52 6.90 -0.89
N GLU B 29 3.06 7.89 -1.62
CA GLU B 29 1.60 8.12 -1.73
C GLU B 29 1.03 7.09 -2.71
N LYS B 30 1.74 6.81 -3.77
CA LYS B 30 1.27 5.80 -4.75
C LYS B 30 1.45 4.42 -4.13
N ASN B 31 2.48 4.24 -3.36
CA ASN B 31 2.73 2.93 -2.70
C ASN B 31 1.67 2.75 -1.61
N SER B 32 1.27 3.82 -1.00
CA SER B 32 0.24 3.74 0.06
C SER B 32 -1.10 3.44 -0.60
N GLN B 33 -1.33 4.00 -1.76
CA GLN B 33 -2.61 3.74 -2.46
C GLN B 33 -2.61 2.27 -2.90
N LEU B 34 -1.47 1.76 -3.26
CA LEU B 34 -1.38 0.34 -3.68
C LEU B 34 -1.34 -0.54 -2.43
N GLU B 35 -1.00 0.04 -1.31
CA GLU B 35 -0.93 -0.74 -0.04
C GLU B 35 -2.35 -0.96 0.50
N ARG B 36 -3.17 0.06 0.47
CA ARG B 36 -4.56 -0.08 0.98
C ARG B 36 -5.39 -0.81 -0.07
N GLU B 37 -5.05 -0.65 -1.32
CA GLU B 37 -5.83 -1.34 -2.39
C GLU B 37 -5.34 -2.79 -2.50
N ASN B 38 -4.09 -3.01 -2.23
CA ASN B 38 -3.53 -4.39 -2.30
C ASN B 38 -3.96 -5.18 -1.06
N THR B 39 -4.03 -4.54 0.07
CA THR B 39 -4.45 -5.26 1.30
C THR B 39 -5.96 -5.47 1.24
N LEU B 40 -6.67 -4.60 0.58
CA LEU B 40 -8.15 -4.77 0.47
C LEU B 40 -8.44 -5.89 -0.53
N LEU B 41 -7.73 -5.92 -1.62
CA LEU B 41 -7.96 -6.98 -2.63
C LEU B 41 -7.34 -8.29 -2.13
N LYS B 42 -6.35 -8.20 -1.28
CA LYS B 42 -5.71 -9.43 -0.76
C LYS B 42 -6.56 -9.99 0.38
N THR B 43 -7.24 -9.14 1.10
CA THR B 43 -8.09 -9.62 2.22
C THR B 43 -9.45 -10.05 1.66
N LEU B 44 -9.90 -9.44 0.59
CA LEU B 44 -11.21 -9.84 0.01
C LEU B 44 -11.00 -11.10 -0.82
N ALA B 45 -9.97 -11.12 -1.63
CA ALA B 45 -9.70 -12.33 -2.44
C ALA B 45 -9.20 -13.44 -1.53
N SER B 46 -8.42 -13.09 -0.54
CA SER B 46 -7.90 -14.11 0.41
C SER B 46 -8.18 -13.66 1.84
N PRO B 47 -9.14 -14.30 2.48
CA PRO B 47 -9.52 -13.98 3.86
C PRO B 47 -8.45 -14.47 4.84
N GLU B 48 -7.55 -15.29 4.36
CA GLU B 48 -6.45 -15.80 5.24
C GLU B 48 -7.01 -16.44 6.51
N GLN B 49 -6.21 -17.23 7.18
CA GLN B 49 -6.65 -17.89 8.42
C GLN B 49 -5.42 -18.59 8.95
N LEU B 50 -4.32 -17.91 8.81
CA LEU B 50 -3.01 -18.43 9.22
C LEU B 50 -2.18 -17.20 9.56
N GLU B 51 -0.92 -17.35 9.85
CA GLU B 51 -0.14 -16.15 10.27
C GLU B 51 -1.00 -15.41 11.31
N LYS B 52 -1.92 -16.15 11.91
CA LYS B 52 -2.89 -15.62 12.88
C LYS B 52 -3.12 -16.70 13.93
N PHE B 53 -2.20 -16.89 14.83
CA PHE B 53 -2.33 -18.02 15.80
C PHE B 53 -0.93 -18.39 16.33
N GLN B 54 -0.42 -19.54 15.92
CA GLN B 54 0.93 -20.00 16.34
C GLN B 54 1.86 -18.81 16.60
N SER B 55 2.12 -18.52 17.84
CA SER B 55 3.02 -17.37 18.15
C SER B 55 4.23 -17.39 17.21
N ARG B 56 4.57 -18.53 16.67
CA ARG B 56 5.76 -18.59 15.78
C ARG B 56 5.60 -17.60 14.61
N LEU B 57 4.47 -17.58 13.94
CA LEU B 57 4.29 -16.63 12.82
C LEU B 57 3.48 -15.43 13.31
N SER B 58 2.89 -14.71 12.42
CA SER B 58 2.08 -13.53 12.81
C SER B 58 3.00 -12.50 13.46
N PRO B 59 3.30 -11.45 12.74
CA PRO B 59 4.17 -10.36 13.22
C PRO B 59 3.41 -9.41 14.12
N GLU B 60 3.04 -9.93 15.23
CA GLU B 60 2.27 -9.15 16.24
C GLU B 60 1.46 -10.11 17.10
N GLU B 61 0.34 -10.56 16.59
CA GLU B 61 -0.51 -11.52 17.35
C GLU B 61 -1.03 -10.83 18.63
N PRO B 62 -2.23 -10.32 18.55
CA PRO B 62 -2.88 -9.65 19.69
C PRO B 62 -3.43 -10.68 20.67
N ALA B 63 -3.19 -10.50 21.94
CA ALA B 63 -3.70 -11.48 22.94
C ALA B 63 -3.30 -11.04 24.35
N PRO B 64 -4.28 -10.93 25.22
CA PRO B 64 -4.05 -10.51 26.61
C PRO B 64 -3.57 -11.71 27.44
N GLU B 65 -3.52 -11.57 28.73
CA GLU B 65 -3.06 -12.70 29.59
C GLU B 65 -4.24 -13.61 29.91
N THR B 66 -4.99 -14.00 28.91
CA THR B 66 -6.16 -14.89 29.14
C THR B 66 -6.08 -16.09 28.21
N PRO B 67 -6.55 -17.23 28.69
CA PRO B 67 -6.55 -18.48 27.92
C PRO B 67 -7.69 -18.48 26.91
N GLU B 68 -8.00 -19.64 26.37
CA GLU B 68 -9.10 -19.73 25.36
C GLU B 68 -8.61 -19.26 24.00
N ALA B 69 -8.38 -20.17 23.09
CA ALA B 69 -7.90 -19.78 21.74
C ALA B 69 -7.64 -21.05 20.91
N PRO B 70 -8.66 -21.51 20.25
CA PRO B 70 -8.59 -22.72 19.41
C PRO B 70 -7.93 -22.40 18.06
N GLU B 71 -6.64 -22.60 17.96
CA GLU B 71 -5.94 -22.32 16.68
C GLU B 71 -5.65 -23.64 15.96
N ALA B 72 -6.68 -24.36 15.59
CA ALA B 72 -6.46 -25.66 14.88
C ALA B 72 -5.48 -25.45 13.72
N PRO B 73 -4.68 -26.46 13.47
CA PRO B 73 -3.68 -26.42 12.39
C PRO B 73 -4.34 -26.71 11.04
N GLY B 74 -4.11 -25.86 10.07
CA GLY B 74 -4.73 -26.07 8.73
C GLY B 74 -4.01 -27.23 8.02
N GLY B 75 -4.62 -28.38 7.98
CA GLY B 75 -3.97 -29.53 7.30
C GLY B 75 -3.74 -29.19 5.82
N SER B 76 -3.44 -30.18 5.02
CA SER B 76 -3.20 -29.90 3.57
C SER B 76 -4.54 -29.76 2.86
N ALA B 77 -4.58 -29.03 1.77
CA ALA B 77 -5.85 -28.85 1.03
C ALA B 77 -5.58 -28.75 -0.47
N VAL B 78 -6.36 -29.39 -1.28
CA VAL B 78 -6.14 -29.34 -2.74
C VAL B 78 -7.27 -28.53 -3.40
C ACE A 1 33.02 20.16 -8.05
O ACE A 1 32.04 19.48 -7.90
CH3 ACE A 1 33.48 20.61 -9.44
H1 ACE A 1 34.55 20.52 -9.52
H2 ACE A 1 33.19 21.63 -9.61
H3 ACE A 1 33.01 19.97 -10.19
N MET A 2 33.73 20.55 -7.03
CA MET A 2 33.33 20.15 -5.66
C MET A 2 32.72 21.34 -4.92
N ASP A 3 31.42 21.32 -4.73
CA ASP A 3 30.75 22.45 -4.02
C ASP A 3 29.38 21.97 -3.53
N LEU A 4 28.51 21.60 -4.43
CA LEU A 4 27.17 21.12 -4.01
C LEU A 4 27.32 19.74 -3.36
N VAL A 5 27.93 18.82 -4.05
CA VAL A 5 28.14 17.47 -3.47
C VAL A 5 29.15 17.58 -2.32
N LYS A 6 30.16 18.38 -2.51
CA LYS A 6 31.20 18.56 -1.44
C LYS A 6 30.52 18.76 -0.09
N ASN A 7 29.31 19.23 -0.09
CA ASN A 7 28.60 19.47 1.18
C ASN A 7 28.44 18.17 1.97
N HIS A 8 27.46 17.41 1.60
CA HIS A 8 27.16 16.14 2.31
C HIS A 8 28.02 15.01 1.82
N LEU A 9 28.99 15.25 1.01
CA LEU A 9 29.78 14.11 0.51
C LEU A 9 30.49 13.44 1.69
N MET A 10 30.53 14.05 2.84
CA MET A 10 31.19 13.33 3.95
C MET A 10 30.28 12.16 4.30
N TYR A 11 29.04 12.33 3.99
CA TYR A 11 28.01 11.27 4.20
C TYR A 11 28.43 10.01 3.46
N ALA A 12 29.37 10.14 2.58
CA ALA A 12 29.69 8.99 1.72
C ALA A 12 30.91 9.25 0.84
N VAL A 13 30.94 10.39 0.21
CA VAL A 13 32.05 10.72 -0.74
C VAL A 13 31.83 9.90 -2.00
N ARG A 14 30.59 9.61 -2.29
CA ARG A 14 30.24 8.80 -3.47
C ARG A 14 29.71 9.71 -4.59
N GLU A 15 28.74 10.53 -4.29
CA GLU A 15 28.19 11.44 -5.36
C GLU A 15 26.96 12.20 -4.86
N GLU A 16 25.80 11.60 -4.92
CA GLU A 16 24.56 12.30 -4.47
C GLU A 16 23.89 11.54 -3.32
N VAL A 17 22.71 11.94 -2.93
CA VAL A 17 22.00 11.25 -1.83
C VAL A 17 21.82 9.77 -2.18
N GLU A 18 22.76 8.95 -1.80
CA GLU A 18 22.67 7.50 -2.13
C GLU A 18 21.49 6.85 -1.40
N ILE A 19 21.23 7.24 -0.18
CA ILE A 19 20.11 6.60 0.56
C ILE A 19 18.78 6.96 -0.11
N LEU A 20 18.52 8.22 -0.35
CA LEU A 20 17.23 8.60 -1.00
C LEU A 20 17.25 8.15 -2.47
N LYS A 21 18.42 7.93 -3.02
CA LYS A 21 18.47 7.47 -4.43
C LYS A 21 18.03 6.01 -4.48
N GLU A 22 18.48 5.23 -3.55
CA GLU A 22 18.08 3.80 -3.50
C GLU A 22 16.72 3.70 -2.82
N GLN A 23 16.31 4.74 -2.14
CA GLN A 23 14.98 4.70 -1.48
C GLN A 23 13.93 5.00 -2.54
N ILE A 24 14.24 5.88 -3.46
CA ILE A 24 13.28 6.19 -4.55
C ILE A 24 13.30 5.02 -5.54
N ARG A 25 14.43 4.39 -5.68
CA ARG A 25 14.52 3.23 -6.59
C ARG A 25 13.83 2.04 -5.93
N GLU A 26 13.89 1.97 -4.62
CA GLU A 26 13.23 0.86 -3.89
C GLU A 26 11.75 1.21 -3.76
N LEU A 27 11.42 2.47 -3.85
CA LEU A 27 9.99 2.87 -3.76
C LEU A 27 9.35 2.60 -5.12
N VAL A 28 10.11 2.79 -6.16
CA VAL A 28 9.58 2.51 -7.52
C VAL A 28 9.62 1.00 -7.75
N GLU A 29 10.53 0.33 -7.12
CA GLU A 29 10.62 -1.14 -7.27
C GLU A 29 9.53 -1.77 -6.40
N LYS A 30 9.24 -1.16 -5.29
CA LYS A 30 8.18 -1.70 -4.39
C LYS A 30 6.82 -1.25 -4.95
N ASN A 31 6.82 -0.19 -5.69
CA ASN A 31 5.54 0.30 -6.29
C ASN A 31 5.21 -0.59 -7.48
N SER A 32 6.20 -0.93 -8.27
CA SER A 32 5.95 -1.80 -9.44
C SER A 32 5.73 -3.24 -8.95
N GLN A 33 6.36 -3.59 -7.86
CA GLN A 33 6.17 -4.96 -7.31
C GLN A 33 4.77 -5.06 -6.69
N LEU A 34 4.36 -4.02 -6.01
CA LEU A 34 3.00 -4.04 -5.39
C LEU A 34 1.97 -3.70 -6.46
N GLU A 35 2.41 -3.12 -7.55
CA GLU A 35 1.46 -2.79 -8.64
C GLU A 35 1.18 -4.08 -9.42
N ARG A 36 2.18 -4.91 -9.55
CA ARG A 36 1.99 -6.20 -10.27
C ARG A 36 1.31 -7.18 -9.31
N GLU A 37 1.59 -7.07 -8.04
CA GLU A 37 0.96 -7.98 -7.05
C GLU A 37 -0.49 -7.53 -6.86
N ASN A 38 -0.73 -6.25 -6.98
CA ASN A 38 -2.12 -5.74 -6.84
C ASN A 38 -2.87 -6.00 -8.15
N THR A 39 -2.17 -6.01 -9.24
CA THR A 39 -2.84 -6.28 -10.55
C THR A 39 -3.09 -7.78 -10.65
N LEU A 40 -2.26 -8.56 -10.00
CA LEU A 40 -2.42 -10.03 -10.05
C LEU A 40 -3.51 -10.44 -9.06
N LEU A 41 -3.59 -9.79 -7.93
CA LEU A 41 -4.63 -10.15 -6.93
C LEU A 41 -5.96 -9.49 -7.35
N LYS A 42 -5.88 -8.40 -8.06
CA LYS A 42 -7.13 -7.73 -8.52
C LYS A 42 -7.68 -8.50 -9.72
N THR A 43 -6.81 -9.10 -10.49
CA THR A 43 -7.28 -9.89 -11.66
C THR A 43 -7.72 -11.27 -11.17
N LEU A 44 -7.05 -11.82 -10.21
CA LEU A 44 -7.45 -13.15 -9.68
C LEU A 44 -8.81 -13.02 -8.99
N ALA A 45 -9.01 -11.94 -8.28
CA ALA A 45 -10.32 -11.75 -7.60
C ALA A 45 -11.22 -10.93 -8.54
N SER A 46 -10.88 -10.89 -9.80
CA SER A 46 -11.68 -10.12 -10.78
C SER A 46 -12.94 -10.89 -11.22
N PRO A 47 -12.85 -12.18 -11.41
CA PRO A 47 -14.01 -12.98 -11.85
C PRO A 47 -15.03 -13.14 -10.72
N GLU A 48 -15.80 -12.11 -10.46
CA GLU A 48 -16.83 -12.17 -9.38
C GLU A 48 -16.21 -12.76 -8.11
N GLN A 49 -15.91 -11.94 -7.14
CA GLN A 49 -15.29 -12.50 -5.90
C GLN A 49 -15.49 -11.56 -4.72
N LEU A 50 -15.94 -10.36 -4.92
CA LEU A 50 -16.12 -9.48 -3.76
C LEU A 50 -17.34 -8.59 -4.01
N GLU A 51 -17.43 -7.52 -3.30
CA GLU A 51 -18.62 -6.61 -3.48
C GLU A 51 -18.45 -5.74 -4.74
N LYS A 52 -17.50 -4.82 -4.82
CA LYS A 52 -17.43 -4.02 -6.08
C LYS A 52 -16.02 -3.62 -6.54
N PHE A 53 -15.29 -2.83 -5.80
CA PHE A 53 -13.88 -2.51 -6.20
C PHE A 53 -13.76 -2.26 -7.72
N GLN A 54 -13.10 -3.15 -8.43
CA GLN A 54 -12.89 -2.99 -9.90
C GLN A 54 -14.07 -2.26 -10.57
N SER A 55 -15.27 -2.45 -10.07
CA SER A 55 -16.46 -1.78 -10.65
C SER A 55 -17.05 -2.63 -11.79
N ARG A 56 -16.41 -3.72 -12.12
CA ARG A 56 -16.94 -4.59 -13.20
C ARG A 56 -18.15 -5.37 -12.66
N LEU A 57 -18.12 -5.68 -11.39
CA LEU A 57 -19.26 -6.41 -10.77
C LEU A 57 -20.31 -5.40 -10.31
N SER A 58 -20.00 -4.67 -9.27
CA SER A 58 -20.96 -3.67 -8.75
C SER A 58 -20.53 -2.28 -9.23
N PRO A 59 -21.36 -1.66 -10.02
CA PRO A 59 -21.07 -0.33 -10.57
C PRO A 59 -21.28 0.76 -9.53
N GLU A 60 -20.21 1.18 -8.93
CA GLU A 60 -20.27 2.26 -7.90
C GLU A 60 -19.04 2.16 -6.98
N GLU A 61 -17.93 2.70 -7.40
CA GLU A 61 -16.70 2.61 -6.54
C GLU A 61 -16.66 3.77 -5.54
N PRO A 62 -16.75 4.98 -6.04
CA PRO A 62 -16.69 6.19 -5.20
C PRO A 62 -18.05 6.45 -4.52
N ALA A 63 -18.05 7.23 -3.48
CA ALA A 63 -19.32 7.54 -2.76
C ALA A 63 -19.40 9.05 -2.52
N PRO A 64 -20.60 9.52 -2.28
CA PRO A 64 -20.85 10.95 -2.04
C PRO A 64 -20.51 11.32 -0.60
N GLU A 65 -19.59 12.23 -0.43
CA GLU A 65 -19.15 12.71 0.94
C GLU A 65 -19.79 11.87 2.05
N THR A 66 -19.47 10.61 2.12
CA THR A 66 -20.06 9.74 3.17
C THR A 66 -19.43 10.07 4.53
N PRO A 67 -20.22 9.94 5.57
CA PRO A 67 -19.78 10.22 6.95
C PRO A 67 -18.95 9.05 7.49
N GLU A 68 -18.64 9.07 8.76
CA GLU A 68 -17.83 7.96 9.34
C GLU A 68 -18.41 6.62 8.90
N ALA A 69 -17.69 5.54 9.12
CA ALA A 69 -18.19 4.19 8.70
C ALA A 69 -19.71 4.11 8.95
N PRO A 70 -20.46 4.33 7.90
CA PRO A 70 -21.94 4.28 7.97
C PRO A 70 -22.43 2.83 7.89
N GLU A 71 -23.70 2.65 7.70
CA GLU A 71 -24.27 1.27 7.61
C GLU A 71 -25.41 1.24 6.59
N ALA A 72 -25.99 0.09 6.38
CA ALA A 72 -27.11 0.01 5.40
C ALA A 72 -28.29 0.84 5.89
N PRO A 73 -29.02 1.42 4.96
CA PRO A 73 -30.18 2.26 5.27
C PRO A 73 -31.40 1.38 5.60
N GLY A 74 -32.40 1.96 6.21
CA GLY A 74 -33.62 1.17 6.54
C GLY A 74 -33.45 0.54 7.93
N GLY A 75 -33.46 1.36 8.96
CA GLY A 75 -33.30 0.81 10.34
C GLY A 75 -34.67 0.70 11.00
N SER A 76 -34.93 1.51 11.99
CA SER A 76 -36.24 1.46 12.68
C SER A 76 -36.99 2.77 12.46
N ALA A 77 -37.74 2.87 11.39
CA ALA A 77 -38.49 4.12 11.11
C ALA A 77 -39.99 3.81 11.07
N VAL A 78 -40.81 4.76 11.40
CA VAL A 78 -42.28 4.53 11.37
C VAL A 78 -42.94 5.47 10.36
C ACE B 1 16.15 30.11 -20.24
O ACE B 1 15.28 29.90 -19.43
CH3 ACE B 1 15.96 31.13 -21.37
H1 ACE B 1 16.62 31.97 -21.21
H2 ACE B 1 14.94 31.47 -21.39
H3 ACE B 1 16.20 30.67 -22.32
N MET B 2 17.29 29.48 -20.19
CA MET B 2 17.54 28.47 -19.12
C MET B 2 18.87 28.78 -18.43
N ASP B 3 19.00 29.96 -17.88
CA ASP B 3 20.27 30.31 -17.19
C ASP B 3 19.98 31.18 -15.96
N LEU B 4 18.82 31.01 -15.37
CA LEU B 4 18.49 31.83 -14.17
C LEU B 4 17.89 30.94 -13.07
N VAL B 5 17.23 29.88 -13.44
CA VAL B 5 16.63 28.98 -12.42
C VAL B 5 17.76 28.20 -11.75
N LYS B 6 18.84 28.02 -12.45
CA LYS B 6 20.00 27.27 -11.87
C LYS B 6 21.08 28.29 -11.46
N ASN B 7 20.66 29.40 -10.93
CA ASN B 7 21.65 30.45 -10.53
C ASN B 7 21.15 31.17 -9.29
N HIS B 8 19.97 31.70 -9.36
CA HIS B 8 19.41 32.42 -8.20
C HIS B 8 18.80 31.41 -7.24
N LEU B 9 19.47 30.33 -6.96
CA LEU B 9 18.91 29.34 -6.00
C LEU B 9 19.05 29.94 -4.62
N MET B 10 19.80 31.00 -4.51
CA MET B 10 19.90 31.65 -3.18
C MET B 10 18.58 32.42 -2.96
N TYR B 11 17.80 32.50 -4.01
CA TYR B 11 16.48 33.18 -3.95
C TYR B 11 15.44 32.16 -3.53
N ALA B 12 15.81 30.90 -3.56
CA ALA B 12 14.81 29.85 -3.26
C ALA B 12 15.44 28.46 -3.42
N VAL B 13 16.46 28.36 -4.22
CA VAL B 13 17.08 27.04 -4.48
C VAL B 13 15.95 26.04 -4.72
N ARG B 14 15.09 26.37 -5.63
CA ARG B 14 13.93 25.50 -5.96
C ARG B 14 14.36 24.39 -6.93
N GLU B 15 15.46 23.74 -6.66
CA GLU B 15 15.92 22.65 -7.57
C GLU B 15 16.40 21.45 -6.75
N GLU B 16 16.30 21.52 -5.44
CA GLU B 16 16.77 20.39 -4.60
C GLU B 16 15.93 20.34 -3.32
N VAL B 17 15.90 19.20 -2.66
CA VAL B 17 15.12 19.06 -1.40
C VAL B 17 13.65 18.77 -1.74
N GLU B 18 12.98 19.69 -2.37
CA GLU B 18 11.55 19.47 -2.72
C GLU B 18 11.44 18.43 -3.85
N ILE B 19 12.39 18.39 -4.73
CA ILE B 19 12.32 17.41 -5.85
C ILE B 19 12.52 16.00 -5.29
N LEU B 20 13.23 15.87 -4.21
CA LEU B 20 13.45 14.52 -3.62
C LEU B 20 12.30 14.17 -2.68
N LYS B 21 11.83 15.13 -1.93
CA LYS B 21 10.70 14.86 -1.00
C LYS B 21 9.39 14.74 -1.80
N GLU B 22 9.37 15.29 -2.98
CA GLU B 22 8.14 15.21 -3.81
C GLU B 22 8.11 13.85 -4.50
N GLN B 23 9.25 13.34 -4.89
CA GLN B 23 9.28 12.02 -5.55
C GLN B 23 9.16 10.93 -4.48
N ILE B 24 9.63 11.20 -3.30
CA ILE B 24 9.53 10.19 -2.21
C ILE B 24 8.11 10.24 -1.63
N ARG B 25 7.52 11.40 -1.57
CA ARG B 25 6.14 11.51 -1.05
C ARG B 25 5.16 11.03 -2.12
N GLU B 26 5.51 11.24 -3.36
CA GLU B 26 4.62 10.79 -4.47
C GLU B 26 4.78 9.28 -4.62
N LEU B 27 5.95 8.78 -4.36
CA LEU B 27 6.17 7.31 -4.48
C LEU B 27 5.61 6.63 -3.23
N VAL B 28 5.61 7.32 -2.12
CA VAL B 28 5.05 6.72 -0.88
C VAL B 28 3.55 6.92 -0.88
N GLU B 29 3.08 7.90 -1.63
CA GLU B 29 1.61 8.13 -1.71
C GLU B 29 1.03 7.12 -2.68
N LYS B 30 1.71 6.84 -3.76
CA LYS B 30 1.22 5.84 -4.73
C LYS B 30 1.43 4.45 -4.12
N ASN B 31 2.50 4.26 -3.41
CA ASN B 31 2.76 2.94 -2.77
C ASN B 31 1.73 2.75 -1.66
N SER B 32 1.39 3.82 -0.98
CA SER B 32 0.38 3.71 0.10
C SER B 32 -0.98 3.43 -0.55
N GLN B 33 -1.22 3.97 -1.71
CA GLN B 33 -2.51 3.72 -2.40
C GLN B 33 -2.50 2.28 -2.91
N LEU B 34 -1.34 1.77 -3.20
CA LEU B 34 -1.25 0.36 -3.69
C LEU B 34 -1.24 -0.58 -2.48
N GLU B 35 -0.92 -0.07 -1.33
CA GLU B 35 -0.91 -0.92 -0.11
C GLU B 35 -2.33 -0.97 0.46
N ARG B 36 -3.07 0.09 0.34
CA ARG B 36 -4.47 0.09 0.85
C ARG B 36 -5.35 -0.66 -0.15
N GLU B 37 -5.00 -0.62 -1.40
CA GLU B 37 -5.81 -1.33 -2.43
C GLU B 37 -5.33 -2.78 -2.52
N ASN B 38 -4.07 -3.01 -2.29
CA ASN B 38 -3.54 -4.40 -2.36
C ASN B 38 -4.00 -5.18 -1.13
N THR B 39 -3.93 -4.58 0.03
CA THR B 39 -4.37 -5.28 1.26
C THR B 39 -5.89 -5.46 1.20
N LEU B 40 -6.57 -4.58 0.53
CA LEU B 40 -8.06 -4.69 0.44
C LEU B 40 -8.42 -5.85 -0.50
N LEU B 41 -7.78 -5.93 -1.64
CA LEU B 41 -8.10 -7.03 -2.59
C LEU B 41 -7.40 -8.32 -2.12
N LYS B 42 -6.44 -8.20 -1.24
CA LYS B 42 -5.74 -9.42 -0.75
C LYS B 42 -6.56 -9.99 0.40
N THR B 43 -7.20 -9.15 1.15
CA THR B 43 -8.03 -9.65 2.29
C THR B 43 -9.38 -10.11 1.74
N LEU B 44 -9.89 -9.42 0.74
CA LEU B 44 -11.21 -9.83 0.16
C LEU B 44 -10.99 -11.05 -0.75
N ALA B 45 -9.94 -11.05 -1.51
CA ALA B 45 -9.68 -12.23 -2.40
C ALA B 45 -9.21 -13.39 -1.53
N SER B 46 -8.46 -13.10 -0.50
CA SER B 46 -7.97 -14.15 0.41
C SER B 46 -8.11 -13.66 1.85
N PRO B 47 -9.25 -13.93 2.43
CA PRO B 47 -9.55 -13.51 3.81
C PRO B 47 -8.81 -14.39 4.82
N GLU B 48 -8.24 -15.48 4.36
CA GLU B 48 -7.49 -16.36 5.31
C GLU B 48 -6.07 -15.83 5.50
N GLN B 49 -5.36 -16.38 6.45
CA GLN B 49 -3.97 -15.93 6.72
C GLN B 49 -3.50 -16.80 7.86
N LEU B 50 -4.31 -16.89 8.88
CA LEU B 50 -4.02 -17.76 10.02
C LEU B 50 -3.00 -17.14 10.98
N GLU B 51 -1.97 -16.50 10.49
CA GLU B 51 -1.00 -15.86 11.45
C GLU B 51 -1.83 -15.18 12.54
N LYS B 52 -3.02 -14.79 12.14
CA LYS B 52 -4.03 -14.19 13.04
C LYS B 52 -4.01 -14.83 14.44
N PHE B 53 -4.22 -16.14 14.53
CA PHE B 53 -4.27 -16.77 15.87
C PHE B 53 -3.21 -17.88 16.03
N GLN B 54 -3.60 -19.01 16.58
CA GLN B 54 -2.64 -20.11 16.81
C GLN B 54 -2.34 -20.89 15.52
N SER B 55 -3.25 -21.78 15.14
CA SER B 55 -3.03 -22.62 13.92
C SER B 55 -3.85 -23.90 14.05
N ARG B 56 -5.15 -23.81 14.00
CA ARG B 56 -6.00 -25.02 14.14
C ARG B 56 -7.43 -24.59 14.48
N LEU B 57 -7.91 -23.56 13.85
CA LEU B 57 -9.27 -23.06 14.15
C LEU B 57 -9.51 -21.81 13.31
N SER B 58 -10.48 -21.04 13.65
CA SER B 58 -10.76 -19.80 12.87
C SER B 58 -11.87 -19.03 13.59
N PRO B 59 -13.00 -19.65 13.73
CA PRO B 59 -14.14 -19.04 14.43
C PRO B 59 -13.88 -19.09 15.93
N GLU B 60 -14.92 -19.00 16.72
CA GLU B 60 -14.79 -19.05 18.22
C GLU B 60 -13.35 -19.25 18.68
N GLU B 61 -12.77 -18.26 19.31
CA GLU B 61 -11.36 -18.39 19.78
C GLU B 61 -11.12 -19.79 20.34
N PRO B 62 -11.96 -20.19 21.27
CA PRO B 62 -11.86 -21.52 21.91
C PRO B 62 -12.37 -22.62 20.97
N ALA B 63 -12.59 -23.80 21.51
CA ALA B 63 -13.08 -24.94 20.68
C ALA B 63 -11.89 -25.57 19.96
N PRO B 64 -11.19 -26.42 20.66
CA PRO B 64 -10.01 -27.12 20.12
C PRO B 64 -10.42 -28.29 19.23
N GLU B 65 -9.84 -28.40 18.07
CA GLU B 65 -10.20 -29.52 17.15
C GLU B 65 -11.72 -29.74 17.17
N THR B 66 -12.47 -28.73 16.81
CA THR B 66 -13.95 -28.88 16.82
C THR B 66 -14.50 -28.49 15.44
N PRO B 67 -15.69 -28.94 15.15
CA PRO B 67 -16.37 -28.66 13.87
C PRO B 67 -16.94 -27.23 13.88
N GLU B 68 -16.75 -26.50 12.83
CA GLU B 68 -17.28 -25.10 12.78
C GLU B 68 -16.92 -24.47 11.44
N ALA B 69 -17.87 -24.28 10.58
CA ALA B 69 -17.58 -23.66 9.27
C ALA B 69 -18.87 -23.19 8.62
N PRO B 70 -19.26 -21.98 8.93
CA PRO B 70 -20.49 -21.36 8.39
C PRO B 70 -20.26 -20.88 6.97
N GLU B 71 -20.74 -21.62 6.00
CA GLU B 71 -20.57 -21.22 4.57
C GLU B 71 -19.17 -20.66 4.34
N ALA B 72 -18.21 -21.08 5.13
CA ALA B 72 -16.82 -20.57 4.95
C ALA B 72 -16.19 -21.26 3.74
N PRO B 73 -16.18 -22.57 3.77
CA PRO B 73 -15.61 -23.38 2.68
C PRO B 73 -16.59 -23.43 1.51
N GLY B 74 -16.10 -23.51 0.30
CA GLY B 74 -17.02 -23.57 -0.87
C GLY B 74 -16.21 -23.80 -2.14
N GLY B 75 -16.82 -24.41 -3.12
CA GLY B 75 -16.09 -24.67 -4.40
C GLY B 75 -16.96 -24.21 -5.57
N SER B 76 -17.71 -23.17 -5.39
CA SER B 76 -18.59 -22.68 -6.49
C SER B 76 -19.27 -21.37 -6.06
N ALA B 77 -18.49 -20.34 -5.86
CA ALA B 77 -19.10 -19.04 -5.44
C ALA B 77 -19.79 -19.20 -4.09
N VAL B 78 -20.53 -18.21 -3.67
CA VAL B 78 -21.23 -18.31 -2.36
C VAL B 78 -22.62 -17.67 -2.47
C ACE A 1 27.53 3.01 2.22
O ACE A 1 26.49 3.19 1.61
CH3 ACE A 1 27.81 1.67 2.91
H1 ACE A 1 26.92 1.33 3.42
H2 ACE A 1 28.61 1.79 3.63
H3 ACE A 1 28.10 0.93 2.18
N MET A 2 28.45 3.93 2.31
CA MET A 2 28.23 5.25 1.66
C MET A 2 29.40 6.18 1.99
N ASP A 3 30.61 5.73 1.78
CA ASP A 3 31.79 6.58 2.08
C ASP A 3 32.51 6.94 0.78
N LEU A 4 32.61 6.01 -0.13
CA LEU A 4 33.28 6.30 -1.43
C LEU A 4 32.31 7.04 -2.35
N VAL A 5 31.04 6.96 -2.07
CA VAL A 5 30.05 7.66 -2.93
C VAL A 5 30.19 9.18 -2.73
N LYS A 6 30.33 9.61 -1.50
CA LYS A 6 30.48 11.06 -1.24
C LYS A 6 31.97 11.42 -1.22
N ASN A 7 32.74 10.85 -2.10
CA ASN A 7 34.20 11.14 -2.11
C ASN A 7 34.67 11.41 -3.54
N HIS A 8 34.28 10.58 -4.46
CA HIS A 8 34.71 10.75 -5.88
C HIS A 8 33.95 11.89 -6.55
N LEU A 9 33.19 12.66 -5.81
CA LEU A 9 32.40 13.80 -6.43
C LEU A 9 33.27 14.51 -7.46
N MET A 10 34.55 14.39 -7.36
CA MET A 10 35.41 15.00 -8.40
C MET A 10 35.51 14.00 -9.56
N TYR A 11 34.42 13.30 -9.78
CA TYR A 11 34.32 12.27 -10.85
C TYR A 11 32.98 12.45 -11.53
N ALA A 12 32.00 12.73 -10.73
CA ALA A 12 30.62 12.90 -11.22
C ALA A 12 29.93 14.02 -10.44
N VAL A 13 30.46 14.38 -9.31
CA VAL A 13 29.81 15.41 -8.47
C VAL A 13 28.32 15.07 -8.42
N ARG A 14 28.02 13.81 -8.56
CA ARG A 14 26.62 13.32 -8.54
C ARG A 14 25.78 14.08 -7.51
N GLU A 15 26.36 14.41 -6.39
CA GLU A 15 25.58 15.15 -5.35
C GLU A 15 24.21 14.47 -5.16
N GLU A 16 24.13 13.20 -5.46
CA GLU A 16 22.82 12.49 -5.29
C GLU A 16 22.86 11.66 -4.00
N VAL A 17 22.03 11.99 -3.04
CA VAL A 17 22.03 11.20 -1.79
C VAL A 17 21.86 9.72 -2.14
N GLU A 18 22.85 8.92 -1.86
CA GLU A 18 22.74 7.47 -2.20
C GLU A 18 21.55 6.85 -1.46
N ILE A 19 21.30 7.29 -0.26
CA ILE A 19 20.17 6.73 0.52
C ILE A 19 18.84 7.10 -0.14
N LEU A 20 18.64 8.36 -0.43
CA LEU A 20 17.35 8.77 -1.06
C LEU A 20 17.26 8.22 -2.48
N LYS A 21 18.38 7.96 -3.10
CA LYS A 21 18.35 7.41 -4.48
C LYS A 21 17.96 5.93 -4.41
N GLU A 22 18.44 5.24 -3.41
CA GLU A 22 18.09 3.81 -3.26
C GLU A 22 16.68 3.73 -2.65
N GLN A 23 16.26 4.78 -2.01
CA GLN A 23 14.90 4.78 -1.41
C GLN A 23 13.89 5.05 -2.52
N ILE A 24 14.24 5.89 -3.45
CA ILE A 24 13.31 6.17 -4.58
C ILE A 24 13.37 5.00 -5.55
N ARG A 25 14.50 4.36 -5.64
CA ARG A 25 14.64 3.19 -6.54
C ARG A 25 13.94 2.00 -5.88
N GLU A 26 13.96 1.96 -4.58
CA GLU A 26 13.28 0.84 -3.87
C GLU A 26 11.79 1.17 -3.75
N LEU A 27 11.46 2.43 -3.83
CA LEU A 27 10.03 2.82 -3.75
C LEU A 27 9.39 2.57 -5.11
N VAL A 28 10.12 2.80 -6.16
CA VAL A 28 9.57 2.56 -7.52
C VAL A 28 9.60 1.05 -7.80
N GLU A 29 10.54 0.34 -7.23
CA GLU A 29 10.60 -1.13 -7.46
C GLU A 29 9.57 -1.78 -6.53
N LYS A 30 9.33 -1.19 -5.40
CA LYS A 30 8.32 -1.75 -4.47
C LYS A 30 6.94 -1.33 -4.97
N ASN A 31 6.89 -0.25 -5.70
CA ASN A 31 5.60 0.22 -6.25
C ASN A 31 5.25 -0.64 -7.47
N SER A 32 6.25 -0.99 -8.25
CA SER A 32 5.99 -1.83 -9.45
C SER A 32 5.75 -3.26 -8.98
N GLN A 33 6.38 -3.65 -7.90
CA GLN A 33 6.17 -5.03 -7.39
C GLN A 33 4.79 -5.10 -6.73
N LEU A 34 4.39 -4.03 -6.07
CA LEU A 34 3.06 -4.02 -5.43
C LEU A 34 2.02 -3.68 -6.49
N GLU A 35 2.46 -3.12 -7.59
CA GLU A 35 1.51 -2.79 -8.68
C GLU A 35 1.22 -4.06 -9.46
N ARG A 36 2.20 -4.91 -9.58
CA ARG A 36 2.01 -6.20 -10.31
C ARG A 36 1.32 -7.17 -9.36
N GLU A 37 1.63 -7.08 -8.09
CA GLU A 37 0.97 -7.97 -7.09
C GLU A 37 -0.46 -7.49 -6.89
N ASN A 38 -0.66 -6.20 -7.03
CA ASN A 38 -2.02 -5.63 -6.86
C ASN A 38 -2.82 -5.93 -8.12
N THR A 39 -2.18 -5.93 -9.26
CA THR A 39 -2.90 -6.24 -10.52
C THR A 39 -3.13 -7.75 -10.58
N LEU A 40 -2.29 -8.50 -9.93
CA LEU A 40 -2.45 -9.97 -9.93
C LEU A 40 -3.54 -10.35 -8.93
N LEU A 41 -3.65 -9.60 -7.86
CA LEU A 41 -4.70 -9.88 -6.85
C LEU A 41 -6.06 -9.44 -7.40
N LYS A 42 -6.10 -8.29 -8.00
CA LYS A 42 -7.39 -7.80 -8.56
C LYS A 42 -7.76 -8.67 -9.77
N THR A 43 -6.79 -9.11 -10.50
CA THR A 43 -7.08 -9.98 -11.68
C THR A 43 -7.64 -11.32 -11.20
N LEU A 44 -7.01 -11.92 -10.24
CA LEU A 44 -7.50 -13.23 -9.72
C LEU A 44 -8.78 -13.02 -8.92
N ALA A 45 -9.00 -11.84 -8.43
CA ALA A 45 -10.24 -11.56 -7.64
C ALA A 45 -11.29 -10.93 -8.55
N SER A 46 -11.02 -10.84 -9.82
CA SER A 46 -12.01 -10.23 -10.75
C SER A 46 -13.14 -11.22 -11.06
N PRO A 47 -12.77 -12.41 -11.47
CA PRO A 47 -13.75 -13.47 -11.81
C PRO A 47 -14.33 -14.10 -10.55
N GLU A 48 -13.58 -14.97 -9.91
CA GLU A 48 -14.09 -15.63 -8.68
C GLU A 48 -15.40 -16.37 -8.98
N GLN A 49 -15.88 -17.14 -8.04
CA GLN A 49 -17.14 -17.89 -8.25
C GLN A 49 -17.87 -18.01 -6.91
N LEU A 50 -18.66 -17.02 -6.57
CA LEU A 50 -19.39 -17.06 -5.28
C LEU A 50 -20.87 -17.33 -5.54
N GLU A 51 -21.41 -16.78 -6.60
CA GLU A 51 -22.85 -16.95 -6.98
C GLU A 51 -23.33 -15.63 -7.60
N LYS A 52 -23.32 -14.54 -6.86
CA LYS A 52 -23.73 -13.23 -7.47
C LYS A 52 -23.38 -12.03 -6.58
N PHE A 53 -22.77 -10.99 -7.12
CA PHE A 53 -22.32 -9.87 -6.24
C PHE A 53 -21.57 -8.83 -7.07
N GLN A 54 -20.91 -9.29 -8.09
CA GLN A 54 -20.10 -8.37 -8.94
C GLN A 54 -20.89 -7.96 -10.18
N SER A 55 -20.22 -7.71 -11.27
CA SER A 55 -20.96 -7.28 -12.49
C SER A 55 -21.03 -8.38 -13.55
N ARG A 56 -21.05 -9.63 -13.16
CA ARG A 56 -21.15 -10.71 -14.18
C ARG A 56 -22.30 -11.65 -13.85
N LEU A 57 -22.30 -12.23 -12.68
CA LEU A 57 -23.42 -13.14 -12.31
C LEU A 57 -24.67 -12.31 -12.09
N SER A 58 -24.55 -11.30 -11.29
CA SER A 58 -25.73 -10.42 -11.00
C SER A 58 -25.28 -8.96 -11.15
N PRO A 59 -26.22 -8.12 -11.53
CA PRO A 59 -25.95 -6.69 -11.73
C PRO A 59 -25.86 -5.96 -10.39
N GLU A 60 -24.69 -5.46 -10.08
CA GLU A 60 -24.48 -4.73 -8.80
C GLU A 60 -25.08 -5.53 -7.64
N GLU A 61 -24.97 -5.02 -6.45
CA GLU A 61 -25.53 -5.73 -5.26
C GLU A 61 -24.84 -5.22 -3.98
N PRO A 62 -23.52 -5.14 -4.00
CA PRO A 62 -22.76 -4.66 -2.83
C PRO A 62 -22.81 -3.13 -2.73
N ALA A 63 -22.10 -2.57 -1.80
CA ALA A 63 -22.11 -1.08 -1.65
C ALA A 63 -22.02 -0.41 -3.02
N PRO A 64 -22.67 0.71 -3.15
CA PRO A 64 -22.68 1.50 -4.39
C PRO A 64 -21.39 2.31 -4.53
N GLU A 65 -21.35 3.21 -5.48
CA GLU A 65 -20.12 4.03 -5.65
C GLU A 65 -20.06 5.11 -4.57
N THR A 66 -19.63 4.75 -3.39
CA THR A 66 -19.56 5.76 -2.29
C THR A 66 -18.20 6.47 -2.34
N PRO A 67 -18.21 7.73 -1.98
CA PRO A 67 -17.00 8.56 -1.97
C PRO A 67 -16.16 8.27 -0.71
N GLU A 68 -15.16 9.06 -0.45
CA GLU A 68 -14.32 8.84 0.75
C GLU A 68 -14.82 9.72 1.89
N ALA A 69 -14.87 9.19 3.08
CA ALA A 69 -15.34 10.00 4.23
C ALA A 69 -14.22 10.94 4.71
N PRO A 70 -14.56 11.79 5.65
CA PRO A 70 -13.61 12.76 6.21
C PRO A 70 -12.67 12.07 7.21
N GLU A 71 -11.44 11.87 6.83
CA GLU A 71 -10.47 11.19 7.75
C GLU A 71 -9.60 12.25 8.44
N ALA A 72 -8.66 11.82 9.23
CA ALA A 72 -7.77 12.80 9.92
C ALA A 72 -8.62 13.75 10.77
N PRO A 73 -9.02 13.28 11.92
CA PRO A 73 -9.83 14.07 12.86
C PRO A 73 -8.97 15.07 13.62
N GLY A 74 -9.51 16.21 13.95
CA GLY A 74 -8.69 17.23 14.69
C GLY A 74 -9.62 18.16 15.47
N GLY A 75 -10.30 17.64 16.45
CA GLY A 75 -11.23 18.50 17.26
C GLY A 75 -10.51 18.98 18.52
N SER A 76 -9.26 19.36 18.39
CA SER A 76 -8.50 19.84 19.57
C SER A 76 -7.40 20.79 19.11
N ALA A 77 -7.25 21.91 19.77
CA ALA A 77 -6.18 22.87 19.36
C ALA A 77 -4.88 22.51 20.07
N VAL A 78 -4.05 21.70 19.45
CA VAL A 78 -2.76 21.32 20.09
C VAL A 78 -1.60 21.75 19.19
C ACE B 1 16.99 10.43 -14.82
O ACE B 1 16.46 11.33 -15.46
CH3 ACE B 1 16.77 8.96 -15.20
H1 ACE B 1 16.25 8.45 -14.41
H2 ACE B 1 17.73 8.50 -15.37
H3 ACE B 1 16.19 8.91 -16.11
N MET B 2 17.75 10.68 -13.79
CA MET B 2 18.00 12.09 -13.38
C MET B 2 19.44 12.46 -13.70
N ASP B 3 19.73 12.69 -14.95
CA ASP B 3 21.13 13.06 -15.34
C ASP B 3 21.11 14.38 -16.11
N LEU B 4 20.06 15.14 -15.98
CA LEU B 4 19.98 16.44 -16.71
C LEU B 4 19.61 17.54 -15.73
N VAL B 5 18.43 17.49 -15.19
CA VAL B 5 18.02 18.55 -14.22
C VAL B 5 19.10 18.67 -13.14
N LYS B 6 19.82 17.60 -12.92
CA LYS B 6 20.91 17.64 -11.89
C LYS B 6 22.26 17.83 -12.58
N ASN B 7 22.31 18.65 -13.59
CA ASN B 7 23.59 18.87 -14.32
C ASN B 7 23.72 20.34 -14.69
N HIS B 8 22.66 20.93 -15.18
CA HIS B 8 22.71 22.36 -15.58
C HIS B 8 22.59 23.26 -14.35
N LEU B 9 22.74 22.72 -13.17
CA LEU B 9 22.64 23.54 -11.92
C LEU B 9 23.40 24.85 -12.12
N MET B 10 24.26 24.90 -13.07
CA MET B 10 24.95 26.18 -13.35
C MET B 10 24.01 27.00 -14.25
N TYR B 11 22.72 26.82 -14.07
CA TYR B 11 21.68 27.52 -14.86
C TYR B 11 20.60 27.97 -13.89
N ALA B 12 20.25 27.08 -13.01
CA ALA B 12 19.20 27.34 -12.00
C ALA B 12 19.68 26.82 -10.65
N VAL B 13 20.74 26.07 -10.64
CA VAL B 13 21.25 25.48 -9.38
C VAL B 13 20.06 24.93 -8.60
N ARG B 14 19.08 24.42 -9.31
CA ARG B 14 17.87 23.87 -8.67
C ARG B 14 18.26 22.74 -7.71
N GLU B 15 18.22 21.51 -8.16
CA GLU B 15 18.59 20.36 -7.27
C GLU B 15 18.08 20.60 -5.85
N GLU B 16 16.92 21.17 -5.71
CA GLU B 16 16.37 21.44 -4.35
C GLU B 16 15.88 20.13 -3.71
N VAL B 17 15.86 20.07 -2.40
CA VAL B 17 15.40 18.83 -1.71
C VAL B 17 13.89 18.68 -1.90
N GLU B 18 13.25 19.64 -2.52
CA GLU B 18 11.78 19.53 -2.74
C GLU B 18 11.52 18.48 -3.81
N ILE B 19 12.38 18.38 -4.79
CA ILE B 19 12.18 17.37 -5.86
C ILE B 19 12.43 15.98 -5.30
N LEU B 20 13.17 15.88 -4.24
CA LEU B 20 13.45 14.55 -3.65
C LEU B 20 12.33 14.19 -2.67
N LYS B 21 11.84 15.15 -1.94
CA LYS B 21 10.74 14.87 -0.98
C LYS B 21 9.44 14.69 -1.75
N GLU B 22 9.33 15.30 -2.91
CA GLU B 22 8.09 15.14 -3.72
C GLU B 22 8.16 13.80 -4.44
N GLN B 23 9.33 13.35 -4.77
CA GLN B 23 9.46 12.04 -5.46
C GLN B 23 9.19 10.94 -4.44
N ILE B 24 9.69 11.10 -3.24
CA ILE B 24 9.45 10.06 -2.19
C ILE B 24 8.04 10.22 -1.64
N ARG B 25 7.50 11.40 -1.70
CA ARG B 25 6.11 11.62 -1.20
C ARG B 25 5.13 11.06 -2.21
N GLU B 26 5.42 11.20 -3.47
CA GLU B 26 4.51 10.67 -4.51
C GLU B 26 4.73 9.16 -4.63
N LEU B 27 5.92 8.71 -4.35
CA LEU B 27 6.21 7.25 -4.42
C LEU B 27 5.63 6.58 -3.17
N VAL B 28 5.58 7.29 -2.08
CA VAL B 28 5.02 6.72 -0.83
C VAL B 28 3.50 6.84 -0.88
N GLU B 29 3.01 7.86 -1.53
CA GLU B 29 1.54 8.03 -1.65
C GLU B 29 1.03 7.04 -2.69
N LYS B 30 1.84 6.78 -3.68
CA LYS B 30 1.43 5.80 -4.72
C LYS B 30 1.53 4.40 -4.13
N ASN B 31 2.56 4.16 -3.36
CA ASN B 31 2.71 2.84 -2.72
C ASN B 31 1.68 2.75 -1.59
N SER B 32 1.26 3.89 -1.10
CA SER B 32 0.26 3.90 0.00
C SER B 32 -1.09 3.46 -0.57
N GLN B 33 -1.52 4.05 -1.65
CA GLN B 33 -2.82 3.64 -2.24
C GLN B 33 -2.67 2.21 -2.78
N LEU B 34 -1.47 1.83 -3.12
CA LEU B 34 -1.25 0.45 -3.62
C LEU B 34 -1.27 -0.51 -2.44
N GLU B 35 -0.93 -0.03 -1.27
CA GLU B 35 -0.94 -0.91 -0.08
C GLU B 35 -2.36 -1.02 0.46
N ARG B 36 -3.13 0.03 0.35
CA ARG B 36 -4.53 -0.02 0.85
C ARG B 36 -5.39 -0.76 -0.18
N GLU B 37 -5.04 -0.68 -1.43
CA GLU B 37 -5.83 -1.39 -2.46
C GLU B 37 -5.36 -2.84 -2.53
N ASN B 38 -4.10 -3.07 -2.32
CA ASN B 38 -3.57 -4.46 -2.37
C ASN B 38 -3.95 -5.19 -1.07
N THR B 39 -4.07 -4.47 0.00
CA THR B 39 -4.45 -5.11 1.28
C THR B 39 -5.95 -5.42 1.26
N LEU B 40 -6.73 -4.54 0.68
CA LEU B 40 -8.20 -4.80 0.62
C LEU B 40 -8.47 -5.87 -0.43
N LEU B 41 -7.69 -5.90 -1.47
CA LEU B 41 -7.90 -6.93 -2.53
C LEU B 41 -7.30 -8.25 -2.07
N LYS B 42 -6.31 -8.20 -1.23
CA LYS B 42 -5.68 -9.46 -0.73
C LYS B 42 -6.54 -10.03 0.38
N THR B 43 -7.20 -9.19 1.12
CA THR B 43 -8.07 -9.69 2.23
C THR B 43 -9.42 -10.09 1.64
N LEU B 44 -9.86 -9.42 0.62
CA LEU B 44 -11.17 -9.76 -0.02
C LEU B 44 -11.00 -11.05 -0.82
N ALA B 45 -9.94 -11.13 -1.59
CA ALA B 45 -9.71 -12.37 -2.40
C ALA B 45 -9.17 -13.48 -1.50
N SER B 46 -8.41 -13.11 -0.51
CA SER B 46 -7.84 -14.14 0.42
C SER B 46 -8.08 -13.69 1.87
N PRO B 47 -9.31 -13.80 2.29
CA PRO B 47 -9.72 -13.41 3.66
C PRO B 47 -9.37 -14.50 4.67
N GLU B 48 -9.94 -15.67 4.52
CA GLU B 48 -9.65 -16.77 5.48
C GLU B 48 -8.30 -17.41 5.16
N GLN B 49 -7.23 -16.76 5.53
CA GLN B 49 -5.89 -17.32 5.26
C GLN B 49 -4.89 -16.27 5.70
N LEU B 50 -5.16 -15.67 6.83
CA LEU B 50 -4.28 -14.59 7.31
C LEU B 50 -4.30 -14.55 8.83
N GLU B 51 -5.47 -14.65 9.44
CA GLU B 51 -5.55 -14.61 10.93
C GLU B 51 -4.36 -15.40 11.48
N LYS B 52 -3.95 -16.37 10.71
CA LYS B 52 -2.75 -17.20 11.03
C LYS B 52 -1.78 -16.43 11.93
N PHE B 53 -1.43 -15.24 11.53
CA PHE B 53 -0.47 -14.44 12.32
C PHE B 53 -1.07 -13.08 12.70
N GLN B 54 -0.34 -12.02 12.48
CA GLN B 54 -0.85 -10.69 12.83
C GLN B 54 -1.74 -10.15 11.68
N SER B 55 -1.17 -9.68 10.60
CA SER B 55 -1.99 -9.15 9.47
C SER B 55 -1.19 -8.13 8.64
N ARG B 56 -0.33 -8.61 7.76
CA ARG B 56 0.47 -7.69 6.88
C ARG B 56 1.85 -8.29 6.65
N LEU B 57 1.94 -9.56 6.35
CA LEU B 57 3.25 -10.18 6.13
C LEU B 57 3.06 -11.66 5.85
N SER B 58 4.12 -12.35 5.64
CA SER B 58 4.05 -13.82 5.37
C SER B 58 5.45 -14.32 4.97
N PRO B 59 6.01 -13.73 3.96
CA PRO B 59 7.35 -14.10 3.46
C PRO B 59 8.45 -13.48 4.33
N GLU B 60 9.37 -14.29 4.78
CA GLU B 60 10.51 -13.77 5.60
C GLU B 60 10.10 -13.57 7.06
N GLU B 61 8.90 -13.89 7.42
CA GLU B 61 8.49 -13.70 8.84
C GLU B 61 7.40 -14.72 9.22
N PRO B 62 7.82 -15.81 9.83
CA PRO B 62 6.90 -16.88 10.26
C PRO B 62 6.19 -16.48 11.56
N ALA B 63 5.51 -17.41 12.18
CA ALA B 63 4.79 -17.09 13.44
C ALA B 63 5.36 -17.93 14.58
N PRO B 64 6.35 -17.39 15.24
CA PRO B 64 7.02 -18.06 16.36
C PRO B 64 6.20 -17.92 17.65
N GLU B 65 5.94 -19.00 18.31
CA GLU B 65 5.15 -18.95 19.58
C GLU B 65 4.00 -17.95 19.43
N THR B 66 3.00 -18.27 18.64
CA THR B 66 1.86 -17.34 18.45
C THR B 66 0.56 -18.08 18.78
N PRO B 67 -0.45 -17.32 19.12
CA PRO B 67 -1.78 -17.87 19.46
C PRO B 67 -2.54 -18.25 18.20
N GLU B 68 -3.60 -18.99 18.34
CA GLU B 68 -4.39 -19.40 17.14
C GLU B 68 -5.74 -18.67 17.15
N ALA B 69 -6.62 -19.01 16.23
CA ALA B 69 -7.94 -18.34 16.19
C ALA B 69 -8.96 -19.19 16.95
N PRO B 70 -9.68 -18.58 17.86
CA PRO B 70 -10.70 -19.28 18.68
C PRO B 70 -11.98 -19.47 17.88
N GLU B 71 -12.05 -20.51 17.08
CA GLU B 71 -13.28 -20.76 16.29
C GLU B 71 -14.49 -20.81 17.22
N ALA B 72 -15.65 -21.10 16.71
CA ALA B 72 -16.85 -21.18 17.57
C ALA B 72 -17.49 -22.57 17.46
N PRO B 73 -17.92 -23.10 18.58
CA PRO B 73 -18.55 -24.43 18.63
C PRO B 73 -20.01 -24.35 18.19
N GLY B 74 -20.35 -24.97 17.09
CA GLY B 74 -21.76 -24.92 16.60
C GLY B 74 -22.12 -26.26 15.95
N GLY B 75 -22.42 -26.24 14.69
CA GLY B 75 -22.78 -27.52 13.99
C GLY B 75 -21.96 -27.65 12.71
N SER B 76 -22.53 -28.19 11.68
CA SER B 76 -21.79 -28.35 10.40
C SER B 76 -21.76 -27.01 9.65
N ALA B 77 -20.91 -26.12 10.05
CA ALA B 77 -20.83 -24.79 9.37
C ALA B 77 -19.54 -24.08 9.76
N VAL B 78 -18.42 -24.57 9.31
CA VAL B 78 -17.12 -23.92 9.66
C VAL B 78 -15.99 -24.58 8.90
#